data_3K8X
#
_entry.id   3K8X
#
_cell.length_a   247.303
_cell.length_b   124.797
_cell.length_c   145.369
_cell.angle_alpha   90.000
_cell.angle_beta   94.320
_cell.angle_gamma   90.000
#
_symmetry.space_group_name_H-M   'C 1 2 1'
#
loop_
_entity.id
_entity.type
_entity.pdbx_description
1 polymer 'Acetyl-CoA carboxylase'
2 non-polymer (5S)-2-[(1E)-N-{[(2E)-3-chloroprop-2-en-1-yl]oxy}propanimidoyl]-3-hydroxy-5-(tetrahydro-2H-pyran-4-yl)cyclohex-2-en-1-one
3 water water
#
_entity_poly.entity_id   1
_entity_poly.type   'polypeptide(L)'
_entity_poly.pdbx_seq_one_letter_code
;GSMHLRPIATPYPVKEWLQPKRYKAHLMGTTYVYDFPELFRQASSSQWKNFSADVKLTDDFFISNELIEDENGELTEVER
EPGANAIGMVAFKITVKTPEYPRGRQFVVVANDITFKIGSFGPQEDEFFNKVTEYARKRGIPRIYLAANSGARIGMAEEI
VPLFQVAWNDAANPDKGFQYLYLTSEGMETLKKFDKENSVLTERTVINGEERFVIKTIIGSEDGLGVECLRGSGLIAGAT
SRAYHDIFTITLVTCRSVGIGAYLVRLGQRAIQVEGQPIILTGAPAINKMLGREVYTSNLQLGGTQIMYNNGVSHLTAVD
DLAGVEKIVEWMSYVPAKRNMPVPILETKDTWDRPVDFTPTNDETYDVRWMIEGRETESGFEYGLFDKGSFFETLSGWAK
GVVVGRARLGGIPLGVIGVETRTVENLIPADPANPNSAETLIQEPGQVWHPNSAFKTAQAINDFNNGEQLPMMILANWRG
FSGGQRDMFNEVLKYGSFIVDALVDYKQPIIIYIPPTGELRGGSWVVVDPTINADQMEMYADVNARAGVLEPQGMVGIKF
RREKLLDTMNRLDDKYRELRSQLSNKSLAPEVHQQISKQLADRERELLPIYGQISLQFADLHDRSSRMVAKGVISKELEW
TEARRFFFWRLRRRLNEEYLIKRLSHQVGEASRLEKIARIRSWYPASVDHEDDRQVATWIEENYKTLDDKLKGLKLESFA
QDLAKKIRSDHDNAIDGLSEVIKMLSTDDKEKLLKTLK
;
_entity_poly.pdbx_strand_id   A,B,C
#
loop_
_chem_comp.id
_chem_comp.type
_chem_comp.name
_chem_comp.formula
B89 non-polymer (5S)-2-[(1E)-N-{[(2E)-3-chloroprop-2-en-1-yl]oxy}propanimidoyl]-3-hydroxy-5-(tetrahydro-2H-pyran-4-yl)cyclohex-2-en-1-one 'C17 H24 Cl N O4'
#
# COMPACT_ATOMS: atom_id res chain seq x y z
N LEU A 5 69.09 48.68 -11.17
CA LEU A 5 68.92 47.29 -10.62
C LEU A 5 67.70 47.22 -9.68
N ARG A 6 67.76 46.36 -8.66
CA ARG A 6 66.61 46.01 -7.78
C ARG A 6 66.71 46.52 -6.32
N PRO A 7 65.62 46.36 -5.48
CA PRO A 7 65.61 46.27 -3.96
C PRO A 7 66.17 44.93 -3.36
N ILE A 8 67.30 45.02 -2.65
CA ILE A 8 68.36 43.97 -2.77
C ILE A 8 68.35 42.65 -1.99
N ALA A 9 67.77 42.57 -0.82
CA ALA A 9 68.06 41.32 -0.09
C ALA A 9 66.80 40.63 0.39
N THR A 10 65.89 40.40 -0.55
CA THR A 10 64.58 39.82 -0.22
C THR A 10 64.71 38.32 -0.17
N PRO A 11 63.89 37.66 0.66
CA PRO A 11 63.99 36.19 0.78
C PRO A 11 63.60 35.44 -0.48
N TYR A 12 62.72 36.02 -1.28
CA TYR A 12 62.33 35.42 -2.54
C TYR A 12 62.48 36.42 -3.69
N PRO A 13 62.40 35.96 -4.95
CA PRO A 13 62.61 36.93 -6.05
C PRO A 13 61.66 38.16 -6.06
N VAL A 14 62.21 39.29 -6.49
CA VAL A 14 61.43 40.50 -6.61
C VAL A 14 60.66 40.46 -7.94
N LYS A 15 59.39 40.08 -7.87
CA LYS A 15 58.47 40.04 -9.02
C LYS A 15 58.46 41.33 -9.84
N GLU A 16 58.44 42.47 -9.16
CA GLU A 16 58.40 43.77 -9.82
C GLU A 16 59.71 44.11 -10.55
N TRP A 17 60.77 43.31 -10.31
CA TRP A 17 62.03 43.52 -11.01
C TRP A 17 62.18 42.52 -12.15
N LEU A 18 61.78 41.28 -11.90
CA LEU A 18 61.77 40.24 -12.93
C LEU A 18 60.88 40.64 -14.11
N GLN A 19 59.80 41.40 -13.83
CA GLN A 19 58.85 41.91 -14.80
C GLN A 19 58.48 43.34 -14.42
N PRO A 20 59.22 44.32 -14.96
CA PRO A 20 59.00 45.73 -14.60
C PRO A 20 57.59 46.26 -14.96
N LYS A 21 56.89 45.60 -15.87
CA LYS A 21 55.48 45.97 -16.15
C LYS A 21 54.57 45.81 -14.95
N ARG A 22 54.82 44.77 -14.14
CA ARG A 22 54.11 44.57 -12.86
C ARG A 22 54.24 45.82 -11.98
N TYR A 23 55.44 46.39 -11.91
CA TYR A 23 55.64 47.58 -11.08
C TYR A 23 54.95 48.78 -11.71
N LYS A 24 54.99 48.88 -13.02
CA LYS A 24 54.27 49.93 -13.75
C LYS A 24 52.77 49.91 -13.43
N ALA A 25 52.15 48.72 -13.43
CA ALA A 25 50.75 48.61 -13.03
C ALA A 25 50.51 49.10 -11.60
N HIS A 26 51.38 48.64 -10.69
CA HIS A 26 51.26 49.07 -9.28
C HIS A 26 51.38 50.57 -9.16
N LEU A 27 52.30 51.18 -9.90
CA LEU A 27 52.39 52.64 -9.82
C LEU A 27 51.10 53.31 -10.25
N MET A 28 50.37 52.69 -11.17
CA MET A 28 49.06 53.25 -11.58
C MET A 28 47.86 52.88 -10.72
N GLY A 29 48.13 52.19 -9.60
CA GLY A 29 47.13 51.94 -8.58
C GLY A 29 46.25 50.74 -8.89
N THR A 30 46.81 49.76 -9.58
CA THR A 30 46.03 48.59 -9.97
C THR A 30 46.91 47.37 -9.96
N THR A 31 46.26 46.21 -9.91
CA THR A 31 46.88 44.91 -10.04
C THR A 31 47.40 44.66 -11.46
N TYR A 32 48.57 44.07 -11.58
CA TYR A 32 49.12 43.71 -12.88
C TYR A 32 48.31 42.61 -13.53
N VAL A 33 48.00 42.77 -14.82
CA VAL A 33 47.00 41.92 -15.46
C VAL A 33 47.31 40.45 -15.31
N TYR A 34 48.57 40.06 -15.36
CA TYR A 34 48.86 38.63 -15.22
C TYR A 34 48.76 38.10 -13.78
N ASP A 35 48.58 39.00 -12.81
CA ASP A 35 48.35 38.64 -11.43
C ASP A 35 46.84 38.53 -11.09
N PHE A 36 45.95 38.86 -12.03
CA PHE A 36 44.50 38.68 -11.76
C PHE A 36 44.01 37.25 -11.54
N PRO A 37 44.49 36.28 -12.34
CA PRO A 37 44.04 34.91 -12.09
C PRO A 37 44.34 34.46 -10.64
N GLU A 38 45.49 34.89 -10.08
CA GLU A 38 45.81 34.62 -8.68
C GLU A 38 44.78 35.27 -7.74
N LEU A 39 44.30 36.46 -8.07
CA LEU A 39 43.19 37.01 -7.28
C LEU A 39 41.94 36.13 -7.32
N PHE A 40 41.63 35.57 -8.48
CA PHE A 40 40.50 34.69 -8.61
C PHE A 40 40.72 33.38 -7.88
N ARG A 41 41.97 32.88 -7.86
CA ARG A 41 42.31 31.71 -7.04
C ARG A 41 42.06 32.03 -5.54
N GLN A 42 42.57 33.15 -5.07
CA GLN A 42 42.30 33.60 -3.69
C GLN A 42 40.83 33.72 -3.35
N ALA A 43 40.08 34.41 -4.21
CA ALA A 43 38.64 34.55 -3.98
C ALA A 43 37.89 33.21 -3.98
N SER A 44 38.31 32.25 -4.81
CA SER A 44 37.58 30.97 -4.90
C SER A 44 37.91 30.06 -3.72
N SER A 45 39.18 30.08 -3.27
CA SER A 45 39.55 29.41 -2.04
C SER A 45 38.73 29.96 -0.85
N SER A 46 38.58 31.28 -0.76
CA SER A 46 37.79 31.87 0.29
C SER A 46 36.32 31.45 0.25
N GLN A 47 35.75 31.33 -0.94
CA GLN A 47 34.35 30.97 -0.98
C GLN A 47 34.22 29.52 -0.51
N TRP A 48 35.23 28.68 -0.75
CA TRP A 48 35.22 27.34 -0.19
C TRP A 48 35.25 27.37 1.36
N LYS A 49 36.10 28.21 1.94
CA LYS A 49 36.21 28.33 3.38
C LYS A 49 34.92 28.87 4.01
N ASN A 50 34.30 29.86 3.37
CA ASN A 50 33.06 30.40 3.88
C ASN A 50 31.95 29.37 3.85
N PHE A 51 32.05 28.42 2.92
CA PHE A 51 30.99 27.46 2.73
C PHE A 51 31.14 26.23 3.64
N SER A 52 32.36 25.72 3.70
CA SER A 52 32.68 24.51 4.44
C SER A 52 34.14 24.56 4.89
N ALA A 53 34.36 25.04 6.11
CA ALA A 53 35.71 25.25 6.68
C ALA A 53 36.65 24.05 6.56
N ASP A 54 36.10 22.84 6.63
CA ASP A 54 36.94 21.65 6.70
C ASP A 54 37.27 21.00 5.35
N VAL A 55 36.69 21.52 4.28
CA VAL A 55 36.96 21.00 2.93
C VAL A 55 38.44 21.19 2.57
N LYS A 56 39.05 20.16 1.99
CA LYS A 56 40.47 20.21 1.67
C LYS A 56 40.65 20.40 0.17
N LEU A 57 41.23 21.53 -0.21
CA LEU A 57 41.46 21.86 -1.62
C LEU A 57 42.85 21.51 -2.15
N THR A 58 42.89 20.75 -3.25
CA THR A 58 44.09 20.65 -4.09
C THR A 58 44.25 21.94 -4.95
N ASP A 59 45.48 22.23 -5.40
CA ASP A 59 45.71 23.32 -6.36
C ASP A 59 45.01 23.15 -7.72
N ASP A 60 44.73 21.92 -8.11
CA ASP A 60 43.98 21.70 -9.33
C ASP A 60 42.45 21.99 -9.22
N PHE A 61 42.01 22.52 -8.09
CA PHE A 61 40.65 23.07 -7.95
C PHE A 61 40.53 24.36 -8.78
N PHE A 62 41.66 25.00 -9.09
CA PHE A 62 41.67 26.22 -9.84
C PHE A 62 42.69 26.18 -10.95
N ILE A 63 42.24 26.39 -12.19
CA ILE A 63 43.11 26.39 -13.36
C ILE A 63 42.88 27.65 -14.20
N SER A 64 43.96 28.34 -14.52
CA SER A 64 43.88 29.50 -15.38
C SER A 64 44.78 29.26 -16.59
N ASN A 65 44.19 29.28 -17.78
CA ASN A 65 44.97 29.16 -19.03
C ASN A 65 44.86 30.41 -19.91
N GLU A 66 45.99 31.06 -20.21
CA GLU A 66 45.98 32.21 -21.11
C GLU A 66 45.45 31.85 -22.50
N LEU A 67 44.59 32.71 -23.03
CA LEU A 67 44.14 32.56 -24.43
C LEU A 67 44.88 33.57 -25.34
N ILE A 68 45.44 33.10 -26.45
CA ILE A 68 46.02 34.00 -27.46
C ILE A 68 45.62 33.58 -28.87
N GLU A 69 45.79 34.49 -29.82
CA GLU A 69 45.54 34.19 -31.23
C GLU A 69 46.67 33.33 -31.81
N ASP A 70 46.32 32.20 -32.41
CA ASP A 70 47.31 31.41 -33.16
C ASP A 70 47.66 32.04 -34.53
N GLU A 71 48.45 31.31 -35.33
CA GLU A 71 48.89 31.78 -36.65
C GLU A 71 47.73 32.03 -37.65
N ASN A 72 46.60 31.36 -37.46
CA ASN A 72 45.39 31.60 -38.25
C ASN A 72 44.33 32.47 -37.55
N GLY A 73 44.75 33.28 -36.57
CA GLY A 73 43.83 34.13 -35.80
C GLY A 73 42.85 33.44 -34.83
N GLU A 74 42.91 32.12 -34.71
CA GLU A 74 42.04 31.38 -33.80
C GLU A 74 42.60 31.36 -32.35
N LEU A 75 41.72 31.49 -31.35
CA LEU A 75 42.13 31.44 -29.94
C LEU A 75 42.56 30.05 -29.45
N THR A 76 43.77 29.96 -28.89
CA THR A 76 44.28 28.76 -28.22
C THR A 76 44.91 29.10 -26.89
N GLU A 77 45.03 28.06 -26.10
CA GLU A 77 45.65 28.11 -24.79
C GLU A 77 47.14 27.99 -24.92
N VAL A 78 47.83 28.82 -24.16
CA VAL A 78 49.27 28.73 -24.05
C VAL A 78 49.67 28.98 -22.61
N GLU A 79 50.90 28.59 -22.30
CA GLU A 79 51.54 28.88 -21.04
C GLU A 79 52.81 29.67 -21.37
N ARG A 80 52.85 30.93 -20.96
CA ARG A 80 54.04 31.74 -21.25
C ARG A 80 54.33 32.65 -20.09
N GLU A 81 55.51 33.25 -20.11
CA GLU A 81 55.89 34.18 -19.07
C GLU A 81 55.06 35.47 -19.17
N PRO A 82 54.57 35.97 -18.01
CA PRO A 82 53.86 37.25 -17.94
C PRO A 82 54.55 38.40 -18.62
N GLY A 83 53.79 39.21 -19.34
CA GLY A 83 54.36 40.35 -20.03
C GLY A 83 54.83 40.06 -21.45
N ALA A 84 54.57 38.86 -21.96
CA ALA A 84 54.93 38.54 -23.36
C ALA A 84 53.84 39.00 -24.38
N ASN A 85 52.74 39.55 -23.87
CA ASN A 85 51.63 39.98 -24.72
C ASN A 85 52.07 41.04 -25.73
N ALA A 86 51.92 40.77 -27.03
CA ALA A 86 52.28 41.76 -28.07
C ALA A 86 51.18 42.78 -28.38
N ILE A 87 50.00 42.59 -27.78
CA ILE A 87 48.91 43.57 -27.83
C ILE A 87 48.50 43.93 -26.39
N GLY A 88 47.71 44.99 -26.23
CA GLY A 88 47.29 45.51 -24.92
C GLY A 88 46.00 44.96 -24.33
N MET A 89 45.59 43.81 -24.82
CA MET A 89 44.39 43.13 -24.33
C MET A 89 44.78 41.69 -24.13
N VAL A 90 44.33 41.12 -23.02
CA VAL A 90 44.74 39.78 -22.57
C VAL A 90 43.51 38.96 -22.10
N ALA A 91 43.56 37.64 -22.21
CA ALA A 91 42.45 36.82 -21.74
C ALA A 91 42.91 35.49 -21.15
N PHE A 92 42.08 34.97 -20.26
CA PHE A 92 42.34 33.70 -19.62
C PHE A 92 41.09 32.87 -19.63
N LYS A 93 41.24 31.58 -19.84
CA LYS A 93 40.14 30.69 -19.57
C LYS A 93 40.33 30.06 -18.18
N ILE A 94 39.31 30.19 -17.35
CA ILE A 94 39.36 29.73 -15.96
C ILE A 94 38.46 28.52 -15.77
N THR A 95 39.03 27.46 -15.20
CA THR A 95 38.26 26.28 -14.83
C THR A 95 38.40 26.14 -13.31
N VAL A 96 37.28 26.21 -12.62
CA VAL A 96 37.30 26.32 -11.16
C VAL A 96 36.20 25.47 -10.54
N LYS A 97 36.57 24.64 -9.56
CA LYS A 97 35.59 23.90 -8.76
C LYS A 97 35.08 24.78 -7.64
N THR A 98 33.78 24.85 -7.52
CA THR A 98 33.22 25.77 -6.53
C THR A 98 32.16 24.97 -5.77
N PRO A 99 31.70 25.52 -4.63
CA PRO A 99 30.62 24.90 -3.87
C PRO A 99 29.42 24.52 -4.76
N GLU A 100 28.98 25.45 -5.62
CA GLU A 100 27.83 25.20 -6.50
C GLU A 100 28.19 24.26 -7.64
N TYR A 101 29.46 24.28 -8.07
CA TYR A 101 29.94 23.35 -9.12
C TYR A 101 31.24 22.64 -8.70
N PRO A 102 31.09 21.64 -7.81
CA PRO A 102 32.26 20.99 -7.23
C PRO A 102 33.09 20.21 -8.27
N ARG A 103 32.49 19.86 -9.41
CA ARG A 103 33.23 19.21 -10.48
C ARG A 103 33.78 20.23 -11.49
N GLY A 104 33.47 21.51 -11.32
CA GLY A 104 34.07 22.53 -12.16
C GLY A 104 33.10 23.33 -13.02
N ARG A 105 33.36 24.65 -13.10
CA ARG A 105 32.69 25.55 -14.01
C ARG A 105 33.76 26.37 -14.69
N GLN A 106 33.42 27.01 -15.82
CA GLN A 106 34.39 27.75 -16.61
C GLN A 106 33.84 29.10 -17.01
N PHE A 107 34.73 30.06 -17.21
CA PHE A 107 34.40 31.38 -17.68
C PHE A 107 35.65 32.00 -18.27
N VAL A 108 35.49 33.07 -19.06
CA VAL A 108 36.67 33.77 -19.56
C VAL A 108 36.83 35.07 -18.83
N VAL A 109 38.08 35.45 -18.66
CA VAL A 109 38.35 36.80 -18.18
C VAL A 109 39.06 37.51 -19.29
N VAL A 110 38.60 38.70 -19.69
CA VAL A 110 39.35 39.53 -20.67
C VAL A 110 39.75 40.78 -19.94
N ALA A 111 40.92 41.30 -20.26
CA ALA A 111 41.38 42.46 -19.51
C ALA A 111 42.30 43.31 -20.38
N ASN A 112 42.18 44.62 -20.23
CA ASN A 112 43.16 45.55 -20.77
C ASN A 112 44.46 45.39 -20.02
N ASP A 113 45.59 45.64 -20.68
CA ASP A 113 46.86 45.74 -19.98
C ASP A 113 47.22 47.21 -19.93
N ILE A 114 46.97 47.81 -18.77
CA ILE A 114 47.19 49.25 -18.56
C ILE A 114 48.66 49.63 -18.80
N THR A 115 49.57 48.64 -18.76
CA THR A 115 51.00 48.89 -19.02
C THR A 115 51.35 48.95 -20.51
N PHE A 116 50.53 48.33 -21.36
CA PHE A 116 50.74 48.35 -22.81
C PHE A 116 50.04 49.58 -23.41
N LYS A 117 50.82 50.55 -23.85
CA LYS A 117 50.28 51.77 -24.45
C LYS A 117 49.10 52.33 -23.67
N ILE A 118 49.32 52.44 -22.36
CA ILE A 118 48.36 52.98 -21.40
C ILE A 118 46.96 52.31 -21.45
N GLY A 119 46.96 51.05 -21.88
CA GLY A 119 45.76 50.24 -21.94
C GLY A 119 44.75 50.71 -22.99
N SER A 120 45.23 51.48 -23.97
CA SER A 120 44.40 52.06 -25.02
C SER A 120 43.87 50.96 -25.94
N PHE A 121 42.75 51.22 -26.61
CA PHE A 121 42.15 50.23 -27.50
C PHE A 121 42.56 50.58 -28.94
N GLY A 122 43.43 49.79 -29.54
CA GLY A 122 43.65 49.89 -30.99
C GLY A 122 42.95 48.75 -31.71
N PRO A 123 43.01 48.74 -33.05
CA PRO A 123 42.24 47.72 -33.81
C PRO A 123 42.59 46.28 -33.41
N GLN A 124 43.83 46.04 -33.01
CA GLN A 124 44.21 44.68 -32.59
C GLN A 124 43.57 44.26 -31.24
N GLU A 125 43.49 45.21 -30.32
CA GLU A 125 42.87 44.97 -29.02
C GLU A 125 41.37 44.73 -29.16
N ASP A 126 40.71 45.60 -29.95
CA ASP A 126 39.31 45.37 -30.39
C ASP A 126 39.08 44.01 -31.03
N GLU A 127 39.87 43.61 -32.04
CA GLU A 127 39.61 42.31 -32.67
C GLU A 127 39.78 41.16 -31.67
N PHE A 128 40.77 41.25 -30.80
CA PHE A 128 40.99 40.23 -29.76
C PHE A 128 39.82 40.21 -28.75
N PHE A 129 39.38 41.38 -28.28
CA PHE A 129 38.30 41.45 -27.31
C PHE A 129 37.04 40.83 -27.97
N ASN A 130 36.86 41.10 -29.27
CA ASN A 130 35.69 40.56 -29.97
C ASN A 130 35.78 39.03 -30.11
N LYS A 131 36.95 38.49 -30.47
CA LYS A 131 37.17 37.02 -30.47
C LYS A 131 36.92 36.34 -29.12
N VAL A 132 37.37 36.98 -28.05
CA VAL A 132 37.15 36.39 -26.72
C VAL A 132 35.66 36.37 -26.41
N THR A 133 34.98 37.48 -26.70
CA THR A 133 33.54 37.56 -26.44
C THR A 133 32.80 36.45 -27.21
N GLU A 134 33.15 36.28 -28.48
CA GLU A 134 32.53 35.23 -29.32
C GLU A 134 32.86 33.81 -28.87
N TYR A 135 34.10 33.63 -28.40
CA TYR A 135 34.56 32.36 -27.83
C TYR A 135 33.67 31.98 -26.62
N ALA A 136 33.44 32.94 -25.74
CA ALA A 136 32.55 32.75 -24.58
C ALA A 136 31.11 32.47 -25.02
N ARG A 137 30.60 33.28 -25.96
CA ARG A 137 29.22 33.10 -26.44
C ARG A 137 28.98 31.74 -27.08
N LYS A 138 29.95 31.27 -27.86
CA LYS A 138 29.80 29.99 -28.50
C LYS A 138 29.67 28.88 -27.44
N ARG A 139 30.45 28.97 -26.37
CA ARG A 139 30.46 27.94 -25.33
C ARG A 139 29.35 28.17 -24.28
N GLY A 140 28.73 29.34 -24.28
CA GLY A 140 27.68 29.68 -23.32
C GLY A 140 28.21 30.12 -21.95
N ILE A 141 29.49 30.41 -21.90
CA ILE A 141 30.24 30.60 -20.65
C ILE A 141 30.32 32.07 -20.24
N PRO A 142 30.38 32.38 -18.93
CA PRO A 142 30.43 33.81 -18.56
C PRO A 142 31.65 34.55 -19.08
N ARG A 143 31.48 35.85 -19.28
CA ARG A 143 32.58 36.70 -19.74
C ARG A 143 32.79 37.83 -18.75
N ILE A 144 33.95 37.78 -18.09
CA ILE A 144 34.32 38.76 -17.11
C ILE A 144 35.27 39.76 -17.77
N TYR A 145 35.03 41.06 -17.61
CA TYR A 145 35.96 42.02 -18.20
C TYR A 145 36.58 42.86 -17.12
N LEU A 146 37.90 43.00 -17.18
CA LEU A 146 38.62 43.79 -16.22
C LEU A 146 39.08 45.02 -16.93
N ALA A 147 38.51 46.15 -16.56
CA ALA A 147 38.65 47.36 -17.34
C ALA A 147 39.69 48.22 -16.65
N ALA A 148 40.80 48.45 -17.36
CA ALA A 148 41.84 49.36 -16.91
C ALA A 148 42.43 49.99 -18.15
N ASN A 149 41.95 51.18 -18.52
CA ASN A 149 42.28 51.68 -19.86
C ASN A 149 42.20 53.20 -20.02
N SER A 150 42.65 53.67 -21.18
CA SER A 150 42.60 55.09 -21.55
C SER A 150 41.78 55.32 -22.81
N GLY A 151 40.92 54.36 -23.15
CA GLY A 151 40.02 54.48 -24.31
C GLY A 151 40.71 54.22 -25.65
N ALA A 152 40.08 54.73 -26.71
CA ALA A 152 40.56 54.51 -28.07
C ALA A 152 41.98 55.09 -28.25
N ARG A 153 42.81 54.36 -28.99
CA ARG A 153 44.14 54.83 -29.33
C ARG A 153 44.06 55.98 -30.33
N ILE A 154 44.91 56.99 -30.15
CA ILE A 154 44.93 58.17 -31.01
C ILE A 154 46.35 58.39 -31.47
N GLY A 155 46.49 58.96 -32.66
CA GLY A 155 47.80 59.24 -33.22
C GLY A 155 47.77 60.16 -34.41
N MET A 156 48.96 60.59 -34.81
CA MET A 156 49.21 61.24 -36.08
C MET A 156 50.23 60.42 -36.85
N ALA A 157 50.46 60.76 -38.11
CA ALA A 157 51.48 60.08 -38.90
C ALA A 157 52.83 60.73 -38.60
N GLU A 158 53.59 60.10 -37.70
CA GLU A 158 54.81 60.68 -37.16
C GLU A 158 55.89 60.86 -38.24
N GLU A 159 55.90 59.93 -39.20
CA GLU A 159 56.82 59.98 -40.34
C GLU A 159 56.67 61.20 -41.25
N ILE A 160 55.57 61.93 -41.14
CA ILE A 160 55.32 63.08 -41.99
C ILE A 160 55.68 64.35 -41.22
N VAL A 161 55.76 64.24 -39.89
CA VAL A 161 56.16 65.41 -39.06
C VAL A 161 57.50 66.06 -39.49
N PRO A 162 58.59 65.27 -39.59
CA PRO A 162 59.84 65.97 -40.00
C PRO A 162 59.96 66.25 -41.51
N LEU A 163 58.98 65.85 -42.32
CA LEU A 163 59.10 65.94 -43.78
C LEU A 163 58.34 67.08 -44.44
N PHE A 164 57.31 67.59 -43.78
CA PHE A 164 56.38 68.49 -44.48
C PHE A 164 56.87 69.94 -44.59
N GLN A 165 56.56 70.56 -45.73
CA GLN A 165 56.87 71.97 -45.96
C GLN A 165 55.58 72.80 -45.92
N VAL A 166 55.71 74.09 -45.63
CA VAL A 166 54.61 75.04 -45.65
C VAL A 166 54.70 75.92 -46.90
N ALA A 167 53.57 76.16 -47.57
CA ALA A 167 53.54 77.08 -48.71
C ALA A 167 53.03 78.44 -48.27
N TRP A 168 53.94 79.25 -47.75
CA TRP A 168 53.62 80.57 -47.21
C TRP A 168 53.00 81.53 -48.23
N ASN A 169 52.15 82.42 -47.74
CA ASN A 169 51.60 83.51 -48.53
C ASN A 169 52.73 84.48 -48.93
N ASP A 170 53.60 84.72 -47.97
CA ASP A 170 54.73 85.61 -48.14
C ASP A 170 55.91 85.04 -47.36
N ALA A 171 56.87 84.47 -48.11
CA ALA A 171 58.04 83.81 -47.52
C ALA A 171 58.78 84.65 -46.47
N ALA A 172 58.75 85.97 -46.65
CA ALA A 172 59.37 86.91 -45.71
C ALA A 172 58.62 87.01 -44.39
N ASN A 173 57.28 87.08 -44.47
CA ASN A 173 56.43 87.16 -43.28
C ASN A 173 55.43 86.01 -43.11
N PRO A 174 55.83 85.00 -42.32
CA PRO A 174 55.01 83.84 -42.02
C PRO A 174 53.68 84.19 -41.35
N ASP A 175 53.78 84.93 -40.25
CA ASP A 175 52.65 85.57 -39.52
C ASP A 175 51.42 85.97 -40.34
N LYS A 176 51.53 86.00 -41.68
CA LYS A 176 50.42 86.42 -42.54
C LYS A 176 49.70 85.23 -43.22
N GLY A 177 50.07 84.00 -42.85
CA GLY A 177 49.30 82.82 -43.25
C GLY A 177 49.99 81.90 -44.24
N PHE A 178 49.30 80.82 -44.61
CA PHE A 178 49.82 79.82 -45.55
C PHE A 178 48.71 79.25 -46.41
N GLN A 179 49.10 78.50 -47.44
CA GLN A 179 48.17 78.04 -48.46
C GLN A 179 47.96 76.52 -48.41
N TYR A 180 49.00 75.78 -48.04
CA TYR A 180 48.94 74.32 -47.94
C TYR A 180 50.25 73.75 -47.42
N LEU A 181 50.24 72.44 -47.17
CA LEU A 181 51.43 71.75 -46.79
C LEU A 181 51.80 70.86 -47.95
N TYR A 182 53.10 70.64 -48.13
CA TYR A 182 53.58 69.83 -49.26
C TYR A 182 54.87 69.13 -48.92
N LEU A 183 55.21 68.15 -49.74
CA LEU A 183 56.49 67.48 -49.66
C LEU A 183 57.41 67.86 -50.84
N THR A 184 58.73 67.85 -50.58
CA THR A 184 59.72 68.08 -51.63
C THR A 184 59.90 66.78 -52.39
N SER A 185 60.86 66.78 -53.31
CA SER A 185 61.19 65.60 -54.07
C SER A 185 61.95 64.62 -53.18
N GLU A 186 62.64 65.20 -52.19
CA GLU A 186 63.45 64.46 -51.23
C GLU A 186 62.55 63.80 -50.17
N GLY A 187 61.49 64.49 -49.77
CA GLY A 187 60.47 63.94 -48.87
C GLY A 187 59.85 62.70 -49.47
N MET A 188 59.36 62.83 -50.70
CA MET A 188 58.78 61.71 -51.44
C MET A 188 59.75 60.54 -51.52
N GLU A 189 61.06 60.84 -51.49
CA GLU A 189 62.11 59.82 -51.55
C GLU A 189 62.35 59.08 -50.24
N THR A 190 62.41 59.83 -49.14
CA THR A 190 62.51 59.24 -47.81
C THR A 190 61.37 58.23 -47.61
N LEU A 191 60.16 58.61 -48.04
CA LEU A 191 59.00 57.71 -47.97
C LEU A 191 59.16 56.47 -48.84
N LYS A 192 59.64 56.66 -50.08
CA LYS A 192 59.87 55.51 -50.97
C LYS A 192 60.95 54.59 -50.40
N LYS A 193 61.99 55.19 -49.82
CA LYS A 193 63.08 54.43 -49.21
C LYS A 193 62.57 53.56 -48.06
N PHE A 194 61.72 54.14 -47.22
CA PHE A 194 61.21 53.43 -46.05
C PHE A 194 59.95 52.60 -46.34
N ASP A 195 59.63 52.46 -47.63
CA ASP A 195 58.46 51.72 -48.12
C ASP A 195 57.15 52.22 -47.50
N LYS A 196 56.95 53.54 -47.57
CA LYS A 196 55.82 54.20 -46.93
C LYS A 196 55.17 55.25 -47.84
N GLU A 197 55.11 54.94 -49.13
CA GLU A 197 54.56 55.87 -50.12
C GLU A 197 53.09 56.17 -49.85
N ASN A 198 52.41 55.21 -49.23
CA ASN A 198 50.99 55.26 -48.87
C ASN A 198 50.60 56.29 -47.81
N SER A 199 51.59 56.77 -47.06
CA SER A 199 51.36 57.61 -45.89
C SER A 199 50.66 58.92 -46.21
N VAL A 200 50.74 59.35 -47.47
CA VAL A 200 50.13 60.61 -47.89
C VAL A 200 49.47 60.44 -49.24
N LEU A 201 48.45 61.26 -49.49
CA LEU A 201 47.91 61.37 -50.81
C LEU A 201 48.30 62.76 -51.28
N THR A 202 49.03 62.82 -52.39
CA THR A 202 49.58 64.08 -52.88
C THR A 202 49.15 64.41 -54.30
N GLU A 203 49.23 65.70 -54.61
CA GLU A 203 48.99 66.22 -55.95
C GLU A 203 50.21 67.04 -56.40
N ARG A 204 50.86 66.56 -57.46
CA ARG A 204 52.06 67.21 -58.05
C ARG A 204 51.75 68.62 -58.60
N THR A 205 52.47 69.61 -58.11
CA THR A 205 52.41 70.97 -58.66
C THR A 205 53.84 71.42 -58.96
N VAL A 206 53.96 72.57 -59.62
CA VAL A 206 55.26 73.20 -59.91
C VAL A 206 55.16 74.69 -59.63
N ILE A 207 55.91 75.17 -58.66
CA ILE A 207 55.95 76.60 -58.34
C ILE A 207 57.40 77.12 -58.30
N ASN A 208 57.67 78.13 -59.13
CA ASN A 208 59.00 78.72 -59.33
C ASN A 208 60.04 77.68 -59.77
N GLY A 209 59.68 76.89 -60.77
CA GLY A 209 60.64 75.96 -61.38
C GLY A 209 60.80 74.57 -60.80
N GLU A 210 60.49 74.37 -59.52
CA GLU A 210 60.59 73.01 -58.94
C GLU A 210 59.34 72.41 -58.28
N GLU A 211 59.30 71.07 -58.29
CA GLU A 211 58.09 70.32 -57.95
C GLU A 211 57.72 70.32 -56.47
N ARG A 212 56.45 70.67 -56.22
CA ARG A 212 55.80 70.57 -54.92
C ARG A 212 54.78 69.42 -54.98
N PHE A 213 54.77 68.58 -53.95
CA PHE A 213 53.73 67.57 -53.85
C PHE A 213 52.76 67.94 -52.74
N VAL A 214 51.68 68.61 -53.10
CA VAL A 214 50.66 69.07 -52.16
C VAL A 214 50.04 67.87 -51.43
N ILE A 215 50.02 67.94 -50.09
CA ILE A 215 49.38 66.91 -49.28
C ILE A 215 47.88 67.16 -49.30
N LYS A 216 47.18 66.21 -49.90
CA LYS A 216 45.74 66.31 -49.97
C LYS A 216 45.11 65.61 -48.75
N THR A 217 45.75 64.52 -48.31
CA THR A 217 45.33 63.73 -47.14
C THR A 217 46.53 63.05 -46.52
N ILE A 218 46.62 63.09 -45.20
CA ILE A 218 47.61 62.28 -44.49
C ILE A 218 46.94 60.96 -44.05
N ILE A 219 47.53 59.84 -44.45
CA ILE A 219 47.03 58.54 -44.07
C ILE A 219 47.81 57.92 -42.90
N GLY A 220 49.14 58.00 -43.00
CA GLY A 220 50.05 57.41 -42.04
C GLY A 220 50.23 55.93 -42.31
N SER A 221 51.40 55.40 -41.94
CA SER A 221 51.70 53.96 -42.09
C SER A 221 51.32 53.14 -40.85
N GLU A 222 51.29 53.77 -39.68
CA GLU A 222 50.96 53.08 -38.44
C GLU A 222 49.44 52.88 -38.37
N ASP A 223 48.99 51.65 -38.13
CA ASP A 223 47.59 51.42 -37.84
C ASP A 223 47.27 51.94 -36.44
N GLY A 224 46.05 52.43 -36.25
CA GLY A 224 45.61 52.83 -34.95
C GLY A 224 45.58 54.32 -34.68
N LEU A 225 45.30 55.12 -35.71
CA LEU A 225 45.42 56.58 -35.56
C LEU A 225 44.10 57.28 -35.35
N GLY A 226 43.10 56.86 -36.13
CA GLY A 226 41.83 57.56 -36.21
C GLY A 226 40.64 56.64 -36.39
N VAL A 227 39.98 56.79 -37.54
CA VAL A 227 38.73 56.08 -37.78
C VAL A 227 38.82 54.56 -37.67
N GLU A 228 39.98 53.96 -37.90
CA GLU A 228 40.10 52.51 -37.70
C GLU A 228 39.91 52.08 -36.21
N CYS A 229 40.23 52.98 -35.29
CA CYS A 229 39.95 52.80 -33.86
C CYS A 229 38.48 52.99 -33.54
N LEU A 230 37.81 53.82 -34.33
CA LEU A 230 36.38 54.04 -34.17
C LEU A 230 35.60 52.79 -34.61
N ARG A 231 36.00 52.22 -35.74
CA ARG A 231 35.39 51.02 -36.26
C ARG A 231 35.53 49.87 -35.23
N GLY A 232 36.76 49.68 -34.74
CA GLY A 232 37.08 48.61 -33.77
C GLY A 232 36.26 48.75 -32.50
N SER A 233 36.04 49.99 -32.05
CA SER A 233 35.22 50.25 -30.88
C SER A 233 33.75 49.94 -31.10
N GLY A 234 33.23 50.23 -32.31
CA GLY A 234 31.83 49.95 -32.59
C GLY A 234 31.65 48.45 -32.63
N LEU A 235 32.62 47.76 -33.19
CA LEU A 235 32.57 46.34 -33.23
C LEU A 235 32.37 45.75 -31.83
N ILE A 236 33.18 46.19 -30.87
CA ILE A 236 33.14 45.59 -29.56
C ILE A 236 31.96 46.10 -28.75
N ALA A 237 31.48 47.31 -29.09
CA ALA A 237 30.25 47.81 -28.44
C ALA A 237 29.06 46.92 -28.82
N GLY A 238 28.94 46.63 -30.11
CA GLY A 238 27.87 45.75 -30.59
C GLY A 238 28.05 44.33 -30.08
N ALA A 239 29.30 43.85 -30.05
CA ALA A 239 29.62 42.49 -29.52
C ALA A 239 29.16 42.33 -28.06
N THR A 240 29.36 43.37 -27.28
CA THR A 240 29.00 43.37 -25.85
C THR A 240 27.50 43.52 -25.64
N SER A 241 26.87 44.38 -26.43
CA SER A 241 25.41 44.46 -26.44
C SER A 241 24.79 43.09 -26.63
N ARG A 242 25.30 42.34 -27.60
CA ARG A 242 24.77 41.00 -27.90
C ARG A 242 25.12 39.99 -26.76
N ALA A 243 26.33 40.08 -26.22
CA ALA A 243 26.78 39.18 -25.12
C ALA A 243 25.82 39.23 -23.90
N TYR A 244 25.43 40.44 -23.50
CA TYR A 244 24.52 40.64 -22.40
C TYR A 244 23.22 39.85 -22.52
N HIS A 245 22.71 39.69 -23.74
CA HIS A 245 21.47 38.92 -23.96
C HIS A 245 21.73 37.44 -24.05
N ASP A 246 22.99 37.05 -24.01
CA ASP A 246 23.34 35.71 -24.38
C ASP A 246 24.00 34.91 -23.25
N ILE A 247 24.89 35.56 -22.52
CA ILE A 247 25.70 34.93 -21.51
C ILE A 247 25.80 35.89 -20.37
N PHE A 248 26.24 35.37 -19.22
CA PHE A 248 26.48 36.22 -18.04
C PHE A 248 27.67 37.14 -18.31
N THR A 249 27.46 38.44 -18.22
CA THR A 249 28.54 39.42 -18.40
C THR A 249 28.70 40.27 -17.14
N ILE A 250 29.94 40.57 -16.78
CA ILE A 250 30.19 41.47 -15.67
C ILE A 250 31.50 42.18 -15.93
N THR A 251 31.63 43.37 -15.38
CA THR A 251 32.84 44.16 -15.54
C THR A 251 33.33 44.69 -14.18
N LEU A 252 34.64 44.66 -13.99
CA LEU A 252 35.26 45.29 -12.83
C LEU A 252 36.09 46.45 -13.33
N VAL A 253 35.88 47.62 -12.74
CA VAL A 253 36.64 48.78 -13.14
C VAL A 253 37.79 48.97 -12.16
N THR A 254 39.00 48.80 -12.67
CA THR A 254 40.14 48.84 -11.76
C THR A 254 41.26 49.89 -11.78
N CYS A 255 41.37 50.77 -12.75
CA CYS A 255 42.37 51.86 -12.57
C CYS A 255 41.69 53.12 -13.09
N ARG A 256 41.06 52.93 -14.25
CA ARG A 256 40.15 53.88 -14.83
C ARG A 256 39.61 53.19 -16.05
N SER A 257 38.46 53.66 -16.51
CA SER A 257 37.91 53.19 -17.74
C SER A 257 37.41 54.40 -18.52
N VAL A 258 37.95 54.57 -19.74
CA VAL A 258 37.73 55.78 -20.52
C VAL A 258 37.10 55.53 -21.90
N GLY A 259 36.13 56.36 -22.28
CA GLY A 259 35.57 56.34 -23.64
C GLY A 259 34.88 55.04 -24.01
N ILE A 260 35.37 54.34 -25.02
CA ILE A 260 34.81 53.03 -25.33
C ILE A 260 34.83 52.15 -24.06
N GLY A 261 35.89 52.30 -23.25
CA GLY A 261 36.01 51.63 -21.95
C GLY A 261 34.83 51.88 -21.02
N ALA A 262 34.41 53.14 -20.89
CA ALA A 262 33.23 53.47 -20.08
C ALA A 262 31.92 52.92 -20.66
N TYR A 263 31.77 52.95 -21.99
CA TYR A 263 30.58 52.34 -22.61
C TYR A 263 30.52 50.83 -22.45
N LEU A 264 31.68 50.17 -22.60
CA LEU A 264 31.78 48.74 -22.36
C LEU A 264 31.29 48.37 -20.94
N VAL A 265 31.61 49.21 -19.96
CA VAL A 265 31.08 48.98 -18.61
C VAL A 265 29.56 48.94 -18.62
N ARG A 266 28.93 49.97 -19.20
CA ARG A 266 27.47 49.99 -19.28
C ARG A 266 26.89 48.87 -20.14
N LEU A 267 27.48 48.62 -21.31
CA LEU A 267 26.91 47.64 -22.24
C LEU A 267 26.93 46.22 -21.67
N GLY A 268 27.93 45.91 -20.84
CA GLY A 268 27.92 44.59 -20.17
C GLY A 268 26.99 44.60 -18.98
N GLN A 269 26.49 45.80 -18.63
CA GLN A 269 25.47 46.04 -17.58
C GLN A 269 25.97 45.89 -16.14
N ARG A 270 26.33 44.67 -15.75
CA ARG A 270 26.72 44.35 -14.39
C ARG A 270 28.14 44.90 -14.19
N ALA A 271 28.28 45.82 -13.24
CA ALA A 271 29.53 46.56 -13.07
C ALA A 271 29.86 46.75 -11.60
N ILE A 272 31.13 46.50 -11.27
CA ILE A 272 31.66 46.74 -9.93
C ILE A 272 32.79 47.74 -10.04
N GLN A 273 32.70 48.83 -9.28
CA GLN A 273 33.68 49.90 -9.41
C GLN A 273 34.61 49.98 -8.19
N VAL A 274 35.91 49.83 -8.40
CA VAL A 274 36.83 49.95 -7.28
C VAL A 274 36.84 51.42 -6.87
N GLU A 275 36.72 51.70 -5.57
CA GLU A 275 36.77 53.11 -5.06
C GLU A 275 37.93 53.92 -5.63
N GLY A 276 37.70 55.17 -6.00
CA GLY A 276 38.77 55.98 -6.56
C GLY A 276 39.24 55.67 -7.99
N GLN A 277 38.57 54.75 -8.70
CA GLN A 277 38.90 54.47 -10.10
C GLN A 277 37.80 54.97 -11.02
N PRO A 278 38.02 56.08 -11.74
CA PRO A 278 36.92 56.76 -12.42
C PRO A 278 36.44 56.07 -13.71
N ILE A 279 35.18 56.26 -14.05
CA ILE A 279 34.59 55.75 -15.29
C ILE A 279 34.22 57.00 -16.06
N ILE A 280 34.96 57.33 -17.13
CA ILE A 280 34.77 58.65 -17.76
C ILE A 280 34.71 58.63 -19.29
N LEU A 281 34.07 59.67 -19.84
CA LEU A 281 34.11 59.91 -21.29
C LEU A 281 35.34 60.69 -21.70
N THR A 282 35.57 61.85 -21.11
CA THR A 282 36.89 62.52 -21.18
C THR A 282 37.36 62.96 -19.82
N GLY A 283 38.66 63.23 -19.74
CA GLY A 283 39.28 63.77 -18.54
C GLY A 283 38.85 65.18 -18.24
N ALA A 284 38.99 65.56 -16.97
CA ALA A 284 38.75 66.94 -16.54
C ALA A 284 39.63 67.96 -17.31
N PRO A 285 40.95 67.70 -17.47
CA PRO A 285 41.70 68.73 -18.23
C PRO A 285 41.13 69.01 -19.63
N ALA A 286 40.86 67.97 -20.41
CA ALA A 286 40.28 68.11 -21.75
C ALA A 286 38.93 68.82 -21.77
N ILE A 287 38.10 68.56 -20.76
CA ILE A 287 36.81 69.23 -20.66
C ILE A 287 37.01 70.69 -20.30
N ASN A 288 37.88 70.93 -19.31
CA ASN A 288 38.20 72.29 -18.88
C ASN A 288 38.68 73.18 -20.02
N LYS A 289 39.48 72.62 -20.93
CA LYS A 289 39.85 73.32 -22.15
C LYS A 289 38.58 73.93 -22.75
N MET A 290 37.87 73.18 -23.59
CA MET A 290 36.55 73.60 -24.10
C MET A 290 35.84 74.69 -23.29
N LEU A 291 35.51 74.39 -22.04
CA LEU A 291 34.73 75.33 -21.20
C LEU A 291 35.37 76.70 -20.90
N GLY A 292 36.67 76.82 -21.15
CA GLY A 292 37.39 78.09 -21.00
C GLY A 292 37.79 78.44 -19.58
N ARG A 293 37.35 77.64 -18.61
CA ARG A 293 37.73 77.86 -17.22
C ARG A 293 38.17 76.54 -16.58
N GLU A 294 38.75 76.63 -15.39
CA GLU A 294 39.10 75.47 -14.58
C GLU A 294 37.87 74.99 -13.82
N VAL A 295 36.87 74.48 -14.54
CA VAL A 295 35.63 74.04 -13.89
C VAL A 295 35.72 72.76 -13.04
N TYR A 296 36.54 71.79 -13.45
CA TYR A 296 36.71 70.52 -12.73
C TYR A 296 38.13 70.27 -12.22
N THR A 297 38.28 69.74 -11.01
CA THR A 297 39.58 69.46 -10.41
C THR A 297 40.10 68.04 -10.62
N SER A 298 39.21 67.06 -10.80
CA SER A 298 39.63 65.67 -11.00
C SER A 298 38.67 64.83 -11.85
N ASN A 299 39.17 63.69 -12.33
CA ASN A 299 38.30 62.76 -13.03
C ASN A 299 37.22 62.16 -12.12
N LEU A 300 37.54 61.98 -10.84
CA LEU A 300 36.58 61.47 -9.85
C LEU A 300 35.35 62.32 -9.67
N GLN A 301 35.47 63.59 -10.00
CA GLN A 301 34.29 64.45 -10.04
C GLN A 301 33.32 64.11 -11.15
N LEU A 302 33.84 63.58 -12.26
CA LEU A 302 33.03 63.26 -13.41
C LEU A 302 32.53 61.80 -13.35
N GLY A 303 33.39 60.89 -12.85
CA GLY A 303 33.07 59.48 -12.90
C GLY A 303 33.45 58.62 -11.70
N GLY A 304 33.55 59.22 -10.51
CA GLY A 304 33.83 58.47 -9.29
C GLY A 304 32.59 57.74 -8.85
N THR A 305 32.71 56.91 -7.83
CA THR A 305 31.60 56.08 -7.36
C THR A 305 30.44 56.95 -6.90
N GLN A 306 30.74 58.17 -6.48
CA GLN A 306 29.69 59.09 -6.03
C GLN A 306 28.85 59.59 -7.22
N ILE A 307 29.31 59.30 -8.44
CA ILE A 307 28.47 59.51 -9.62
C ILE A 307 27.84 58.20 -10.09
N MET A 308 28.70 57.19 -10.33
CA MET A 308 28.29 55.94 -10.98
C MET A 308 27.59 54.91 -10.08
N TYR A 309 27.96 54.88 -8.80
CA TYR A 309 27.26 54.06 -7.83
C TYR A 309 25.91 54.71 -7.54
N ASN A 310 25.92 56.03 -7.36
CA ASN A 310 24.68 56.79 -7.12
C ASN A 310 23.66 56.80 -8.30
N ASN A 311 24.18 56.50 -9.52
CA ASN A 311 23.52 56.39 -10.86
C ASN A 311 22.89 55.07 -11.19
N GLY A 312 23.45 54.04 -10.59
CA GLY A 312 23.11 52.72 -11.00
C GLY A 312 23.92 52.20 -12.19
N VAL A 313 24.88 52.99 -12.68
CA VAL A 313 25.85 52.47 -13.67
C VAL A 313 26.74 51.41 -12.99
N SER A 314 27.21 51.72 -11.78
CA SER A 314 27.96 50.75 -10.96
C SER A 314 26.99 50.08 -10.02
N HIS A 315 26.89 48.76 -10.13
CA HIS A 315 25.97 47.98 -9.32
C HIS A 315 26.55 47.86 -7.89
N LEU A 316 27.88 47.83 -7.77
CA LEU A 316 28.54 47.69 -6.48
C LEU A 316 29.84 48.48 -6.51
N THR A 317 30.29 48.94 -5.35
CA THR A 317 31.68 49.42 -5.18
C THR A 317 32.51 48.33 -4.49
N ALA A 318 33.82 48.45 -4.60
CA ALA A 318 34.75 47.53 -3.96
C ALA A 318 35.89 48.38 -3.41
N VAL A 319 36.36 48.07 -2.19
CA VAL A 319 37.51 48.80 -1.60
C VAL A 319 38.82 48.60 -2.36
N ASP A 320 39.01 47.43 -2.96
CA ASP A 320 40.23 47.21 -3.77
C ASP A 320 39.95 46.12 -4.84
N ASP A 321 40.94 45.81 -5.70
CA ASP A 321 40.79 44.78 -6.74
C ASP A 321 40.32 43.45 -6.19
N LEU A 322 40.98 42.95 -5.17
CA LEU A 322 40.56 41.66 -4.55
C LEU A 322 39.12 41.68 -4.06
N ALA A 323 38.67 42.75 -3.40
CA ALA A 323 37.25 42.81 -3.01
C ALA A 323 36.34 42.71 -4.25
N GLY A 324 36.74 43.39 -5.31
CA GLY A 324 36.01 43.35 -6.59
C GLY A 324 35.92 41.96 -7.15
N VAL A 325 37.03 41.24 -7.14
CA VAL A 325 37.04 39.85 -7.59
C VAL A 325 36.18 38.93 -6.71
N GLU A 326 36.26 39.12 -5.39
CA GLU A 326 35.35 38.37 -4.47
C GLU A 326 33.87 38.59 -4.83
N LYS A 327 33.51 39.84 -5.08
CA LYS A 327 32.15 40.17 -5.51
C LYS A 327 31.75 39.50 -6.85
N ILE A 328 32.65 39.53 -7.85
CA ILE A 328 32.35 38.81 -9.09
C ILE A 328 32.02 37.34 -8.80
N VAL A 329 32.89 36.70 -8.03
CA VAL A 329 32.82 35.26 -7.74
C VAL A 329 31.57 34.96 -6.93
N GLU A 330 31.22 35.85 -6.02
CA GLU A 330 30.00 35.67 -5.27
C GLU A 330 28.75 35.85 -6.16
N TRP A 331 28.75 36.91 -6.97
CA TRP A 331 27.69 37.11 -7.94
C TRP A 331 27.52 35.88 -8.85
N MET A 332 28.61 35.30 -9.38
CA MET A 332 28.41 34.14 -10.22
C MET A 332 27.98 32.85 -9.53
N SER A 333 28.08 32.80 -8.19
CA SER A 333 27.62 31.59 -7.49
C SER A 333 26.11 31.37 -7.59
N TYR A 334 25.36 32.38 -8.04
CA TYR A 334 23.91 32.26 -8.28
C TYR A 334 23.55 31.84 -9.72
N VAL A 335 24.55 31.75 -10.59
CA VAL A 335 24.34 31.82 -12.03
C VAL A 335 24.70 30.47 -12.63
N PRO A 336 23.91 29.97 -13.57
CA PRO A 336 24.23 28.68 -14.20
C PRO A 336 25.64 28.61 -14.76
N ALA A 337 26.23 27.40 -14.78
CA ALA A 337 27.61 27.24 -15.25
C ALA A 337 27.77 27.72 -16.68
N LYS A 338 26.72 27.51 -17.48
CA LYS A 338 26.67 28.09 -18.84
C LYS A 338 25.22 28.26 -19.29
N ARG A 339 25.03 29.05 -20.37
CA ARG A 339 23.72 29.28 -20.96
C ARG A 339 22.86 28.01 -20.99
N ASN A 340 21.65 28.12 -20.44
CA ASN A 340 20.62 27.06 -20.50
C ASN A 340 20.85 25.83 -19.61
N MET A 341 21.92 25.80 -18.85
CA MET A 341 22.02 24.83 -17.79
C MET A 341 21.08 25.25 -16.61
N PRO A 342 20.63 24.27 -15.81
CA PRO A 342 19.73 24.64 -14.68
C PRO A 342 20.42 25.54 -13.67
N VAL A 343 19.65 26.35 -12.96
CA VAL A 343 20.25 27.27 -11.98
C VAL A 343 20.94 26.49 -10.83
N PRO A 344 22.08 27.00 -10.31
CA PRO A 344 22.85 26.12 -9.42
C PRO A 344 22.28 26.04 -8.00
N ILE A 345 21.74 24.89 -7.67
CA ILE A 345 21.22 24.67 -6.33
C ILE A 345 22.36 24.52 -5.32
N LEU A 346 22.24 25.21 -4.19
CA LEU A 346 23.22 25.14 -3.15
C LEU A 346 22.52 25.21 -1.79
N GLU A 347 22.12 24.05 -1.30
CA GLU A 347 21.57 23.91 0.07
C GLU A 347 22.66 24.25 1.10
N THR A 348 22.34 25.08 2.09
CA THR A 348 23.26 25.31 3.20
C THR A 348 22.61 24.85 4.54
N LYS A 349 23.15 25.30 5.67
CA LYS A 349 22.63 24.88 7.00
C LYS A 349 21.18 25.28 7.22
N ASP A 350 20.78 26.46 6.72
CA ASP A 350 19.40 26.96 6.77
C ASP A 350 18.58 26.31 5.65
N THR A 351 17.94 25.23 6.06
CA THR A 351 17.15 24.32 5.27
C THR A 351 15.75 24.88 5.08
N TRP A 352 15.04 24.40 4.04
CA TRP A 352 13.68 24.88 3.74
C TRP A 352 12.65 24.79 4.89
N ASP A 353 12.80 23.77 5.72
CA ASP A 353 11.73 23.37 6.62
C ASP A 353 11.81 24.06 7.97
N ARG A 354 11.30 25.29 8.02
CA ARG A 354 11.25 26.07 9.22
C ARG A 354 10.26 27.20 8.97
N PRO A 355 9.72 27.79 10.04
CA PRO A 355 8.85 28.94 9.80
C PRO A 355 9.72 30.15 9.50
N VAL A 356 9.09 31.22 9.04
CA VAL A 356 9.75 32.50 8.93
C VAL A 356 9.56 33.22 10.26
N ASP A 357 10.63 33.77 10.84
CA ASP A 357 10.58 34.40 12.16
C ASP A 357 10.28 35.89 12.08
N PHE A 358 11.17 36.68 11.45
CA PHE A 358 10.93 38.10 11.42
C PHE A 358 9.60 38.44 10.74
N THR A 359 8.80 39.26 11.41
CA THR A 359 7.48 39.60 10.92
C THR A 359 7.25 41.10 11.10
N PRO A 360 6.91 41.81 10.02
CA PRO A 360 6.68 43.23 10.20
C PRO A 360 5.37 43.49 10.94
N THR A 361 5.28 44.64 11.59
CA THR A 361 4.10 45.05 12.38
C THR A 361 3.55 46.38 11.88
N ASN A 362 2.22 46.49 11.83
CA ASN A 362 1.52 47.68 11.30
C ASN A 362 2.02 49.03 11.79
N ASP A 363 2.32 49.12 13.08
CA ASP A 363 2.73 50.42 13.62
C ASP A 363 4.14 50.31 14.19
N GLU A 364 5.11 50.32 13.28
CA GLU A 364 6.51 50.02 13.62
C GLU A 364 7.34 49.94 12.34
N THR A 365 8.37 50.75 12.26
CA THR A 365 9.18 50.83 11.06
C THR A 365 10.16 49.64 11.00
N TYR A 366 10.32 49.09 9.79
CA TYR A 366 11.21 47.96 9.59
C TYR A 366 12.09 48.15 8.33
N ASP A 367 13.21 47.45 8.29
CA ASP A 367 14.03 47.36 7.09
C ASP A 367 13.58 46.09 6.37
N VAL A 368 13.13 46.26 5.13
CA VAL A 368 12.65 45.12 4.32
C VAL A 368 13.70 44.02 4.20
N ARG A 369 14.99 44.36 4.28
CA ARG A 369 16.01 43.33 4.28
C ARG A 369 15.82 42.35 5.45
N TRP A 370 15.16 42.79 6.52
CA TRP A 370 14.92 41.86 7.62
C TRP A 370 13.99 40.75 7.19
N MET A 371 12.95 41.07 6.43
CA MET A 371 12.02 40.04 5.92
C MET A 371 12.70 39.10 4.92
N ILE A 372 13.67 39.66 4.16
CA ILE A 372 14.39 38.90 3.14
C ILE A 372 15.44 37.97 3.75
N GLU A 373 16.40 38.52 4.49
CA GLU A 373 17.56 37.75 4.96
C GLU A 373 17.52 37.41 6.47
N GLY A 374 16.57 38.00 7.18
CA GLY A 374 16.47 37.80 8.62
C GLY A 374 17.24 38.89 9.35
N ARG A 375 17.20 38.83 10.68
CA ARG A 375 17.74 39.90 11.51
C ARG A 375 18.40 39.36 12.78
N GLU A 376 19.56 39.92 13.09
CA GLU A 376 20.25 39.67 14.35
C GLU A 376 19.56 40.50 15.46
N THR A 377 19.18 39.85 16.57
CA THR A 377 18.66 40.58 17.75
C THR A 377 19.42 40.30 19.07
N GLU A 378 19.06 41.02 20.13
CA GLU A 378 19.65 40.78 21.45
C GLU A 378 19.42 39.35 21.93
N SER A 379 18.29 38.74 21.55
CA SER A 379 17.96 37.37 21.96
C SER A 379 18.22 36.25 20.95
N GLY A 380 18.92 36.53 19.85
CA GLY A 380 19.19 35.51 18.81
C GLY A 380 18.74 35.91 17.38
N PHE A 381 19.07 35.07 16.41
CA PHE A 381 18.77 35.37 15.02
C PHE A 381 17.30 35.09 14.72
N GLU A 382 16.62 36.10 14.17
CA GLU A 382 15.31 35.89 13.56
C GLU A 382 15.47 35.63 12.07
N TYR A 383 15.10 34.45 11.62
CA TYR A 383 15.24 34.07 10.21
C TYR A 383 14.20 34.79 9.37
N GLY A 384 14.59 35.17 8.16
CA GLY A 384 13.68 35.76 7.20
C GLY A 384 13.16 34.72 6.22
N LEU A 385 12.61 35.18 5.11
CA LEU A 385 12.08 34.30 4.06
C LEU A 385 13.18 33.44 3.44
N PHE A 386 14.32 34.07 3.17
CA PHE A 386 15.35 33.39 2.38
C PHE A 386 16.47 32.82 3.26
N ASP A 387 17.35 32.01 2.68
CA ASP A 387 18.38 31.32 3.42
C ASP A 387 19.28 32.31 4.15
N LYS A 388 19.59 32.01 5.40
CA LYS A 388 20.51 32.87 6.16
C LYS A 388 21.87 33.05 5.43
N GLY A 389 22.33 34.29 5.34
CA GLY A 389 23.59 34.63 4.64
C GLY A 389 23.55 34.64 3.09
N SER A 390 22.41 34.31 2.48
CA SER A 390 22.34 34.17 1.02
C SER A 390 22.00 35.47 0.23
N PHE A 391 21.58 36.53 0.90
CA PHE A 391 21.19 37.76 0.23
C PHE A 391 22.36 38.60 -0.25
N PHE A 392 22.41 38.83 -1.57
CA PHE A 392 23.51 39.55 -2.19
C PHE A 392 22.86 40.75 -2.91
N GLU A 393 22.82 41.89 -2.24
CA GLU A 393 22.16 43.08 -2.75
C GLU A 393 23.00 43.73 -3.85
N THR A 394 22.35 44.26 -4.88
CA THR A 394 23.05 44.96 -5.94
C THR A 394 22.29 46.23 -6.27
N LEU A 395 22.96 47.12 -7.01
CA LEU A 395 22.42 48.45 -7.33
C LEU A 395 22.05 49.17 -6.03
N SER A 396 22.83 48.92 -4.98
CA SER A 396 22.51 49.45 -3.65
C SER A 396 22.78 50.95 -3.50
N GLY A 397 23.42 51.58 -4.48
CA GLY A 397 23.73 53.00 -4.41
C GLY A 397 22.67 53.91 -4.98
N TRP A 398 21.68 53.30 -5.63
CA TRP A 398 20.78 54.03 -6.56
C TRP A 398 19.35 53.67 -6.32
N ALA A 399 18.49 54.69 -6.37
CA ALA A 399 17.03 54.48 -6.32
C ALA A 399 16.65 53.53 -5.19
N LYS A 400 16.93 53.98 -3.97
CA LYS A 400 16.89 53.10 -2.80
C LYS A 400 15.48 52.79 -2.30
N GLY A 401 14.48 53.40 -2.93
CA GLY A 401 13.10 52.97 -2.80
C GLY A 401 12.84 51.50 -3.10
N VAL A 402 13.64 50.88 -3.99
CA VAL A 402 13.53 49.44 -4.22
C VAL A 402 14.79 48.74 -3.80
N VAL A 403 14.64 47.50 -3.36
CA VAL A 403 15.84 46.77 -3.02
C VAL A 403 15.93 45.53 -3.88
N VAL A 404 17.07 45.34 -4.52
CA VAL A 404 17.21 44.20 -5.41
C VAL A 404 18.45 43.40 -5.04
N GLY A 405 18.34 42.09 -5.14
CA GLY A 405 19.51 41.28 -4.97
C GLY A 405 19.26 39.86 -5.38
N ARG A 406 20.28 39.03 -5.21
CA ARG A 406 20.13 37.60 -5.32
C ARG A 406 19.96 36.99 -3.92
N ALA A 407 19.28 35.84 -3.84
CA ALA A 407 19.13 35.11 -2.57
C ALA A 407 18.98 33.64 -2.90
N ARG A 408 18.86 32.78 -1.88
CA ARG A 408 18.56 31.38 -2.11
C ARG A 408 17.39 30.98 -1.21
N LEU A 409 16.53 30.16 -1.75
CA LEU A 409 15.35 29.68 -1.03
C LEU A 409 15.53 28.19 -0.84
N GLY A 410 15.92 27.76 0.36
CA GLY A 410 16.18 26.34 0.60
C GLY A 410 17.22 25.80 -0.39
N GLY A 411 18.14 26.66 -0.82
CA GLY A 411 19.13 26.29 -1.84
C GLY A 411 18.88 26.79 -3.26
N ILE A 412 17.65 27.20 -3.59
CA ILE A 412 17.33 27.61 -4.97
C ILE A 412 17.67 29.06 -5.14
N PRO A 413 18.56 29.38 -6.08
CA PRO A 413 18.91 30.79 -6.27
C PRO A 413 17.82 31.49 -7.07
N LEU A 414 17.60 32.77 -6.78
CA LEU A 414 16.56 33.52 -7.47
C LEU A 414 16.88 35.00 -7.33
N GLY A 415 16.29 35.83 -8.21
CA GLY A 415 16.40 37.29 -8.04
C GLY A 415 15.32 37.75 -7.08
N VAL A 416 15.58 38.78 -6.29
CA VAL A 416 14.60 39.20 -5.33
C VAL A 416 14.42 40.69 -5.43
N ILE A 417 13.17 41.13 -5.47
CA ILE A 417 12.90 42.57 -5.38
C ILE A 417 11.95 42.86 -4.20
N GLY A 418 12.33 43.83 -3.36
CA GLY A 418 11.50 44.26 -2.26
C GLY A 418 11.35 45.77 -2.20
N VAL A 419 10.48 46.22 -1.31
CA VAL A 419 10.17 47.64 -1.25
C VAL A 419 10.68 48.23 0.05
N GLU A 420 11.53 49.22 -0.08
CA GLU A 420 12.01 49.99 1.07
C GLU A 420 10.87 50.86 1.60
N THR A 421 10.43 50.57 2.83
CA THR A 421 9.34 51.33 3.45
C THR A 421 9.75 52.68 4.05
N ARG A 422 11.02 52.91 4.33
CA ARG A 422 11.46 54.19 4.88
C ARG A 422 11.69 55.26 3.81
N THR A 423 11.39 56.50 4.16
CA THR A 423 11.62 57.60 3.25
C THR A 423 13.09 57.65 2.91
N VAL A 424 13.40 57.85 1.63
CA VAL A 424 14.77 57.97 1.19
C VAL A 424 15.09 59.44 1.00
N GLU A 425 16.26 59.84 1.46
CA GLU A 425 16.71 61.22 1.33
C GLU A 425 17.80 61.22 0.29
N ASN A 426 17.44 61.63 -0.93
CA ASN A 426 18.35 61.58 -2.06
C ASN A 426 19.05 62.95 -2.25
N LEU A 427 20.35 62.98 -1.98
CA LEU A 427 21.15 64.20 -2.11
C LEU A 427 21.81 64.35 -3.49
N ILE A 428 21.26 65.26 -4.31
CA ILE A 428 21.87 65.59 -5.60
C ILE A 428 22.85 66.75 -5.42
N PRO A 429 24.14 66.52 -5.71
CA PRO A 429 25.11 67.63 -5.54
C PRO A 429 25.01 68.65 -6.67
N ALA A 430 25.60 69.84 -6.47
CA ALA A 430 25.61 70.89 -7.49
C ALA A 430 26.61 70.55 -8.60
N ASP A 431 26.34 70.93 -9.85
CA ASP A 431 27.43 70.82 -10.85
C ASP A 431 28.26 72.09 -10.87
N PRO A 432 29.58 71.93 -10.75
CA PRO A 432 30.50 73.06 -10.67
C PRO A 432 30.59 73.81 -11.99
N ALA A 433 29.80 73.38 -12.97
CA ALA A 433 29.76 74.04 -14.28
C ALA A 433 28.68 75.13 -14.33
N ASN A 434 27.74 75.10 -13.39
CA ASN A 434 26.72 76.14 -13.28
C ASN A 434 27.14 77.10 -12.17
N PRO A 435 27.46 78.36 -12.53
CA PRO A 435 28.24 79.30 -11.70
C PRO A 435 27.88 79.17 -10.23
N ASN A 436 26.58 79.19 -9.91
CA ASN A 436 26.10 78.70 -8.62
C ASN A 436 24.67 78.13 -8.69
N SER A 437 24.59 76.84 -9.04
CA SER A 437 23.44 76.01 -8.71
C SER A 437 23.84 75.36 -7.39
N ALA A 438 22.86 74.85 -6.65
CA ALA A 438 23.15 74.31 -5.33
C ALA A 438 22.77 72.83 -5.20
N GLU A 439 23.43 72.17 -4.25
CA GLU A 439 22.97 70.89 -3.69
C GLU A 439 21.47 70.89 -3.46
N THR A 440 20.81 69.82 -3.91
CA THR A 440 19.37 69.71 -3.79
C THR A 440 18.96 68.37 -3.17
N LEU A 441 18.06 68.42 -2.20
CA LEU A 441 17.67 67.22 -1.50
C LEU A 441 16.32 66.73 -1.99
N ILE A 442 16.27 65.51 -2.49
CA ILE A 442 15.00 64.94 -2.91
C ILE A 442 14.48 63.96 -1.85
N GLN A 443 13.24 64.15 -1.46
CA GLN A 443 12.59 63.21 -0.56
C GLN A 443 11.79 62.19 -1.34
N GLU A 444 12.06 60.91 -1.11
CA GLU A 444 11.39 59.84 -1.84
C GLU A 444 10.60 58.98 -0.85
N PRO A 445 9.28 59.25 -0.70
CA PRO A 445 8.49 58.52 0.29
C PRO A 445 8.46 57.04 -0.02
N GLY A 446 8.31 56.23 1.02
CA GLY A 446 8.41 54.79 0.90
C GLY A 446 7.21 54.24 0.15
N GLN A 447 7.41 53.10 -0.50
CA GLN A 447 6.31 52.40 -1.15
C GLN A 447 5.70 53.18 -2.34
N VAL A 448 6.48 54.09 -2.92
CA VAL A 448 6.06 54.86 -4.10
C VAL A 448 7.09 54.68 -5.19
N TRP A 449 6.65 54.26 -6.38
CA TRP A 449 7.52 54.19 -7.54
C TRP A 449 7.73 55.59 -8.07
N HIS A 450 8.98 56.02 -8.08
CA HIS A 450 9.43 57.19 -8.80
C HIS A 450 10.14 56.75 -10.12
N PRO A 451 10.41 57.71 -11.02
CA PRO A 451 11.09 57.29 -12.24
C PRO A 451 12.33 56.43 -11.96
N ASN A 452 13.17 56.87 -11.01
CA ASN A 452 14.43 56.15 -10.73
C ASN A 452 14.20 54.73 -10.21
N SER A 453 13.27 54.56 -9.28
CA SER A 453 13.00 53.21 -8.74
C SER A 453 12.23 52.34 -9.71
N ALA A 454 11.41 52.92 -10.57
CA ALA A 454 10.77 52.15 -11.65
C ALA A 454 11.82 51.60 -12.64
N PHE A 455 12.76 52.47 -13.04
CA PHE A 455 13.88 52.11 -13.92
C PHE A 455 14.71 50.97 -13.27
N LYS A 456 14.96 51.11 -11.97
CA LYS A 456 15.77 50.15 -11.26
C LYS A 456 15.08 48.79 -11.22
N THR A 457 13.78 48.82 -10.98
CA THR A 457 12.96 47.60 -10.99
C THR A 457 13.02 46.88 -12.36
N ALA A 458 12.80 47.64 -13.44
CA ALA A 458 12.86 47.07 -14.79
C ALA A 458 14.27 46.55 -15.08
N GLN A 459 15.28 47.31 -14.65
CA GLN A 459 16.66 46.92 -14.86
C GLN A 459 16.96 45.59 -14.17
N ALA A 460 16.52 45.47 -12.91
CA ALA A 460 16.71 44.24 -12.14
C ALA A 460 16.07 43.04 -12.81
N ILE A 461 14.84 43.21 -13.25
CA ILE A 461 14.10 42.17 -13.94
C ILE A 461 14.89 41.72 -15.19
N ASN A 462 15.40 42.68 -15.94
CA ASN A 462 16.19 42.34 -17.13
C ASN A 462 17.48 41.63 -16.79
N ASP A 463 18.20 42.12 -15.78
CA ASP A 463 19.46 41.55 -15.38
C ASP A 463 19.27 40.14 -14.77
N PHE A 464 18.13 39.87 -14.13
CA PHE A 464 17.89 38.51 -13.63
C PHE A 464 17.64 37.59 -14.83
N ASN A 465 16.98 38.10 -15.88
CA ASN A 465 16.49 37.25 -16.97
C ASN A 465 17.62 36.90 -17.95
N ASN A 466 18.26 37.92 -18.46
CA ASN A 466 19.34 37.81 -19.42
C ASN A 466 20.58 37.01 -19.01
N GLY A 467 21.36 37.35 -18.05
CA GLY A 467 22.47 36.25 -18.22
C GLY A 467 22.41 35.21 -17.12
N GLU A 468 21.82 35.69 -16.04
CA GLU A 468 21.65 34.97 -14.83
C GLU A 468 20.62 33.85 -15.07
N GLN A 469 19.62 34.11 -15.90
CA GLN A 469 18.56 33.15 -16.19
C GLN A 469 17.90 32.65 -14.88
N LEU A 470 17.68 33.57 -13.97
CA LEU A 470 17.09 33.26 -12.67
C LEU A 470 15.56 33.33 -12.63
N PRO A 471 14.91 32.51 -11.75
CA PRO A 471 13.52 32.76 -11.35
C PRO A 471 13.54 33.98 -10.47
N MET A 472 12.38 34.55 -10.15
CA MET A 472 12.37 35.81 -9.48
C MET A 472 11.21 35.83 -8.49
N MET A 473 11.42 36.45 -7.34
CA MET A 473 10.28 36.76 -6.49
C MET A 473 10.23 38.24 -6.27
N ILE A 474 9.03 38.81 -6.42
CA ILE A 474 8.87 40.21 -6.09
C ILE A 474 7.93 40.34 -4.88
N LEU A 475 8.43 40.94 -3.82
CA LEU A 475 7.66 41.13 -2.59
C LEU A 475 6.89 42.44 -2.75
N ALA A 476 5.84 42.41 -3.57
CA ALA A 476 5.26 43.65 -4.07
C ALA A 476 4.47 44.41 -2.98
N ASN A 477 4.80 45.69 -2.78
CA ASN A 477 4.33 46.44 -1.64
C ASN A 477 4.38 47.93 -1.95
N TRP A 478 3.78 48.31 -3.08
CA TRP A 478 3.82 49.70 -3.53
C TRP A 478 2.43 50.27 -3.43
N ARG A 479 2.37 51.52 -3.00
CA ARG A 479 1.09 52.24 -2.87
C ARG A 479 0.70 52.96 -4.15
N GLY A 480 1.60 52.96 -5.15
CA GLY A 480 1.31 53.49 -6.48
C GLY A 480 2.52 54.17 -7.12
N PHE A 481 2.37 54.59 -8.36
CA PHE A 481 3.34 55.48 -9.00
C PHE A 481 3.12 56.92 -8.55
N SER A 482 4.17 57.72 -8.42
CA SER A 482 4.01 59.16 -8.15
C SER A 482 3.49 59.88 -9.39
N GLY A 483 2.42 60.67 -9.21
CA GLY A 483 1.71 61.36 -10.29
C GLY A 483 1.84 62.87 -10.23
N GLY A 484 2.76 63.36 -9.40
CA GLY A 484 2.98 64.78 -9.25
C GLY A 484 3.70 65.38 -10.43
N GLN A 485 3.77 66.70 -10.49
CA GLN A 485 4.32 67.34 -11.67
C GLN A 485 5.74 66.90 -12.00
N ARG A 486 6.62 66.97 -10.99
CA ARG A 486 8.01 66.68 -11.22
C ARG A 486 8.23 65.26 -11.78
N ASP A 487 7.63 64.26 -11.14
CA ASP A 487 7.80 62.89 -11.59
C ASP A 487 7.14 62.63 -12.95
N MET A 488 6.01 63.29 -13.24
CA MET A 488 5.38 63.16 -14.57
C MET A 488 6.26 63.78 -15.63
N PHE A 489 6.75 64.99 -15.34
CA PHE A 489 7.73 65.65 -16.20
C PHE A 489 8.97 64.79 -16.43
N ASN A 490 9.44 64.11 -15.39
CA ASN A 490 10.64 63.26 -15.46
C ASN A 490 10.30 61.85 -15.95
N GLU A 491 9.12 61.70 -16.56
CA GLU A 491 8.84 60.59 -17.51
C GLU A 491 8.58 59.25 -16.80
N VAL A 492 7.93 59.33 -15.64
CA VAL A 492 7.54 58.15 -14.91
C VAL A 492 6.73 57.19 -15.74
N LEU A 493 5.99 57.70 -16.74
CA LEU A 493 5.24 56.78 -17.60
C LEU A 493 6.16 55.85 -18.37
N LYS A 494 7.32 56.35 -18.75
CA LYS A 494 8.24 55.59 -19.63
C LYS A 494 8.88 54.50 -18.79
N TYR A 495 9.35 54.86 -17.59
CA TYR A 495 10.07 53.91 -16.75
C TYR A 495 9.18 52.80 -16.23
N GLY A 496 7.96 53.19 -15.85
CA GLY A 496 6.95 52.24 -15.44
C GLY A 496 6.63 51.27 -16.56
N SER A 497 6.58 51.75 -17.79
CA SER A 497 6.34 50.86 -18.92
C SER A 497 7.50 49.90 -19.17
N PHE A 498 8.74 50.31 -18.84
CA PHE A 498 9.90 49.40 -18.92
C PHE A 498 9.66 48.10 -18.13
N ILE A 499 8.90 48.19 -17.03
CA ILE A 499 8.67 47.06 -16.13
C ILE A 499 7.82 46.03 -16.84
N VAL A 500 6.71 46.47 -17.44
CA VAL A 500 5.83 45.60 -18.18
C VAL A 500 6.64 44.90 -19.26
N ASP A 501 7.51 45.63 -19.97
CA ASP A 501 8.27 45.07 -21.10
C ASP A 501 9.22 44.01 -20.57
N ALA A 502 9.84 44.27 -19.43
CA ALA A 502 10.77 43.32 -18.82
C ALA A 502 10.08 42.03 -18.42
N LEU A 503 8.87 42.14 -17.89
CA LEU A 503 8.06 40.96 -17.47
C LEU A 503 7.60 40.14 -18.67
N VAL A 504 7.12 40.81 -19.72
CA VAL A 504 6.75 40.11 -20.96
C VAL A 504 7.91 39.22 -21.47
N ASP A 505 9.12 39.72 -21.36
CA ASP A 505 10.30 39.03 -21.86
C ASP A 505 10.86 37.92 -20.96
N TYR A 506 10.32 37.80 -19.73
CA TYR A 506 10.90 36.95 -18.68
C TYR A 506 10.72 35.46 -19.02
N LYS A 507 11.74 34.64 -18.78
CA LYS A 507 11.73 33.26 -19.28
C LYS A 507 11.74 32.18 -18.20
N GLN A 508 11.75 32.59 -16.94
CA GLN A 508 11.79 31.70 -15.78
C GLN A 508 10.60 32.02 -14.85
N PRO A 509 10.22 31.06 -13.98
CA PRO A 509 9.12 31.27 -13.02
C PRO A 509 9.25 32.56 -12.24
N ILE A 510 8.12 33.23 -12.06
CA ILE A 510 8.09 34.45 -11.27
C ILE A 510 7.01 34.26 -10.19
N ILE A 511 7.30 34.73 -8.99
CA ILE A 511 6.30 34.77 -7.94
C ILE A 511 6.15 36.24 -7.54
N ILE A 512 4.91 36.72 -7.53
CA ILE A 512 4.64 38.02 -6.95
C ILE A 512 3.89 37.74 -5.62
N TYR A 513 4.34 38.39 -4.55
CA TYR A 513 3.76 38.07 -3.27
C TYR A 513 3.59 39.32 -2.47
N ILE A 514 2.35 39.70 -2.18
CA ILE A 514 2.13 40.88 -1.32
C ILE A 514 2.27 40.43 0.13
N PRO A 515 3.28 40.93 0.84
CA PRO A 515 3.61 40.51 2.21
C PRO A 515 2.64 41.01 3.27
N PRO A 516 2.75 40.50 4.51
CA PRO A 516 1.86 40.98 5.59
C PRO A 516 2.18 42.46 5.89
N THR A 517 1.15 43.23 6.21
CA THR A 517 1.22 44.69 6.36
C THR A 517 1.40 45.37 5.02
N GLY A 518 1.52 44.60 3.93
CA GLY A 518 1.80 45.19 2.65
C GLY A 518 0.56 45.46 1.85
N GLU A 519 0.74 46.20 0.76
CA GLU A 519 -0.39 46.48 -0.10
C GLU A 519 0.04 46.68 -1.53
N LEU A 520 -0.90 46.49 -2.44
CA LEU A 520 -0.67 46.77 -3.84
C LEU A 520 -1.89 47.54 -4.33
N ARG A 521 -1.68 48.79 -4.72
CA ARG A 521 -2.76 49.72 -5.07
C ARG A 521 -2.69 50.12 -6.54
N GLY A 522 -3.81 50.13 -7.24
CA GLY A 522 -3.94 50.78 -8.53
C GLY A 522 -2.88 50.34 -9.52
N GLY A 523 -2.32 51.32 -10.22
CA GLY A 523 -1.24 51.10 -11.17
C GLY A 523 -0.12 50.22 -10.68
N SER A 524 0.18 50.25 -9.37
CA SER A 524 1.30 49.45 -8.92
C SER A 524 1.00 47.96 -8.95
N TRP A 525 -0.28 47.58 -8.84
CA TRP A 525 -0.67 46.19 -9.05
C TRP A 525 -0.54 45.84 -10.53
N VAL A 526 -1.06 46.73 -11.37
CA VAL A 526 -1.20 46.51 -12.79
C VAL A 526 0.10 46.04 -13.40
N VAL A 527 1.17 46.74 -13.06
CA VAL A 527 2.47 46.57 -13.66
C VAL A 527 3.12 45.20 -13.31
N VAL A 528 2.44 44.46 -12.43
CA VAL A 528 3.01 43.27 -11.90
C VAL A 528 1.94 42.16 -11.94
N ASP A 529 0.86 42.40 -12.68
CA ASP A 529 -0.23 41.45 -12.71
C ASP A 529 0.17 40.24 -13.53
N PRO A 530 -0.20 39.02 -13.09
CA PRO A 530 0.33 37.87 -13.80
C PRO A 530 -0.21 37.68 -15.23
N THR A 531 -1.27 38.40 -15.60
CA THR A 531 -1.75 38.31 -16.98
C THR A 531 -0.76 39.04 -17.94
N ILE A 532 0.18 39.80 -17.41
CA ILE A 532 1.24 40.32 -18.25
C ILE A 532 2.05 39.18 -18.91
N ASN A 533 2.37 38.12 -18.15
CA ASN A 533 3.13 36.98 -18.70
C ASN A 533 2.60 35.75 -17.93
N ALA A 534 1.48 35.21 -18.41
CA ALA A 534 0.81 34.14 -17.72
C ALA A 534 1.61 32.84 -17.76
N ASP A 535 2.52 32.71 -18.71
CA ASP A 535 3.34 31.52 -18.81
C ASP A 535 4.28 31.42 -17.60
N GLN A 536 4.67 32.54 -17.03
CA GLN A 536 5.71 32.51 -16.01
C GLN A 536 5.30 33.06 -14.65
N MET A 537 4.25 33.88 -14.60
CA MET A 537 3.98 34.68 -13.44
C MET A 537 2.85 34.11 -12.60
N GLU A 538 3.04 34.13 -11.29
CA GLU A 538 1.95 33.79 -10.38
C GLU A 538 1.87 34.80 -9.27
N MET A 539 0.68 35.14 -8.84
CA MET A 539 0.56 36.15 -7.78
C MET A 539 -0.01 35.57 -6.49
N TYR A 540 0.52 36.02 -5.37
CA TYR A 540 0.04 35.59 -4.07
C TYR A 540 -0.13 36.79 -3.15
N ALA A 541 -1.03 36.66 -2.19
CA ALA A 541 -1.28 37.71 -1.23
C ALA A 541 -1.34 37.13 0.19
N ASP A 542 -0.61 37.76 1.10
CA ASP A 542 -0.69 37.39 2.49
C ASP A 542 -2.09 37.64 3.04
N VAL A 543 -2.49 36.86 4.04
CA VAL A 543 -3.81 37.08 4.68
C VAL A 543 -3.88 38.46 5.34
N ASN A 544 -2.72 39.03 5.67
CA ASN A 544 -2.67 40.37 6.18
C ASN A 544 -2.16 41.41 5.15
N ALA A 545 -2.45 41.16 3.87
CA ALA A 545 -2.14 42.17 2.86
C ALA A 545 -3.44 42.89 2.50
N ARG A 546 -3.30 43.98 1.76
CA ARG A 546 -4.42 44.77 1.23
C ARG A 546 -4.21 45.06 -0.26
N ALA A 547 -5.30 45.16 -1.02
CA ALA A 547 -5.24 45.60 -2.41
C ALA A 547 -6.59 46.04 -2.94
N GLY A 548 -6.54 47.02 -3.83
CA GLY A 548 -7.70 47.51 -4.56
C GLY A 548 -7.20 48.68 -5.39
N VAL A 549 -8.12 49.30 -6.13
CA VAL A 549 -7.77 50.42 -7.00
C VAL A 549 -7.29 51.62 -6.19
N LEU A 550 -7.92 51.86 -5.04
CA LEU A 550 -7.54 52.95 -4.15
C LEU A 550 -7.45 52.50 -2.69
N GLU A 551 -6.66 53.22 -1.93
CA GLU A 551 -6.69 53.14 -0.47
C GLU A 551 -8.08 53.56 0.06
N PRO A 552 -8.44 53.10 1.27
CA PRO A 552 -9.72 53.52 1.87
C PRO A 552 -10.01 55.03 1.86
N GLN A 553 -9.03 55.85 2.28
CA GLN A 553 -9.18 57.31 2.25
C GLN A 553 -9.60 57.81 0.87
N GLY A 554 -8.92 57.35 -0.19
CA GLY A 554 -9.24 57.76 -1.56
C GLY A 554 -10.60 57.25 -2.00
N MET A 555 -10.93 56.02 -1.61
CA MET A 555 -12.20 55.41 -1.96
C MET A 555 -13.39 56.15 -1.32
N VAL A 556 -13.24 56.49 -0.05
CA VAL A 556 -14.28 57.19 0.71
C VAL A 556 -14.61 58.56 0.07
N GLY A 557 -13.55 59.30 -0.29
CA GLY A 557 -13.67 60.59 -0.97
C GLY A 557 -14.49 60.59 -2.26
N ILE A 558 -14.71 59.42 -2.83
CA ILE A 558 -15.46 59.33 -4.08
C ILE A 558 -16.81 58.65 -3.88
N LYS A 559 -16.84 57.60 -3.06
CA LYS A 559 -18.00 56.71 -2.99
C LYS A 559 -18.67 56.61 -1.61
N PHE A 560 -18.13 57.31 -0.60
CA PHE A 560 -18.80 57.42 0.71
C PHE A 560 -18.75 58.86 1.21
N ARG A 561 -19.35 59.75 0.41
CA ARG A 561 -19.40 61.20 0.66
C ARG A 561 -20.37 61.57 1.79
N ARG A 562 -20.40 62.86 2.15
CA ARG A 562 -21.22 63.33 3.27
C ARG A 562 -22.69 62.95 3.19
N GLU A 563 -23.28 63.02 2.00
CA GLU A 563 -24.65 62.55 1.82
C GLU A 563 -24.85 61.13 2.37
N LYS A 564 -24.01 60.20 1.91
CA LYS A 564 -24.08 58.78 2.31
C LYS A 564 -23.77 58.58 3.79
N LEU A 565 -22.84 59.36 4.33
CA LEU A 565 -22.54 59.34 5.75
C LEU A 565 -23.79 59.67 6.60
N LEU A 566 -24.42 60.81 6.29
CA LEU A 566 -25.58 61.30 7.05
C LEU A 566 -26.75 60.34 6.94
N ASP A 567 -27.00 59.83 5.73
CA ASP A 567 -27.98 58.74 5.52
C ASP A 567 -27.73 57.57 6.47
N THR A 568 -26.47 57.36 6.83
CA THR A 568 -26.08 56.22 7.65
C THR A 568 -26.17 56.54 9.15
N MET A 569 -25.94 57.80 9.52
CA MET A 569 -26.33 58.31 10.84
C MET A 569 -27.85 58.20 10.99
N ASN A 570 -28.56 58.69 9.99
CA ASN A 570 -30.01 58.60 9.88
C ASN A 570 -30.52 57.15 10.03
N ARG A 571 -29.64 56.19 9.82
CA ARG A 571 -30.06 54.79 9.81
C ARG A 571 -29.74 54.07 11.12
N LEU A 572 -28.75 54.56 11.88
CA LEU A 572 -28.42 53.92 13.16
C LEU A 572 -27.92 54.80 14.31
N ASP A 573 -28.22 56.10 14.22
CA ASP A 573 -28.27 56.97 15.41
C ASP A 573 -29.76 57.28 15.63
N ASP A 574 -30.30 56.88 16.78
CA ASP A 574 -31.73 57.08 17.11
C ASP A 574 -32.07 58.57 17.18
N LYS A 575 -31.17 59.34 17.76
CA LYS A 575 -31.27 60.80 17.80
C LYS A 575 -31.46 61.44 16.41
N TYR A 576 -30.70 60.96 15.42
CA TYR A 576 -30.73 61.48 14.05
C TYR A 576 -32.02 61.08 13.30
N ARG A 605 -23.88 65.77 14.51
CA ARG A 605 -22.72 66.00 13.65
C ARG A 605 -21.44 66.32 14.44
N GLU A 606 -21.33 65.73 15.63
CA GLU A 606 -20.04 65.48 16.25
C GLU A 606 -19.91 63.96 16.17
N LEU A 607 -20.69 63.40 15.26
CA LEU A 607 -20.62 61.97 14.91
C LEU A 607 -19.68 61.73 13.73
N LEU A 608 -19.49 62.77 12.90
CA LEU A 608 -18.61 62.69 11.73
C LEU A 608 -17.31 61.92 11.95
N PRO A 609 -16.48 62.33 12.94
CA PRO A 609 -15.21 61.64 13.17
C PRO A 609 -15.32 60.11 13.20
N ILE A 610 -16.22 59.58 14.02
CA ILE A 610 -16.37 58.12 14.14
C ILE A 610 -17.06 57.52 12.92
N TYR A 611 -17.94 58.28 12.30
CA TYR A 611 -18.68 57.77 11.14
C TYR A 611 -17.80 57.70 9.88
N GLY A 612 -16.83 58.61 9.78
CA GLY A 612 -15.78 58.56 8.76
C GLY A 612 -14.99 57.29 8.93
N GLN A 613 -14.50 57.05 10.16
CA GLN A 613 -13.82 55.81 10.53
C GLN A 613 -14.60 54.60 10.11
N ILE A 614 -15.92 54.67 10.25
CA ILE A 614 -16.78 53.55 9.90
C ILE A 614 -16.74 53.32 8.38
N SER A 615 -16.74 54.41 7.60
CA SER A 615 -16.75 54.31 6.15
C SER A 615 -15.40 53.75 5.65
N LEU A 616 -14.31 54.22 6.26
CA LEU A 616 -12.95 53.75 6.02
C LEU A 616 -12.83 52.24 6.26
N GLN A 617 -13.47 51.76 7.32
CA GLN A 617 -13.47 50.34 7.64
C GLN A 617 -14.32 49.59 6.63
N PHE A 618 -15.40 50.22 6.23
CA PHE A 618 -16.29 49.65 5.20
C PHE A 618 -15.49 49.42 3.88
N ALA A 619 -14.66 50.38 3.50
CA ALA A 619 -13.81 50.25 2.31
C ALA A 619 -12.75 49.17 2.48
N ASP A 620 -12.04 49.22 3.60
CA ASP A 620 -10.99 48.27 3.91
C ASP A 620 -11.48 46.83 3.80
N LEU A 621 -12.74 46.60 4.12
CA LEU A 621 -13.27 45.24 4.07
C LEU A 621 -13.35 44.69 2.67
N HIS A 622 -13.32 45.56 1.66
CA HIS A 622 -13.29 45.08 0.26
C HIS A 622 -11.88 44.69 -0.16
N ASP A 623 -10.86 45.20 0.51
CA ASP A 623 -9.48 45.15 0.03
C ASP A 623 -8.70 43.91 0.50
N ARG A 624 -9.40 42.86 0.91
CA ARG A 624 -8.78 41.75 1.63
C ARG A 624 -8.44 40.61 0.68
N SER A 625 -7.50 39.76 1.09
CA SER A 625 -7.09 38.64 0.26
C SER A 625 -8.23 37.68 -0.03
N SER A 626 -9.18 37.59 0.90
CA SER A 626 -10.40 36.81 0.63
C SER A 626 -11.15 37.31 -0.60
N ARG A 627 -11.20 38.64 -0.85
CA ARG A 627 -11.86 39.13 -2.08
C ARG A 627 -11.03 38.77 -3.33
N MET A 628 -9.71 38.90 -3.19
CA MET A 628 -8.78 38.50 -4.23
C MET A 628 -8.99 37.07 -4.69
N VAL A 629 -9.15 36.16 -3.74
CA VAL A 629 -9.41 34.75 -4.05
C VAL A 629 -10.78 34.57 -4.71
N ALA A 630 -11.77 35.27 -4.16
CA ALA A 630 -13.13 35.16 -4.69
C ALA A 630 -13.18 35.64 -6.14
N LYS A 631 -12.41 36.68 -6.45
CA LYS A 631 -12.41 37.22 -7.81
C LYS A 631 -11.46 36.48 -8.74
N GLY A 632 -10.65 35.57 -8.19
CA GLY A 632 -9.77 34.75 -9.00
C GLY A 632 -8.51 35.48 -9.49
N VAL A 633 -8.06 36.51 -8.78
CA VAL A 633 -6.92 37.31 -9.25
C VAL A 633 -5.56 36.91 -8.63
N ILE A 634 -5.57 36.02 -7.66
CA ILE A 634 -4.34 35.49 -7.07
C ILE A 634 -4.40 33.97 -7.11
N SER A 635 -3.25 33.30 -7.07
CA SER A 635 -3.24 31.86 -7.03
C SER A 635 -3.69 31.33 -5.65
N LYS A 636 -3.25 32.01 -4.59
CA LYS A 636 -3.55 31.62 -3.21
C LYS A 636 -3.33 32.78 -2.25
N GLU A 637 -4.07 32.79 -1.15
CA GLU A 637 -3.72 33.64 -0.04
C GLU A 637 -2.83 32.81 0.89
N LEU A 638 -1.83 33.44 1.49
CA LEU A 638 -0.84 32.73 2.29
C LEU A 638 -0.64 33.37 3.67
N GLU A 639 -0.04 32.59 4.56
CA GLU A 639 0.42 33.10 5.83
C GLU A 639 1.91 33.21 5.79
N TRP A 640 2.39 34.39 6.13
CA TRP A 640 3.78 34.72 6.14
C TRP A 640 4.71 33.66 6.79
N THR A 641 4.36 33.18 8.00
CA THR A 641 5.26 32.28 8.73
C THR A 641 5.43 30.98 7.98
N GLU A 642 4.44 30.63 7.16
CA GLU A 642 4.49 29.41 6.35
C GLU A 642 4.98 29.62 4.88
N ALA A 643 5.38 30.84 4.52
CA ALA A 643 5.71 31.20 3.13
C ALA A 643 6.95 30.50 2.57
N ARG A 644 7.96 30.37 3.42
CA ARG A 644 9.21 29.76 3.02
C ARG A 644 8.94 28.31 2.63
N ARG A 645 8.22 27.58 3.47
CA ARG A 645 7.85 26.21 3.09
C ARG A 645 7.04 26.16 1.82
N PHE A 646 6.02 27.00 1.75
CA PHE A 646 5.16 26.98 0.61
C PHE A 646 5.94 27.30 -0.71
N PHE A 647 6.69 28.40 -0.71
CA PHE A 647 7.38 28.87 -1.91
C PHE A 647 8.50 27.96 -2.36
N PHE A 648 9.21 27.38 -1.38
CA PHE A 648 10.24 26.39 -1.71
C PHE A 648 9.71 25.27 -2.59
N TRP A 649 8.64 24.60 -2.16
CA TRP A 649 8.11 23.47 -2.95
C TRP A 649 7.36 23.93 -4.19
N ARG A 650 6.78 25.13 -4.16
CA ARG A 650 6.09 25.64 -5.33
C ARG A 650 7.14 25.94 -6.41
N LEU A 651 8.20 26.63 -6.03
CA LEU A 651 9.30 26.90 -6.97
C LEU A 651 9.96 25.62 -7.50
N ARG A 652 10.27 24.71 -6.59
CA ARG A 652 10.93 23.45 -6.95
C ARG A 652 10.03 22.68 -7.91
N ARG A 653 8.75 22.66 -7.64
CA ARG A 653 7.83 21.98 -8.55
C ARG A 653 7.74 22.72 -9.90
N ARG A 654 7.75 24.05 -9.86
CA ARG A 654 7.79 24.79 -11.15
C ARG A 654 9.07 24.56 -11.95
N LEU A 655 10.21 24.49 -11.27
CA LEU A 655 11.45 24.25 -12.00
C LEU A 655 11.36 22.92 -12.72
N ASN A 656 10.78 21.92 -12.06
CA ASN A 656 10.64 20.60 -12.66
C ASN A 656 9.68 20.57 -13.82
N GLU A 657 8.51 21.19 -13.68
CA GLU A 657 7.56 21.18 -14.79
C GLU A 657 8.06 22.00 -16.00
N GLU A 658 8.72 23.15 -15.73
CA GLU A 658 9.31 23.96 -16.79
C GLU A 658 10.27 23.12 -17.61
N TYR A 659 11.14 22.38 -16.90
CA TYR A 659 12.10 21.50 -17.54
C TYR A 659 11.42 20.52 -18.48
N LEU A 660 10.29 19.97 -18.07
CA LEU A 660 9.62 18.99 -18.90
C LEU A 660 8.93 19.66 -20.10
N ILE A 661 8.43 20.88 -19.88
CA ILE A 661 7.75 21.65 -20.92
C ILE A 661 8.74 21.92 -22.04
N LYS A 662 9.94 22.36 -21.66
CA LYS A 662 11.02 22.57 -22.61
C LYS A 662 11.48 21.32 -23.35
N ARG A 663 11.58 20.18 -22.68
CA ARG A 663 11.91 18.94 -23.37
C ARG A 663 10.86 18.61 -24.41
N LEU A 664 9.61 18.92 -24.08
CA LEU A 664 8.52 18.60 -24.95
C LEU A 664 8.52 19.53 -26.16
N SER A 665 8.94 20.77 -25.95
CA SER A 665 9.03 21.77 -27.00
C SER A 665 10.10 21.44 -28.05
N HIS A 666 11.07 20.59 -27.67
CA HIS A 666 12.16 20.21 -28.56
C HIS A 666 11.84 19.01 -29.47
N GLN A 667 10.59 18.55 -29.43
CA GLN A 667 10.07 17.54 -30.36
C GLN A 667 9.83 18.22 -31.73
N VAL A 668 9.27 17.51 -32.71
CA VAL A 668 9.09 18.09 -34.08
C VAL A 668 7.79 18.92 -34.31
N GLY A 669 6.63 18.37 -33.93
CA GLY A 669 5.33 19.08 -34.13
C GLY A 669 4.80 19.78 -32.88
N GLU A 670 4.94 21.12 -32.84
CA GLU A 670 4.70 21.90 -31.59
C GLU A 670 3.34 22.57 -31.36
N ALA A 671 3.10 22.95 -30.10
CA ALA A 671 1.77 23.29 -29.62
C ALA A 671 1.79 24.37 -28.54
N SER A 672 0.61 24.70 -28.03
CA SER A 672 0.48 25.70 -26.98
C SER A 672 1.04 25.23 -25.63
N ARG A 673 1.22 26.19 -24.74
CA ARG A 673 1.62 25.93 -23.38
C ARG A 673 0.60 25.07 -22.66
N LEU A 674 -0.68 25.37 -22.87
CA LEU A 674 -1.79 24.61 -22.30
C LEU A 674 -1.69 23.14 -22.68
N GLU A 675 -1.43 22.88 -23.96
CA GLU A 675 -1.37 21.53 -24.48
C GLU A 675 -0.18 20.74 -23.97
N LYS A 676 0.93 21.43 -23.76
CA LYS A 676 2.17 20.80 -23.36
C LYS A 676 2.11 20.42 -21.87
N ILE A 677 1.76 21.39 -21.04
CA ILE A 677 1.64 21.15 -19.62
C ILE A 677 0.57 20.10 -19.29
N ALA A 678 -0.52 20.08 -20.09
CA ALA A 678 -1.57 19.09 -19.91
C ALA A 678 -1.10 17.68 -20.22
N ARG A 679 -0.26 17.55 -21.24
CA ARG A 679 0.24 16.26 -21.65
C ARG A 679 1.29 15.70 -20.66
N ILE A 680 2.19 16.59 -20.20
CA ILE A 680 3.15 16.24 -19.17
C ILE A 680 2.39 15.76 -17.91
N ARG A 681 1.38 16.52 -17.50
CA ARG A 681 0.57 16.14 -16.37
C ARG A 681 -0.21 14.84 -16.59
N SER A 682 -0.47 14.49 -17.84
CA SER A 682 -1.15 13.24 -18.11
C SER A 682 -0.20 12.06 -17.87
N TRP A 683 1.10 12.32 -17.73
CA TRP A 683 2.07 11.27 -17.47
C TRP A 683 2.18 10.94 -15.98
N TYR A 684 1.67 11.83 -15.13
CA TYR A 684 1.73 11.61 -13.69
C TYR A 684 0.79 10.45 -13.37
N PRO A 685 1.13 9.63 -12.35
CA PRO A 685 0.20 8.55 -11.95
C PRO A 685 -1.14 9.14 -11.62
N ALA A 686 -2.21 8.40 -11.90
CA ALA A 686 -3.56 8.85 -11.61
C ALA A 686 -3.77 9.36 -10.18
N SER A 687 -3.10 8.77 -9.20
CA SER A 687 -3.34 9.13 -7.82
C SER A 687 -2.61 10.37 -7.39
N VAL A 688 -1.63 10.81 -8.18
CA VAL A 688 -0.92 12.02 -7.82
C VAL A 688 -1.89 13.22 -7.89
N ASP A 689 -1.86 14.06 -6.87
CA ASP A 689 -2.64 15.29 -6.86
C ASP A 689 -1.83 16.40 -7.56
N HIS A 690 -2.31 16.84 -8.73
CA HIS A 690 -1.62 17.86 -9.55
C HIS A 690 -1.39 19.13 -8.77
N GLU A 691 -2.22 19.36 -7.76
CA GLU A 691 -2.10 20.55 -6.92
C GLU A 691 -1.06 20.44 -5.80
N ASP A 692 -0.45 19.27 -5.61
CA ASP A 692 0.46 19.11 -4.44
C ASP A 692 1.88 19.30 -4.92
N ASP A 693 2.45 20.45 -4.60
CA ASP A 693 3.73 20.85 -5.15
C ASP A 693 4.80 19.84 -4.82
N ARG A 694 4.85 19.45 -3.54
CA ARG A 694 5.89 18.55 -3.07
C ARG A 694 5.74 17.18 -3.73
N GLN A 695 4.53 16.70 -3.79
CA GLN A 695 4.30 15.41 -4.38
C GLN A 695 4.72 15.42 -5.85
N VAL A 696 4.28 16.46 -6.57
CA VAL A 696 4.58 16.52 -8.02
C VAL A 696 6.09 16.58 -8.21
N ALA A 697 6.74 17.44 -7.45
CA ALA A 697 8.18 17.58 -7.55
C ALA A 697 8.90 16.25 -7.24
N THR A 698 8.50 15.59 -6.15
CA THR A 698 9.16 14.35 -5.71
C THR A 698 8.98 13.26 -6.75
N TRP A 699 7.78 13.13 -7.32
CA TRP A 699 7.56 12.09 -8.33
C TRP A 699 8.35 12.34 -9.63
N ILE A 700 8.44 13.61 -10.07
CA ILE A 700 9.22 13.93 -11.27
C ILE A 700 10.67 13.58 -11.04
N GLU A 701 11.21 13.94 -9.87
CA GLU A 701 12.63 13.69 -9.63
C GLU A 701 13.00 12.21 -9.51
N GLU A 702 12.05 11.40 -9.03
CA GLU A 702 12.17 9.94 -9.01
C GLU A 702 12.13 9.35 -10.41
N ASN A 703 11.56 10.12 -11.35
CA ASN A 703 11.19 9.59 -12.65
C ASN A 703 11.74 10.28 -13.92
N TYR A 704 12.71 11.18 -13.76
CA TYR A 704 13.33 11.88 -14.88
C TYR A 704 13.67 10.97 -16.08
N LYS A 705 14.35 9.84 -15.82
CA LYS A 705 14.73 8.91 -16.87
C LYS A 705 13.53 8.26 -17.51
N THR A 706 12.55 7.92 -16.68
CA THR A 706 11.34 7.31 -17.18
C THR A 706 10.55 8.30 -18.05
N LEU A 707 10.56 9.55 -17.65
CA LEU A 707 9.93 10.61 -18.46
C LEU A 707 10.74 10.82 -19.75
N ASP A 708 12.06 10.79 -19.65
CA ASP A 708 12.92 10.85 -20.80
C ASP A 708 12.64 9.72 -21.82
N ASP A 709 12.44 8.49 -21.36
CA ASP A 709 12.08 7.38 -22.27
C ASP A 709 10.78 7.69 -22.99
N LYS A 710 9.83 8.27 -22.27
CA LYS A 710 8.54 8.66 -22.83
C LYS A 710 8.70 9.72 -23.92
N LEU A 711 9.67 10.61 -23.74
CA LEU A 711 9.96 11.66 -24.71
C LEU A 711 10.62 11.07 -25.95
N LYS A 712 11.60 10.19 -25.75
CA LYS A 712 12.24 9.46 -26.84
C LYS A 712 11.21 8.79 -27.76
N GLY A 713 10.19 8.18 -27.17
CA GLY A 713 9.16 7.46 -27.93
C GLY A 713 8.17 8.34 -28.65
N LEU A 714 8.16 9.63 -28.30
CA LEU A 714 7.32 10.62 -28.97
C LEU A 714 8.03 11.21 -30.19
N LYS A 715 9.36 11.30 -30.13
CA LYS A 715 10.17 11.70 -31.28
C LYS A 715 10.05 10.66 -32.38
N LEU A 716 10.13 9.38 -32.01
CA LEU A 716 9.94 8.27 -32.94
C LEU A 716 8.46 8.14 -33.34
N GLU A 717 7.76 9.28 -33.34
CA GLU A 717 6.34 9.36 -33.67
C GLU A 717 6.08 10.75 -34.23
N SER A 718 7.15 11.52 -34.38
CA SER A 718 7.09 12.86 -34.97
C SER A 718 7.95 12.99 -36.23
N PHE A 719 7.70 12.08 -37.17
CA PHE A 719 8.04 12.29 -38.58
C PHE A 719 6.75 12.79 -39.27
N ALA A 720 5.63 12.16 -38.93
CA ALA A 720 4.30 12.64 -39.34
C ALA A 720 3.96 13.92 -38.55
N LEU B 5 25.48 6.96 -18.68
CA LEU B 5 24.02 7.24 -18.93
C LEU B 5 23.56 8.47 -18.16
N ARG B 6 22.37 8.98 -18.54
CA ARG B 6 21.75 10.25 -18.09
C ARG B 6 20.44 10.58 -18.85
N PRO B 7 19.55 11.42 -18.25
CA PRO B 7 18.97 12.64 -18.93
C PRO B 7 19.75 13.89 -18.51
N ILE B 8 20.14 14.71 -19.50
CA ILE B 8 21.22 15.72 -19.39
C ILE B 8 21.19 16.71 -18.23
N ALA B 9 20.20 17.60 -18.18
CA ALA B 9 20.40 18.82 -17.38
C ALA B 9 19.18 19.14 -16.55
N THR B 10 18.93 18.35 -15.53
CA THR B 10 17.71 18.49 -14.74
C THR B 10 17.91 19.52 -13.64
N PRO B 11 16.83 20.18 -13.23
CA PRO B 11 16.95 21.11 -12.13
C PRO B 11 17.47 20.45 -10.85
N TYR B 12 17.12 19.18 -10.62
CA TYR B 12 17.60 18.43 -9.43
C TYR B 12 18.23 17.09 -9.81
N PRO B 13 18.91 16.42 -8.86
CA PRO B 13 19.60 15.19 -9.27
C PRO B 13 18.66 14.11 -9.79
N VAL B 14 19.17 13.36 -10.76
CA VAL B 14 18.47 12.24 -11.35
C VAL B 14 18.58 10.99 -10.43
N LYS B 15 17.52 10.73 -9.70
CA LYS B 15 17.49 9.65 -8.72
C LYS B 15 17.66 8.30 -9.38
N GLU B 16 17.11 8.17 -10.58
CA GLU B 16 17.24 6.96 -11.37
C GLU B 16 18.67 6.73 -11.83
N TRP B 17 19.53 7.76 -11.70
CA TRP B 17 20.97 7.67 -12.01
C TRP B 17 21.79 7.51 -10.73
N LEU B 18 21.43 8.24 -9.68
CA LEU B 18 22.12 8.04 -8.41
C LEU B 18 22.01 6.59 -7.91
N GLN B 19 20.90 5.93 -8.28
CA GLN B 19 20.64 4.56 -7.88
C GLN B 19 19.92 3.88 -9.02
N PRO B 20 20.67 3.21 -9.92
CA PRO B 20 20.09 2.57 -11.10
C PRO B 20 19.05 1.48 -10.77
N LYS B 21 19.10 0.94 -9.54
CA LYS B 21 18.03 0.01 -9.09
C LYS B 21 16.63 0.62 -9.13
N ARG B 22 16.51 1.93 -8.83
CA ARG B 22 15.24 2.66 -8.95
C ARG B 22 14.72 2.58 -10.39
N TYR B 23 15.61 2.82 -11.36
CA TYR B 23 15.26 2.75 -12.78
C TYR B 23 14.78 1.34 -13.16
N LYS B 24 15.55 0.34 -12.75
CA LYS B 24 15.16 -1.06 -12.92
C LYS B 24 13.77 -1.38 -12.37
N ALA B 25 13.47 -0.98 -11.14
CA ALA B 25 12.09 -1.12 -10.62
C ALA B 25 11.07 -0.42 -11.53
N HIS B 26 11.38 0.79 -11.97
CA HIS B 26 10.42 1.46 -12.87
C HIS B 26 10.25 0.73 -14.18
N LEU B 27 11.32 0.18 -14.78
CA LEU B 27 11.14 -0.58 -16.02
C LEU B 27 10.23 -1.80 -15.80
N MET B 28 10.20 -2.34 -14.58
CA MET B 28 9.32 -3.47 -14.31
C MET B 28 7.90 -3.08 -13.91
N GLY B 29 7.63 -1.77 -13.99
CA GLY B 29 6.28 -1.23 -13.78
C GLY B 29 5.89 -1.13 -12.31
N THR B 30 6.85 -0.86 -11.44
CA THR B 30 6.55 -0.75 -10.01
C THR B 30 7.40 0.32 -9.34
N THR B 31 7.00 0.69 -8.13
CA THR B 31 7.73 1.65 -7.33
C THR B 31 8.97 0.98 -6.76
N TYR B 32 10.07 1.74 -6.68
CA TYR B 32 11.29 1.24 -6.09
C TYR B 32 11.06 1.05 -4.59
N VAL B 33 11.48 -0.09 -4.05
CA VAL B 33 11.16 -0.43 -2.66
C VAL B 33 11.54 0.66 -1.68
N TYR B 34 12.66 1.34 -1.87
CA TYR B 34 13.06 2.38 -0.91
C TYR B 34 12.28 3.69 -1.04
N ASP B 35 11.46 3.79 -2.09
CA ASP B 35 10.53 4.93 -2.26
C ASP B 35 9.10 4.65 -1.75
N PHE B 36 8.81 3.42 -1.32
CA PHE B 36 7.48 3.18 -0.75
C PHE B 36 7.24 3.98 0.52
N PRO B 37 8.23 4.11 1.40
CA PRO B 37 7.89 4.87 2.62
C PRO B 37 7.39 6.29 2.29
N GLU B 38 7.97 6.91 1.25
CA GLU B 38 7.54 8.23 0.79
C GLU B 38 6.09 8.19 0.28
N LEU B 39 5.67 7.11 -0.37
CA LEU B 39 4.25 6.96 -0.69
C LEU B 39 3.35 6.91 0.57
N PHE B 40 3.84 6.28 1.64
CA PHE B 40 3.10 6.24 2.90
C PHE B 40 3.04 7.63 3.51
N ARG B 41 4.13 8.41 3.38
CA ARG B 41 4.13 9.81 3.81
C ARG B 41 3.06 10.61 3.03
N GLN B 42 3.00 10.43 1.71
CA GLN B 42 1.99 11.11 0.89
C GLN B 42 0.58 10.70 1.28
N ALA B 43 0.34 9.39 1.37
CA ALA B 43 -0.95 8.88 1.76
C ALA B 43 -1.40 9.38 3.15
N SER B 44 -0.46 9.48 4.09
CA SER B 44 -0.80 9.93 5.44
C SER B 44 -1.11 11.44 5.51
N SER B 45 -0.36 12.22 4.75
CA SER B 45 -0.60 13.65 4.61
C SER B 45 -2.00 13.88 4.01
N SER B 46 -2.30 13.17 2.92
CA SER B 46 -3.63 13.24 2.29
C SER B 46 -4.72 12.90 3.26
N GLN B 47 -4.44 11.98 4.17
CA GLN B 47 -5.42 11.55 5.18
C GLN B 47 -5.75 12.75 6.07
N TRP B 48 -4.71 13.48 6.48
CA TRP B 48 -4.90 14.64 7.32
C TRP B 48 -5.69 15.75 6.62
N LYS B 49 -5.37 16.01 5.35
CA LYS B 49 -6.04 17.06 4.58
C LYS B 49 -7.52 16.75 4.31
N ASN B 50 -7.86 15.48 4.15
CA ASN B 50 -9.28 15.12 3.98
C ASN B 50 -10.05 15.14 5.28
N PHE B 51 -9.36 14.98 6.39
CA PHE B 51 -9.95 15.07 7.70
C PHE B 51 -10.15 16.51 8.12
N SER B 52 -9.19 17.36 7.81
CA SER B 52 -9.12 18.69 8.39
C SER B 52 -8.12 19.54 7.64
N ALA B 53 -8.60 20.23 6.61
CA ALA B 53 -7.74 21.10 5.76
C ALA B 53 -6.83 22.09 6.53
N ASP B 54 -7.33 22.60 7.66
CA ASP B 54 -6.61 23.59 8.46
C ASP B 54 -5.45 23.03 9.28
N VAL B 55 -5.26 21.72 9.21
CA VAL B 55 -4.19 21.08 9.98
C VAL B 55 -2.81 21.45 9.45
N LYS B 56 -1.90 21.83 10.34
CA LYS B 56 -0.51 22.07 9.95
C LYS B 56 0.35 20.89 10.40
N LEU B 57 0.94 20.21 9.43
CA LEU B 57 1.84 19.11 9.71
C LEU B 57 3.27 19.57 9.56
N THR B 58 4.13 19.08 10.44
CA THR B 58 5.57 19.22 10.27
C THR B 58 6.06 17.84 9.80
N ASP B 59 7.33 17.75 9.40
CA ASP B 59 7.84 16.48 8.90
C ASP B 59 7.94 15.36 9.93
N ASP B 60 8.02 15.72 11.22
CA ASP B 60 8.07 14.71 12.27
C ASP B 60 6.72 14.00 12.55
N PHE B 61 5.71 14.29 11.75
CA PHE B 61 4.45 13.58 11.82
C PHE B 61 4.61 12.18 11.18
N PHE B 62 5.66 12.03 10.35
CA PHE B 62 5.93 10.77 9.65
C PHE B 62 7.40 10.42 9.70
N ILE B 63 7.72 9.29 10.35
CA ILE B 63 9.09 8.78 10.46
C ILE B 63 9.17 7.34 9.93
N SER B 64 10.11 7.09 9.02
CA SER B 64 10.36 5.76 8.53
C SER B 64 11.78 5.37 8.88
N ASN B 65 11.97 4.23 9.56
CA ASN B 65 13.30 3.72 9.92
C ASN B 65 13.49 2.34 9.35
N GLU B 66 14.48 2.15 8.48
CA GLU B 66 14.73 0.83 7.92
C GLU B 66 15.09 -0.18 9.04
N LEU B 67 14.55 -1.39 8.97
CA LEU B 67 14.99 -2.47 9.85
C LEU B 67 15.97 -3.40 9.13
N ILE B 68 17.09 -3.72 9.78
CA ILE B 68 18.04 -4.73 9.31
C ILE B 68 18.49 -5.63 10.44
N GLU B 69 19.02 -6.80 10.08
CA GLU B 69 19.59 -7.72 11.06
C GLU B 69 20.96 -7.22 11.49
N ASP B 70 21.17 -7.05 12.79
CA ASP B 70 22.50 -6.75 13.34
C ASP B 70 23.41 -7.99 13.30
N GLU B 71 24.60 -7.86 13.92
CA GLU B 71 25.64 -8.93 13.91
C GLU B 71 25.13 -10.29 14.44
N ASN B 72 24.30 -10.20 15.48
CA ASN B 72 23.61 -11.34 16.07
C ASN B 72 22.28 -11.75 15.42
N GLY B 73 22.00 -11.22 14.23
CA GLY B 73 20.74 -11.51 13.53
C GLY B 73 19.49 -10.89 14.12
N GLU B 74 19.61 -10.13 15.20
CA GLU B 74 18.45 -9.41 15.74
C GLU B 74 18.16 -8.14 14.93
N LEU B 75 16.89 -7.77 14.83
CA LEU B 75 16.49 -6.59 14.04
C LEU B 75 16.81 -5.29 14.74
N THR B 76 17.42 -4.39 13.98
CA THR B 76 17.76 -3.06 14.47
C THR B 76 17.49 -1.98 13.41
N GLU B 77 17.31 -0.75 13.87
CA GLU B 77 17.08 0.40 12.99
C GLU B 77 18.38 0.99 12.43
N VAL B 78 18.38 1.33 11.14
CA VAL B 78 19.52 1.98 10.51
C VAL B 78 19.09 3.08 9.57
N GLU B 79 20.00 4.02 9.33
CA GLU B 79 19.85 5.02 8.29
C GLU B 79 20.97 4.76 7.30
N ARG B 80 20.64 4.34 6.09
CA ARG B 80 21.69 4.05 5.13
C ARG B 80 21.18 4.46 3.77
N GLU B 81 21.99 4.29 2.74
CA GLU B 81 21.57 4.71 1.41
C GLU B 81 20.76 3.65 0.68
N PRO B 82 19.67 4.07 0.00
CA PRO B 82 18.87 3.13 -0.75
C PRO B 82 19.71 2.23 -1.65
N GLY B 83 19.44 0.94 -1.60
CA GLY B 83 20.10 0.01 -2.50
C GLY B 83 21.33 -0.66 -1.92
N ALA B 84 21.60 -0.42 -0.64
CA ALA B 84 22.65 -1.18 0.05
C ALA B 84 22.16 -2.53 0.58
N ASN B 85 20.87 -2.86 0.41
CA ASN B 85 20.36 -4.17 0.91
C ASN B 85 21.16 -5.30 0.29
N ALA B 86 21.84 -6.07 1.13
CA ALA B 86 22.57 -7.26 0.68
C ALA B 86 21.63 -8.46 0.49
N ILE B 87 20.34 -8.24 0.70
CA ILE B 87 19.33 -9.30 0.62
C ILE B 87 18.12 -8.71 -0.08
N GLY B 88 17.30 -9.57 -0.71
CA GLY B 88 16.15 -9.15 -1.51
C GLY B 88 14.83 -8.90 -0.78
N MET B 89 14.92 -8.66 0.53
CA MET B 89 13.72 -8.39 1.31
C MET B 89 14.13 -7.28 2.22
N VAL B 90 13.27 -6.25 2.35
CA VAL B 90 13.61 -5.11 3.20
C VAL B 90 12.42 -4.77 4.10
N ALA B 91 12.65 -4.04 5.17
CA ALA B 91 11.54 -3.68 6.03
C ALA B 91 11.78 -2.32 6.61
N PHE B 92 10.68 -1.63 6.96
CA PHE B 92 10.74 -0.37 7.69
C PHE B 92 9.78 -0.38 8.86
N LYS B 93 10.17 0.26 9.96
CA LYS B 93 9.28 0.61 11.02
C LYS B 93 8.77 2.04 10.76
N ILE B 94 7.46 2.18 10.64
CA ILE B 94 6.80 3.48 10.43
C ILE B 94 6.17 3.99 11.72
N THR B 95 6.43 5.24 12.06
CA THR B 95 5.72 5.90 13.15
C THR B 95 5.05 7.11 12.55
N VAL B 96 3.71 7.10 12.49
CA VAL B 96 2.91 8.20 11.92
C VAL B 96 1.87 8.74 12.90
N LYS B 97 1.74 10.06 12.95
CA LYS B 97 0.57 10.68 13.58
C LYS B 97 -0.58 10.73 12.58
N THR B 98 -1.72 10.21 12.98
CA THR B 98 -2.85 10.14 12.05
C THR B 98 -4.03 10.80 12.77
N PRO B 99 -5.12 11.14 12.04
CA PRO B 99 -6.28 11.71 12.72
C PRO B 99 -6.82 10.87 13.87
N GLU B 100 -6.83 9.55 13.70
CA GLU B 100 -7.29 8.68 14.78
C GLU B 100 -6.22 8.49 15.87
N TYR B 101 -4.94 8.67 15.54
CA TYR B 101 -3.86 8.58 16.53
C TYR B 101 -2.92 9.78 16.42
N PRO B 102 -3.40 10.95 16.83
CA PRO B 102 -2.62 12.17 16.62
C PRO B 102 -1.27 12.19 17.33
N ARG B 103 -1.08 11.40 18.38
CA ARG B 103 0.24 11.32 18.99
C ARG B 103 1.10 10.19 18.39
N GLY B 104 0.56 9.41 17.45
CA GLY B 104 1.40 8.47 16.72
C GLY B 104 0.96 7.02 16.88
N ARG B 105 1.09 6.28 15.78
CA ARG B 105 0.86 4.84 15.77
C ARG B 105 2.00 4.24 14.93
N GLN B 106 2.17 2.92 15.06
CA GLN B 106 3.30 2.28 14.44
C GLN B 106 2.89 1.04 13.70
N PHE B 107 3.66 0.73 12.67
CA PHE B 107 3.50 -0.51 11.95
C PHE B 107 4.78 -0.82 11.23
N VAL B 108 4.83 -2.02 10.68
CA VAL B 108 5.99 -2.49 10.03
C VAL B 108 5.59 -2.69 8.59
N VAL B 109 6.48 -2.29 7.68
CA VAL B 109 6.31 -2.57 6.26
C VAL B 109 7.41 -3.54 5.84
N VAL B 110 7.05 -4.68 5.27
CA VAL B 110 8.07 -5.61 4.77
C VAL B 110 7.82 -5.72 3.27
N ALA B 111 8.90 -5.82 2.48
CA ALA B 111 8.74 -5.84 1.00
C ALA B 111 9.80 -6.61 0.27
N ASN B 112 9.42 -7.29 -0.81
CA ASN B 112 10.43 -7.83 -1.72
C ASN B 112 11.12 -6.67 -2.42
N ASP B 113 12.41 -6.81 -2.70
CA ASP B 113 13.07 -5.93 -3.66
C ASP B 113 13.08 -6.58 -5.01
N ILE B 114 12.18 -6.17 -5.90
CA ILE B 114 12.07 -6.81 -7.21
C ILE B 114 13.37 -6.67 -8.02
N THR B 115 14.26 -5.74 -7.61
CA THR B 115 15.55 -5.56 -8.34
C THR B 115 16.64 -6.54 -7.86
N PHE B 116 16.42 -7.19 -6.71
CA PHE B 116 17.37 -8.14 -6.15
C PHE B 116 17.00 -9.54 -6.59
N LYS B 117 17.74 -10.05 -7.57
CA LYS B 117 17.47 -11.35 -8.14
C LYS B 117 15.98 -11.56 -8.37
N ILE B 118 15.39 -10.64 -9.13
CA ILE B 118 13.98 -10.66 -9.52
C ILE B 118 12.99 -10.86 -8.34
N GLY B 119 13.38 -10.38 -7.17
CA GLY B 119 12.55 -10.46 -5.98
C GLY B 119 12.27 -11.89 -5.52
N SER B 120 13.18 -12.82 -5.82
CA SER B 120 12.98 -14.24 -5.50
C SER B 120 13.12 -14.45 -4.00
N PHE B 121 12.51 -15.50 -3.49
CA PHE B 121 12.62 -15.82 -2.06
C PHE B 121 13.72 -16.88 -1.88
N GLY B 122 14.88 -16.45 -1.39
CA GLY B 122 15.88 -17.39 -0.93
C GLY B 122 15.82 -17.52 0.59
N PRO B 123 16.66 -18.41 1.14
CA PRO B 123 16.56 -18.68 2.55
C PRO B 123 16.76 -17.46 3.38
N GLN B 124 17.64 -16.56 2.96
CA GLN B 124 17.91 -15.37 3.75
C GLN B 124 16.72 -14.40 3.72
N GLU B 125 16.07 -14.31 2.58
CA GLU B 125 14.85 -13.50 2.46
C GLU B 125 13.76 -14.06 3.37
N ASP B 126 13.64 -15.40 3.39
CA ASP B 126 12.65 -16.10 4.22
C ASP B 126 12.92 -15.84 5.70
N GLU B 127 14.16 -16.02 6.16
CA GLU B 127 14.46 -15.78 7.58
C GLU B 127 14.21 -14.33 7.98
N PHE B 128 14.57 -13.40 7.11
CA PHE B 128 14.36 -12.00 7.41
C PHE B 128 12.84 -11.68 7.49
N PHE B 129 12.08 -12.16 6.51
CA PHE B 129 10.60 -11.96 6.50
C PHE B 129 10.02 -12.53 7.80
N ASN B 130 10.51 -13.72 8.20
CA ASN B 130 10.05 -14.34 9.42
C ASN B 130 10.35 -13.48 10.64
N LYS B 131 11.56 -12.93 10.71
CA LYS B 131 11.92 -12.05 11.83
C LYS B 131 11.06 -10.80 11.91
N VAL B 132 10.78 -10.22 10.75
CA VAL B 132 9.97 -9.01 10.68
C VAL B 132 8.53 -9.29 11.20
N THR B 133 7.96 -10.40 10.76
CA THR B 133 6.66 -10.83 11.21
C THR B 133 6.65 -11.01 12.73
N GLU B 134 7.67 -11.68 13.26
CA GLU B 134 7.77 -11.90 14.70
C GLU B 134 8.01 -10.61 15.48
N TYR B 135 8.81 -9.72 14.88
CA TYR B 135 8.99 -8.39 15.45
C TYR B 135 7.64 -7.66 15.61
N ALA B 136 6.81 -7.69 14.56
CA ALA B 136 5.51 -6.99 14.63
C ALA B 136 4.60 -7.68 15.65
N ARG B 137 4.59 -9.02 15.62
CA ARG B 137 3.75 -9.81 16.53
C ARG B 137 4.08 -9.57 17.99
N LYS B 138 5.36 -9.53 18.32
CA LYS B 138 5.78 -9.29 19.72
C LYS B 138 5.29 -7.91 20.20
N ARG B 139 5.30 -6.92 19.30
CA ARG B 139 4.86 -5.56 19.62
C ARG B 139 3.35 -5.35 19.47
N GLY B 140 2.65 -6.30 18.85
CA GLY B 140 1.20 -6.20 18.60
C GLY B 140 0.81 -5.29 17.42
N ILE B 141 1.80 -4.97 16.60
CA ILE B 141 1.73 -3.89 15.65
C ILE B 141 1.41 -4.43 14.25
N PRO B 142 0.69 -3.66 13.42
CA PRO B 142 0.31 -4.19 12.09
C PRO B 142 1.52 -4.50 11.24
N ARG B 143 1.37 -5.49 10.36
CA ARG B 143 2.39 -5.92 9.42
C ARG B 143 1.84 -5.77 8.01
N ILE B 144 2.48 -4.88 7.26
CA ILE B 144 2.08 -4.57 5.88
C ILE B 144 3.08 -5.23 4.97
N TYR B 145 2.60 -6.07 4.07
CA TYR B 145 3.51 -6.72 3.12
C TYR B 145 3.32 -6.14 1.70
N LEU B 146 4.41 -5.68 1.10
CA LEU B 146 4.43 -5.23 -0.28
C LEU B 146 5.06 -6.30 -1.16
N ALA B 147 4.21 -7.00 -1.91
CA ALA B 147 4.59 -8.15 -2.67
C ALA B 147 4.96 -7.77 -4.13
N ALA B 148 6.23 -7.93 -4.47
CA ALA B 148 6.72 -7.71 -5.83
C ALA B 148 7.82 -8.74 -6.03
N ASN B 149 7.47 -9.90 -6.59
CA ASN B 149 8.42 -11.03 -6.50
C ASN B 149 8.27 -12.06 -7.63
N SER B 150 9.23 -12.98 -7.71
CA SER B 150 9.14 -14.10 -8.66
C SER B 150 9.11 -15.45 -7.96
N GLY B 151 8.65 -15.51 -6.72
CA GLY B 151 8.58 -16.80 -6.02
C GLY B 151 9.92 -17.33 -5.52
N ALA B 152 9.93 -18.60 -5.16
CA ALA B 152 11.10 -19.23 -4.59
C ALA B 152 12.29 -19.18 -5.55
N ARG B 153 13.44 -18.88 -4.99
CA ARG B 153 14.69 -18.96 -5.74
C ARG B 153 14.91 -20.42 -6.22
N ILE B 154 15.37 -20.57 -7.47
CA ILE B 154 15.79 -21.87 -8.01
C ILE B 154 17.21 -21.73 -8.56
N GLY B 155 17.91 -22.86 -8.70
CA GLY B 155 19.24 -22.89 -9.26
C GLY B 155 19.80 -24.31 -9.37
N MET B 156 20.96 -24.44 -10.02
CA MET B 156 21.72 -25.67 -10.05
C MET B 156 23.13 -25.34 -9.65
N ALA B 157 23.95 -26.36 -9.42
CA ALA B 157 25.30 -26.12 -8.96
C ALA B 157 26.13 -25.74 -10.19
N GLU B 158 26.32 -24.44 -10.39
CA GLU B 158 26.97 -23.94 -11.60
C GLU B 158 28.45 -24.37 -11.70
N GLU B 159 29.14 -24.43 -10.56
CA GLU B 159 30.49 -24.98 -10.46
C GLU B 159 30.68 -26.44 -10.96
N ILE B 160 29.60 -27.17 -11.15
CA ILE B 160 29.68 -28.55 -11.62
C ILE B 160 29.43 -28.63 -13.14
N VAL B 161 28.77 -27.61 -13.70
CA VAL B 161 28.48 -27.59 -15.14
C VAL B 161 29.72 -27.68 -16.05
N PRO B 162 30.83 -26.99 -15.70
CA PRO B 162 31.98 -27.05 -16.60
C PRO B 162 32.72 -28.40 -16.54
N LEU B 163 32.71 -29.05 -15.39
CA LEU B 163 33.67 -30.11 -15.15
C LEU B 163 33.15 -31.54 -15.04
N PHE B 164 31.91 -31.76 -15.47
CA PHE B 164 31.35 -33.12 -15.39
C PHE B 164 31.55 -33.90 -16.68
N GLN B 165 31.80 -35.19 -16.53
CA GLN B 165 31.99 -36.08 -17.66
C GLN B 165 30.82 -37.02 -17.82
N VAL B 166 30.56 -37.40 -19.07
CA VAL B 166 29.56 -38.39 -19.40
C VAL B 166 30.26 -39.74 -19.63
N ALA B 167 29.80 -40.75 -18.90
CA ALA B 167 30.25 -42.13 -19.09
C ALA B 167 29.39 -42.77 -20.15
N TRP B 168 29.77 -42.55 -21.42
CA TRP B 168 29.02 -43.02 -22.58
C TRP B 168 28.92 -44.56 -22.66
N ASN B 169 27.83 -45.02 -23.27
CA ASN B 169 27.65 -46.43 -23.63
C ASN B 169 28.69 -46.87 -24.67
N ASP B 170 28.81 -46.09 -25.75
CA ASP B 170 29.89 -46.20 -26.74
C ASP B 170 30.27 -44.79 -27.21
N ALA B 171 31.51 -44.39 -26.91
CA ALA B 171 31.98 -43.02 -27.17
C ALA B 171 31.81 -42.53 -28.62
N ALA B 172 31.97 -43.46 -29.57
CA ALA B 172 31.79 -43.15 -31.00
C ALA B 172 30.31 -43.26 -31.37
N ASN B 173 29.84 -42.32 -32.21
CA ASN B 173 28.39 -42.07 -32.41
C ASN B 173 27.55 -42.27 -31.12
N PRO B 174 27.74 -41.38 -30.12
CA PRO B 174 27.27 -41.61 -28.76
C PRO B 174 25.90 -41.00 -28.51
N ASP B 175 24.86 -41.73 -28.85
CA ASP B 175 23.51 -41.30 -28.55
C ASP B 175 22.55 -42.48 -28.50
N LYS B 176 23.12 -43.67 -28.24
CA LYS B 176 22.30 -44.80 -27.80
C LYS B 176 22.33 -44.82 -26.27
N GLY B 177 22.95 -43.79 -25.69
CA GLY B 177 22.82 -43.51 -24.26
C GLY B 177 24.09 -43.21 -23.48
N PHE B 178 23.92 -43.13 -22.15
CA PHE B 178 25.02 -42.97 -21.21
C PHE B 178 24.66 -43.69 -19.93
N GLN B 179 25.67 -44.04 -19.14
CA GLN B 179 25.45 -44.89 -17.98
C GLN B 179 25.43 -44.12 -16.66
N TYR B 180 26.25 -43.07 -16.56
CA TYR B 180 26.28 -42.15 -15.42
C TYR B 180 27.03 -40.86 -15.76
N LEU B 181 27.22 -40.00 -14.77
CA LEU B 181 28.05 -38.80 -14.91
C LEU B 181 29.11 -38.83 -13.82
N TYR B 182 30.26 -38.23 -14.08
CA TYR B 182 31.38 -38.36 -13.15
C TYR B 182 32.36 -37.21 -13.22
N LEU B 183 33.25 -37.18 -12.26
CA LEU B 183 34.38 -36.28 -12.30
C LEU B 183 35.70 -37.05 -12.53
N THR B 184 36.59 -36.44 -13.32
CA THR B 184 37.98 -36.88 -13.45
C THR B 184 38.67 -36.43 -12.18
N SER B 185 39.77 -37.09 -11.81
CA SER B 185 40.46 -36.73 -10.57
C SER B 185 40.96 -35.26 -10.62
N GLU B 186 41.00 -34.71 -11.83
CA GLU B 186 41.39 -33.32 -12.07
C GLU B 186 40.25 -32.37 -11.70
N GLY B 187 39.05 -32.65 -12.24
CA GLY B 187 37.80 -32.02 -11.81
C GLY B 187 37.65 -32.09 -10.30
N MET B 188 37.89 -33.27 -9.75
CA MET B 188 37.88 -33.49 -8.31
C MET B 188 38.77 -32.52 -7.56
N GLU B 189 39.95 -32.23 -8.13
CA GLU B 189 40.93 -31.38 -7.45
C GLU B 189 40.64 -29.89 -7.62
N THR B 190 40.00 -29.53 -8.73
CA THR B 190 39.48 -28.17 -8.94
C THR B 190 38.55 -27.76 -7.80
N LEU B 191 37.68 -28.68 -7.37
CA LEU B 191 36.76 -28.42 -6.27
C LEU B 191 37.50 -28.32 -4.92
N LYS B 192 38.52 -29.15 -4.72
CA LYS B 192 39.32 -29.04 -3.49
C LYS B 192 40.07 -27.70 -3.47
N LYS B 193 40.40 -27.21 -4.66
CA LYS B 193 41.14 -25.96 -4.83
C LYS B 193 40.32 -24.78 -4.32
N PHE B 194 39.08 -24.68 -4.79
CA PHE B 194 38.17 -23.62 -4.39
C PHE B 194 37.37 -23.89 -3.11
N ASP B 195 37.69 -24.98 -2.41
CA ASP B 195 37.06 -25.31 -1.13
C ASP B 195 35.57 -25.62 -1.33
N LYS B 196 35.29 -26.54 -2.25
CA LYS B 196 33.94 -26.93 -2.62
C LYS B 196 33.89 -28.44 -2.80
N GLU B 197 34.60 -29.16 -1.94
CA GLU B 197 34.66 -30.63 -2.02
C GLU B 197 33.26 -31.21 -1.96
N ASN B 198 32.52 -30.75 -0.95
CA ASN B 198 31.18 -31.25 -0.69
C ASN B 198 30.08 -30.70 -1.61
N SER B 199 30.44 -30.19 -2.79
CA SER B 199 29.44 -29.78 -3.77
C SER B 199 28.84 -30.98 -4.46
N VAL B 200 29.47 -32.13 -4.27
CA VAL B 200 29.01 -33.38 -4.85
C VAL B 200 29.28 -34.52 -3.88
N LEU B 201 28.52 -35.58 -4.03
CA LEU B 201 28.80 -36.81 -3.32
C LEU B 201 29.16 -37.81 -4.41
N THR B 202 30.34 -38.38 -4.28
CA THR B 202 30.93 -39.22 -5.32
C THR B 202 31.28 -40.60 -4.77
N GLU B 203 31.33 -41.57 -5.66
CA GLU B 203 31.82 -42.89 -5.35
C GLU B 203 33.00 -43.18 -6.28
N ARG B 204 34.15 -43.48 -5.68
CA ARG B 204 35.39 -43.79 -6.42
C ARG B 204 35.27 -45.12 -7.19
N THR B 205 35.48 -45.08 -8.50
CA THR B 205 35.57 -46.28 -9.33
C THR B 205 36.76 -46.23 -10.31
N VAL B 206 37.27 -47.41 -10.70
CA VAL B 206 38.40 -47.49 -11.64
C VAL B 206 37.98 -48.21 -12.93
N ILE B 207 38.09 -47.52 -14.06
CA ILE B 207 37.68 -48.09 -15.36
C ILE B 207 38.82 -48.05 -16.39
N ASN B 208 39.58 -49.15 -16.45
CA ASN B 208 40.73 -49.31 -17.34
C ASN B 208 41.81 -48.28 -16.99
N GLY B 209 42.36 -48.43 -15.80
CA GLY B 209 43.34 -47.49 -15.25
C GLY B 209 42.73 -46.21 -14.73
N GLU B 210 41.59 -45.80 -15.29
CA GLU B 210 40.97 -44.47 -15.09
C GLU B 210 40.42 -44.17 -13.70
N GLU B 211 40.81 -43.03 -13.14
CA GLU B 211 40.14 -42.43 -11.99
C GLU B 211 38.78 -41.88 -12.44
N ARG B 212 37.70 -42.51 -11.98
CA ARG B 212 36.35 -42.01 -12.23
C ARG B 212 35.62 -41.82 -10.90
N PHE B 213 35.33 -40.56 -10.56
CA PHE B 213 34.53 -40.26 -9.37
C PHE B 213 33.08 -40.00 -9.78
N VAL B 214 32.25 -41.03 -9.67
CA VAL B 214 30.90 -41.01 -10.20
C VAL B 214 29.94 -40.19 -9.32
N ILE B 215 29.22 -39.27 -9.95
CA ILE B 215 28.35 -38.33 -9.26
C ILE B 215 27.08 -39.03 -8.77
N LYS B 216 27.01 -39.19 -7.45
CA LYS B 216 25.90 -39.87 -6.82
C LYS B 216 24.79 -38.86 -6.49
N THR B 217 25.18 -37.65 -6.08
CA THR B 217 24.25 -36.55 -5.80
C THR B 217 24.96 -35.21 -6.04
N ILE B 218 24.27 -34.24 -6.63
CA ILE B 218 24.78 -32.87 -6.67
C ILE B 218 24.20 -32.02 -5.53
N ILE B 219 25.08 -31.43 -4.73
CA ILE B 219 24.69 -30.58 -3.64
C ILE B 219 24.85 -29.08 -3.93
N GLY B 220 25.96 -28.67 -4.53
CA GLY B 220 26.22 -27.26 -4.82
C GLY B 220 26.66 -26.51 -3.58
N SER B 221 27.49 -25.49 -3.78
CA SER B 221 28.01 -24.67 -2.67
C SER B 221 27.14 -23.46 -2.38
N GLU B 222 26.36 -23.04 -3.37
CA GLU B 222 25.47 -21.90 -3.20
C GLU B 222 24.22 -22.29 -2.43
N ASP B 223 23.89 -21.53 -1.38
CA ASP B 223 22.63 -21.74 -0.68
C ASP B 223 21.49 -21.13 -1.49
N GLY B 224 20.38 -21.85 -1.66
CA GLY B 224 19.25 -21.33 -2.40
C GLY B 224 18.89 -22.00 -3.72
N LEU B 225 19.13 -23.29 -3.82
CA LEU B 225 18.97 -23.96 -5.09
C LEU B 225 17.65 -24.75 -5.18
N GLY B 226 17.26 -25.37 -4.06
CA GLY B 226 16.17 -26.33 -4.10
C GLY B 226 15.41 -26.41 -2.80
N VAL B 227 15.54 -27.56 -2.14
CA VAL B 227 14.69 -27.87 -1.01
C VAL B 227 14.84 -26.87 0.13
N GLU B 228 15.99 -26.23 0.23
CA GLU B 228 16.18 -25.24 1.30
C GLU B 228 15.29 -23.98 1.09
N CYS B 229 14.87 -23.75 -0.16
CA CYS B 229 13.95 -22.67 -0.48
C CYS B 229 12.54 -23.10 -0.15
N LEU B 230 12.28 -24.41 -0.27
CA LEU B 230 11.00 -24.94 0.10
C LEU B 230 10.77 -24.82 1.59
N ARG B 231 11.78 -25.14 2.40
CA ARG B 231 11.66 -25.07 3.85
C ARG B 231 11.43 -23.64 4.30
N GLY B 232 12.22 -22.70 3.76
CA GLY B 232 12.09 -21.29 4.07
C GLY B 232 10.71 -20.74 3.72
N SER B 233 10.14 -21.20 2.61
CA SER B 233 8.79 -20.83 2.21
C SER B 233 7.75 -21.37 3.18
N GLY B 234 7.94 -22.62 3.62
CA GLY B 234 7.06 -23.21 4.61
C GLY B 234 7.08 -22.40 5.92
N LEU B 235 8.27 -21.95 6.30
CA LEU B 235 8.43 -21.21 7.50
C LEU B 235 7.60 -19.93 7.49
N ILE B 236 7.68 -19.17 6.39
CA ILE B 236 6.97 -17.88 6.32
C ILE B 236 5.46 -18.06 6.03
N ALA B 237 5.09 -19.17 5.40
CA ALA B 237 3.70 -19.56 5.23
C ALA B 237 3.06 -19.75 6.60
N GLY B 238 3.74 -20.53 7.46
CA GLY B 238 3.22 -20.82 8.80
C GLY B 238 3.22 -19.57 9.65
N ALA B 239 4.27 -18.75 9.52
CA ALA B 239 4.38 -17.48 10.31
C ALA B 239 3.25 -16.48 9.97
N THR B 240 2.84 -16.47 8.70
CA THR B 240 1.84 -15.53 8.21
C THR B 240 0.45 -16.05 8.63
N SER B 241 0.24 -17.36 8.54
CA SER B 241 -0.98 -17.98 9.07
C SER B 241 -1.23 -17.56 10.53
N ARG B 242 -0.17 -17.61 11.35
CA ARG B 242 -0.25 -17.24 12.75
C ARG B 242 -0.40 -15.71 12.94
N ALA B 243 0.30 -14.93 12.11
CA ALA B 243 0.21 -13.48 12.25
C ALA B 243 -1.24 -13.00 12.01
N TYR B 244 -1.91 -13.57 11.01
CA TYR B 244 -3.29 -13.21 10.72
C TYR B 244 -4.18 -13.34 11.96
N HIS B 245 -3.91 -14.33 12.81
CA HIS B 245 -4.75 -14.53 14.02
C HIS B 245 -4.36 -13.62 15.15
N ASP B 246 -3.32 -12.82 14.94
CA ASP B 246 -2.67 -12.16 16.03
C ASP B 246 -2.59 -10.62 15.87
N ILE B 247 -2.12 -10.15 14.71
CA ILE B 247 -1.99 -8.75 14.46
C ILE B 247 -2.73 -8.43 13.15
N PHE B 248 -2.99 -7.15 12.90
CA PHE B 248 -3.56 -6.74 11.60
C PHE B 248 -2.55 -7.00 10.46
N THR B 249 -2.95 -7.79 9.46
CA THR B 249 -2.11 -8.13 8.32
C THR B 249 -2.78 -7.67 7.03
N ILE B 250 -1.99 -7.09 6.13
CA ILE B 250 -2.50 -6.71 4.84
C ILE B 250 -1.34 -6.77 3.85
N THR B 251 -1.67 -7.10 2.60
CA THR B 251 -0.69 -7.09 1.53
C THR B 251 -1.12 -6.32 0.28
N LEU B 252 -0.15 -5.66 -0.33
CA LEU B 252 -0.31 -4.96 -1.59
C LEU B 252 0.49 -5.70 -2.66
N VAL B 253 -0.16 -6.13 -3.73
CA VAL B 253 0.54 -6.76 -4.85
C VAL B 253 0.94 -5.71 -5.88
N THR B 254 2.23 -5.54 -6.14
CA THR B 254 2.68 -4.38 -6.93
C THR B 254 3.42 -4.57 -8.22
N CYS B 255 3.79 -5.76 -8.62
CA CYS B 255 4.39 -5.89 -9.97
C CYS B 255 4.02 -7.30 -10.45
N ARG B 256 4.14 -8.23 -9.52
CA ARG B 256 3.58 -9.56 -9.64
C ARG B 256 3.89 -10.21 -8.31
N SER B 257 3.20 -11.30 -8.02
CA SER B 257 3.49 -12.11 -6.86
C SER B 257 3.30 -13.56 -7.25
N VAL B 258 4.33 -14.37 -7.09
CA VAL B 258 4.35 -15.71 -7.70
C VAL B 258 4.65 -16.80 -6.67
N GLY B 259 3.94 -17.92 -6.74
CA GLY B 259 4.30 -19.11 -5.95
C GLY B 259 4.08 -18.86 -4.47
N ILE B 260 5.15 -18.97 -3.68
CA ILE B 260 5.03 -18.65 -2.27
C ILE B 260 4.44 -17.23 -2.13
N GLY B 261 4.83 -16.32 -3.02
CA GLY B 261 4.35 -14.93 -2.97
C GLY B 261 2.84 -14.87 -3.13
N ALA B 262 2.30 -15.69 -4.04
CA ALA B 262 0.84 -15.81 -4.20
C ALA B 262 0.15 -16.33 -2.93
N TYR B 263 0.73 -17.36 -2.29
CA TYR B 263 0.17 -17.89 -1.05
C TYR B 263 0.23 -16.92 0.12
N LEU B 264 1.31 -16.14 0.21
CA LEU B 264 1.45 -15.13 1.24
C LEU B 264 0.36 -14.06 1.17
N VAL B 265 -0.04 -13.71 -0.05
CA VAL B 265 -1.14 -12.78 -0.26
C VAL B 265 -2.39 -13.31 0.45
N ARG B 266 -2.74 -14.57 0.17
CA ARG B 266 -3.91 -15.20 0.77
C ARG B 266 -3.75 -15.46 2.26
N LEU B 267 -2.56 -15.87 2.71
CA LEU B 267 -2.42 -16.22 4.12
C LEU B 267 -2.56 -14.99 5.03
N GLY B 268 -2.21 -13.81 4.51
CA GLY B 268 -2.34 -12.57 5.27
C GLY B 268 -3.77 -12.07 5.17
N GLN B 269 -4.54 -12.68 4.25
CA GLN B 269 -5.98 -12.47 4.07
C GLN B 269 -6.33 -11.18 3.32
N ARG B 270 -6.12 -10.06 3.97
CA ARG B 270 -6.51 -8.75 3.46
C ARG B 270 -5.50 -8.40 2.35
N ALA B 271 -6.01 -8.19 1.14
CA ALA B 271 -5.16 -7.99 -0.04
C ALA B 271 -5.73 -6.96 -1.00
N ILE B 272 -4.85 -6.08 -1.46
CA ILE B 272 -5.12 -5.08 -2.45
C ILE B 272 -4.22 -5.34 -3.67
N GLN B 273 -4.83 -5.46 -4.86
CA GLN B 273 -4.10 -5.84 -6.07
C GLN B 273 -4.04 -4.65 -7.05
N VAL B 274 -2.85 -4.13 -7.32
CA VAL B 274 -2.73 -3.09 -8.33
C VAL B 274 -3.18 -3.66 -9.69
N GLU B 275 -3.99 -2.90 -10.44
CA GLU B 275 -4.45 -3.34 -11.78
C GLU B 275 -3.28 -3.77 -12.69
N GLY B 276 -3.44 -4.86 -13.43
CA GLY B 276 -2.36 -5.33 -14.31
C GLY B 276 -1.19 -6.06 -13.62
N GLN B 277 -1.30 -6.31 -12.31
CA GLN B 277 -0.20 -6.98 -11.60
C GLN B 277 -0.66 -8.35 -11.11
N PRO B 278 -0.18 -9.43 -11.76
CA PRO B 278 -0.78 -10.77 -11.59
C PRO B 278 -0.38 -11.50 -10.28
N ILE B 279 -1.34 -12.25 -9.72
CA ILE B 279 -1.08 -13.15 -8.58
C ILE B 279 -1.14 -14.56 -9.12
N ILE B 280 0.00 -15.25 -9.22
CA ILE B 280 0.01 -16.52 -9.95
C ILE B 280 0.80 -17.62 -9.26
N LEU B 281 0.46 -18.88 -9.59
CA LEU B 281 1.30 -20.02 -9.14
C LEU B 281 2.45 -20.26 -10.08
N THR B 282 2.18 -20.33 -11.38
CA THR B 282 3.23 -20.27 -12.42
C THR B 282 2.82 -19.47 -13.64
N GLY B 283 3.82 -19.13 -14.44
CA GLY B 283 3.60 -18.44 -15.69
C GLY B 283 2.82 -19.24 -16.70
N ALA B 284 2.12 -18.52 -17.56
CA ALA B 284 1.49 -19.11 -18.74
C ALA B 284 2.47 -19.97 -19.55
N PRO B 285 3.66 -19.43 -19.90
CA PRO B 285 4.53 -20.30 -20.71
C PRO B 285 4.81 -21.66 -20.05
N ALA B 286 5.16 -21.64 -18.76
CA ALA B 286 5.47 -22.87 -18.03
C ALA B 286 4.28 -23.82 -18.00
N ILE B 287 3.07 -23.26 -17.97
CA ILE B 287 1.86 -24.07 -18.02
C ILE B 287 1.59 -24.58 -19.44
N ASN B 288 1.81 -23.74 -20.44
CA ASN B 288 1.73 -24.16 -21.84
C ASN B 288 2.68 -25.34 -22.16
N LYS B 289 3.96 -25.19 -21.82
CA LYS B 289 4.97 -26.24 -22.02
C LYS B 289 4.53 -27.58 -21.42
N MET B 290 3.87 -27.52 -20.28
CA MET B 290 3.43 -28.71 -19.57
C MET B 290 2.14 -29.31 -20.13
N LEU B 291 1.48 -28.60 -21.06
CA LEU B 291 0.25 -29.10 -21.69
C LEU B 291 0.41 -29.32 -23.20
N GLY B 292 1.63 -29.16 -23.70
CA GLY B 292 1.89 -29.28 -25.14
C GLY B 292 1.40 -28.08 -25.93
N ARG B 293 0.10 -27.79 -25.82
CA ARG B 293 -0.54 -26.70 -26.57
C ARG B 293 -0.12 -25.31 -26.07
N GLU B 294 -0.43 -24.30 -26.86
CA GLU B 294 -0.26 -22.89 -26.48
C GLU B 294 -1.61 -22.31 -25.99
N VAL B 295 -1.98 -22.70 -24.76
CA VAL B 295 -3.30 -22.38 -24.17
C VAL B 295 -3.51 -20.93 -23.68
N TYR B 296 -2.58 -20.41 -22.88
CA TYR B 296 -2.71 -19.05 -22.37
C TYR B 296 -1.74 -18.08 -23.01
N THR B 297 -2.20 -16.85 -23.23
CA THR B 297 -1.39 -15.82 -23.85
C THR B 297 -0.76 -14.86 -22.83
N SER B 298 -1.20 -14.94 -21.57
CA SER B 298 -0.87 -13.92 -20.56
C SER B 298 -1.02 -14.44 -19.12
N ASN B 299 -0.08 -14.02 -18.26
CA ASN B 299 -0.15 -14.28 -16.83
C ASN B 299 -1.42 -13.67 -16.24
N LEU B 300 -1.87 -12.57 -16.84
CA LEU B 300 -3.12 -11.92 -16.42
C LEU B 300 -4.36 -12.76 -16.59
N GLN B 301 -4.34 -13.69 -17.52
CA GLN B 301 -5.45 -14.62 -17.66
C GLN B 301 -5.49 -15.58 -16.49
N LEU B 302 -4.33 -15.77 -15.84
CA LEU B 302 -4.21 -16.71 -14.73
C LEU B 302 -4.53 -16.03 -13.40
N GLY B 303 -4.01 -14.81 -13.22
CA GLY B 303 -4.08 -14.15 -11.94
C GLY B 303 -4.29 -12.65 -11.92
N GLY B 304 -4.89 -12.09 -12.97
CA GLY B 304 -5.22 -10.66 -13.00
C GLY B 304 -6.40 -10.39 -12.11
N THR B 305 -6.77 -9.11 -11.98
CA THR B 305 -7.87 -8.73 -11.12
C THR B 305 -9.15 -9.41 -11.53
N GLN B 306 -9.31 -9.74 -12.82
CA GLN B 306 -10.58 -10.39 -13.21
C GLN B 306 -10.66 -11.84 -12.71
N ILE B 307 -9.55 -12.37 -12.23
CA ILE B 307 -9.59 -13.65 -11.52
C ILE B 307 -9.76 -13.39 -10.00
N MET B 308 -8.84 -12.59 -9.44
CA MET B 308 -8.61 -12.53 -7.99
C MET B 308 -9.55 -11.56 -7.26
N TYR B 309 -9.93 -10.47 -7.91
CA TYR B 309 -10.93 -9.61 -7.35
C TYR B 309 -12.29 -10.27 -7.45
N ASN B 310 -12.55 -10.94 -8.56
CA ASN B 310 -13.81 -11.68 -8.75
C ASN B 310 -14.00 -12.92 -7.83
N ASN B 311 -12.86 -13.47 -7.37
CA ASN B 311 -12.63 -14.61 -6.42
C ASN B 311 -12.80 -14.30 -4.97
N GLY B 312 -12.56 -13.04 -4.65
CA GLY B 312 -12.36 -12.66 -3.26
C GLY B 312 -10.98 -12.90 -2.63
N VAL B 313 -9.98 -13.28 -3.40
CA VAL B 313 -8.60 -13.25 -2.94
C VAL B 313 -8.13 -11.82 -2.80
N SER B 314 -8.50 -10.99 -3.78
CA SER B 314 -8.17 -9.57 -3.66
C SER B 314 -9.37 -8.88 -3.06
N HIS B 315 -9.18 -8.22 -1.92
CA HIS B 315 -10.27 -7.54 -1.28
C HIS B 315 -10.66 -6.30 -2.07
N LEU B 316 -9.64 -5.65 -2.63
CA LEU B 316 -9.75 -4.39 -3.36
C LEU B 316 -8.74 -4.38 -4.50
N THR B 317 -9.06 -3.56 -5.47
CA THR B 317 -8.26 -3.26 -6.64
C THR B 317 -7.72 -1.84 -6.45
N ALA B 318 -6.58 -1.53 -7.08
CA ALA B 318 -6.00 -0.19 -7.03
C ALA B 318 -5.41 0.18 -8.41
N VAL B 319 -5.63 1.43 -8.84
CA VAL B 319 -5.15 1.83 -10.17
C VAL B 319 -3.63 1.90 -10.24
N ASP B 320 -3.00 2.22 -9.12
CA ASP B 320 -1.54 2.25 -9.07
C ASP B 320 -1.02 2.08 -7.62
N ASP B 321 0.30 2.04 -7.45
CA ASP B 321 0.91 1.87 -6.12
C ASP B 321 0.42 2.82 -5.06
N LEU B 322 0.43 4.11 -5.38
CA LEU B 322 -0.02 5.14 -4.44
C LEU B 322 -1.49 4.90 -4.04
N ALA B 323 -2.35 4.59 -5.00
CA ALA B 323 -3.75 4.27 -4.67
C ALA B 323 -3.81 3.06 -3.72
N GLY B 324 -2.95 2.07 -3.93
CA GLY B 324 -2.83 0.91 -3.02
C GLY B 324 -2.43 1.32 -1.62
N VAL B 325 -1.42 2.17 -1.51
CA VAL B 325 -0.97 2.62 -0.20
C VAL B 325 -2.03 3.44 0.52
N GLU B 326 -2.75 4.29 -0.22
CA GLU B 326 -3.88 5.07 0.34
C GLU B 326 -4.98 4.14 0.90
N LYS B 327 -5.35 3.11 0.14
CA LYS B 327 -6.30 2.12 0.67
C LYS B 327 -5.76 1.39 1.92
N ILE B 328 -4.46 1.07 1.96
CA ILE B 328 -3.91 0.47 3.19
C ILE B 328 -4.15 1.40 4.38
N VAL B 329 -3.71 2.62 4.21
CA VAL B 329 -3.76 3.63 5.28
C VAL B 329 -5.21 3.95 5.72
N GLU B 330 -6.11 3.99 4.75
CA GLU B 330 -7.53 4.13 5.05
C GLU B 330 -8.12 2.91 5.79
N TRP B 331 -7.81 1.72 5.31
CA TRP B 331 -8.18 0.50 6.04
C TRP B 331 -7.65 0.54 7.48
N MET B 332 -6.39 0.89 7.66
CA MET B 332 -5.81 0.92 9.00
C MET B 332 -6.47 1.95 9.93
N SER B 333 -7.08 3.02 9.38
CA SER B 333 -7.71 4.06 10.25
C SER B 333 -8.86 3.54 11.10
N TYR B 334 -9.39 2.36 10.76
CA TYR B 334 -10.43 1.69 11.56
C TYR B 334 -9.92 0.75 12.64
N VAL B 335 -8.60 0.49 12.63
CA VAL B 335 -7.99 -0.63 13.37
C VAL B 335 -7.19 -0.10 14.57
N PRO B 336 -7.22 -0.82 15.70
CA PRO B 336 -6.44 -0.27 16.83
C PRO B 336 -4.97 -0.14 16.52
N ALA B 337 -4.30 0.79 17.21
CA ALA B 337 -2.89 1.02 16.98
C ALA B 337 -2.02 -0.22 17.26
N LYS B 338 -2.43 -1.07 18.21
CA LYS B 338 -1.81 -2.37 18.49
C LYS B 338 -2.84 -3.33 19.04
N ARG B 339 -2.54 -4.63 18.97
CA ARG B 339 -3.34 -5.66 19.61
C ARG B 339 -3.86 -5.19 21.00
N ASN B 340 -5.17 -5.28 21.19
CA ASN B 340 -5.87 -5.09 22.47
C ASN B 340 -6.00 -3.66 22.95
N MET B 341 -5.53 -2.72 22.16
CA MET B 341 -5.92 -1.34 22.42
C MET B 341 -7.39 -1.12 22.03
N PRO B 342 -8.07 -0.18 22.69
CA PRO B 342 -9.44 0.15 22.28
C PRO B 342 -9.59 0.53 20.78
N VAL B 343 -10.73 0.26 20.17
CA VAL B 343 -10.94 0.68 18.78
C VAL B 343 -10.79 2.21 18.67
N PRO B 344 -10.19 2.73 17.58
CA PRO B 344 -9.89 4.15 17.55
C PRO B 344 -11.08 5.04 17.16
N ILE B 345 -11.64 5.74 18.15
CA ILE B 345 -12.69 6.71 17.92
C ILE B 345 -12.20 7.83 17.01
N LEU B 346 -12.98 8.14 15.98
CA LEU B 346 -12.73 9.29 15.11
C LEU B 346 -14.04 10.03 14.78
N GLU B 347 -14.40 10.97 15.66
CA GLU B 347 -15.55 11.83 15.42
C GLU B 347 -15.31 12.78 14.25
N THR B 348 -16.27 12.82 13.34
CA THR B 348 -16.24 13.79 12.24
C THR B 348 -17.41 14.75 12.45
N LYS B 349 -17.82 15.42 11.38
CA LYS B 349 -18.81 16.49 11.49
C LYS B 349 -20.21 15.91 11.65
N ASP B 350 -20.37 14.64 11.27
CA ASP B 350 -21.64 13.92 11.37
C ASP B 350 -21.72 13.19 12.70
N THR B 351 -22.36 13.81 13.68
CA THR B 351 -22.36 13.31 15.05
C THR B 351 -23.54 12.38 15.30
N TRP B 352 -23.54 11.75 16.48
CA TRP B 352 -24.55 10.74 16.76
C TRP B 352 -26.00 11.22 16.73
N ASP B 353 -26.23 12.45 17.20
CA ASP B 353 -27.57 12.90 17.55
C ASP B 353 -28.31 13.48 16.36
N ARG B 354 -28.85 12.59 15.53
CA ARG B 354 -29.67 12.97 14.40
C ARG B 354 -30.51 11.74 14.04
N PRO B 355 -31.61 11.96 13.30
CA PRO B 355 -32.39 10.81 12.81
C PRO B 355 -31.73 10.18 11.58
N VAL B 356 -32.17 8.98 11.22
CA VAL B 356 -31.75 8.41 9.96
C VAL B 356 -32.71 8.86 8.89
N ASP B 357 -32.20 9.54 7.86
CA ASP B 357 -33.01 10.06 6.73
C ASP B 357 -33.43 8.95 5.79
N PHE B 358 -32.49 8.43 5.00
CA PHE B 358 -32.84 7.42 4.02
C PHE B 358 -33.58 6.21 4.60
N THR B 359 -34.74 5.92 4.03
CA THR B 359 -35.58 4.84 4.52
C THR B 359 -36.06 4.05 3.32
N PRO B 360 -35.91 2.71 3.35
CA PRO B 360 -36.42 1.94 2.22
C PRO B 360 -37.95 1.79 2.24
N THR B 361 -38.48 1.38 1.09
CA THR B 361 -39.91 1.14 0.87
C THR B 361 -40.09 -0.20 0.16
N ASN B 362 -41.17 -0.92 0.50
CA ASN B 362 -41.55 -2.16 -0.19
C ASN B 362 -41.72 -1.96 -1.69
N ASP B 363 -42.15 -0.75 -2.06
CA ASP B 363 -42.47 -0.38 -3.45
C ASP B 363 -41.24 -0.25 -4.34
N GLU B 364 -40.26 0.53 -3.89
CA GLU B 364 -39.08 0.85 -4.69
C GLU B 364 -37.90 -0.05 -4.34
N THR B 365 -37.15 -0.45 -5.36
CA THR B 365 -35.91 -1.13 -5.14
C THR B 365 -34.88 -0.12 -4.62
N TYR B 366 -33.97 -0.59 -3.77
CA TYR B 366 -32.90 0.25 -3.21
C TYR B 366 -31.55 -0.47 -3.18
N ASP B 367 -30.51 0.34 -2.96
CA ASP B 367 -29.14 -0.14 -2.73
C ASP B 367 -28.89 -0.03 -1.23
N VAL B 368 -28.64 -1.19 -0.57
CA VAL B 368 -28.29 -1.19 0.89
C VAL B 368 -27.28 -0.14 1.24
N ARG B 369 -26.37 0.16 0.31
CA ARG B 369 -25.34 1.14 0.63
C ARG B 369 -25.97 2.48 1.10
N TRP B 370 -27.14 2.83 0.53
CA TRP B 370 -27.89 4.03 0.94
C TRP B 370 -28.30 3.95 2.39
N MET B 371 -28.78 2.79 2.85
CA MET B 371 -29.08 2.64 4.29
C MET B 371 -27.84 2.76 5.18
N ILE B 372 -26.70 2.32 4.66
CA ILE B 372 -25.48 2.30 5.46
C ILE B 372 -24.86 3.68 5.58
N GLU B 373 -24.61 4.32 4.43
CA GLU B 373 -23.80 5.55 4.41
C GLU B 373 -24.58 6.79 3.93
N GLY B 374 -25.85 6.61 3.56
CA GLY B 374 -26.64 7.73 3.02
C GLY B 374 -26.58 7.87 1.51
N ARG B 375 -27.46 8.72 0.96
CA ARG B 375 -27.41 8.99 -0.49
C ARG B 375 -27.49 10.49 -0.84
N GLU B 376 -26.80 10.82 -1.92
CA GLU B 376 -26.86 12.13 -2.52
C GLU B 376 -28.16 12.20 -3.33
N THR B 377 -28.96 13.23 -3.08
CA THR B 377 -30.20 13.49 -3.84
C THR B 377 -30.28 14.97 -4.29
N GLU B 378 -31.19 15.24 -5.23
CA GLU B 378 -31.46 16.62 -5.74
C GLU B 378 -31.78 17.57 -4.59
N SER B 379 -32.64 17.12 -3.67
CA SER B 379 -33.07 17.90 -2.51
C SER B 379 -31.97 18.09 -1.45
N GLY B 380 -30.86 17.35 -1.59
CA GLY B 380 -29.79 17.34 -0.60
C GLY B 380 -29.41 15.91 -0.19
N PHE B 381 -28.51 15.81 0.78
CA PHE B 381 -28.02 14.51 1.24
C PHE B 381 -28.97 13.85 2.22
N GLU B 382 -29.31 12.59 1.96
CA GLU B 382 -30.06 11.79 2.92
C GLU B 382 -29.07 10.97 3.72
N TYR B 383 -28.96 11.26 5.01
CA TYR B 383 -28.09 10.52 5.92
C TYR B 383 -28.57 9.10 6.17
N GLY B 384 -27.59 8.19 6.26
CA GLY B 384 -27.83 6.79 6.56
C GLY B 384 -27.59 6.50 8.01
N LEU B 385 -27.51 5.21 8.34
CA LEU B 385 -27.26 4.77 9.71
C LEU B 385 -25.91 5.25 10.23
N PHE B 386 -24.88 5.15 9.38
CA PHE B 386 -23.50 5.38 9.82
C PHE B 386 -23.00 6.75 9.35
N ASP B 387 -21.87 7.19 9.91
CA ASP B 387 -21.32 8.51 9.62
C ASP B 387 -21.18 8.70 8.14
N LYS B 388 -21.56 9.89 7.66
CA LYS B 388 -21.37 10.29 6.28
C LYS B 388 -19.90 10.17 5.85
N GLY B 389 -19.67 9.50 4.73
CA GLY B 389 -18.32 9.32 4.18
C GLY B 389 -17.47 8.21 4.85
N SER B 390 -18.02 7.50 5.83
CA SER B 390 -17.21 6.54 6.64
C SER B 390 -17.24 5.08 6.14
N PHE B 391 -18.07 4.78 5.16
CA PHE B 391 -18.16 3.41 4.68
C PHE B 391 -17.01 3.09 3.73
N PHE B 392 -16.27 2.03 4.07
CA PHE B 392 -15.12 1.55 3.30
C PHE B 392 -15.45 0.09 2.92
N GLU B 393 -15.97 -0.11 1.71
CA GLU B 393 -16.41 -1.43 1.31
C GLU B 393 -15.20 -2.31 0.94
N THR B 394 -15.25 -3.61 1.25
CA THR B 394 -14.15 -4.53 0.84
C THR B 394 -14.75 -5.78 0.25
N LEU B 395 -13.93 -6.54 -0.49
CA LEU B 395 -14.41 -7.73 -1.15
C LEU B 395 -15.58 -7.33 -2.10
N SER B 396 -15.48 -6.14 -2.68
CA SER B 396 -16.53 -5.62 -3.55
C SER B 396 -16.62 -6.31 -4.91
N GLY B 397 -15.64 -7.18 -5.21
CA GLY B 397 -15.53 -7.84 -6.50
C GLY B 397 -16.23 -9.18 -6.52
N TRP B 398 -16.63 -9.66 -5.35
CA TRP B 398 -16.93 -11.07 -5.17
C TRP B 398 -18.21 -11.22 -4.41
N ALA B 399 -19.04 -12.19 -4.82
CA ALA B 399 -20.21 -12.61 -4.05
C ALA B 399 -21.02 -11.38 -3.65
N LYS B 400 -21.53 -10.68 -4.65
CA LYS B 400 -22.09 -9.35 -4.41
C LYS B 400 -23.46 -9.35 -3.74
N GLY B 401 -24.03 -10.53 -3.53
CA GLY B 401 -25.22 -10.67 -2.68
C GLY B 401 -25.08 -10.08 -1.29
N VAL B 402 -23.85 -10.04 -0.79
CA VAL B 402 -23.62 -9.51 0.55
C VAL B 402 -22.70 -8.31 0.41
N VAL B 403 -22.85 -7.34 1.29
CA VAL B 403 -22.11 -6.11 1.18
C VAL B 403 -21.35 -5.98 2.49
N VAL B 404 -20.04 -5.78 2.41
CA VAL B 404 -19.16 -5.93 3.55
C VAL B 404 -18.27 -4.70 3.62
N GLY B 405 -18.16 -4.07 4.79
CA GLY B 405 -17.12 -3.05 4.90
C GLY B 405 -16.89 -2.55 6.32
N ARG B 406 -16.04 -1.53 6.46
CA ARG B 406 -15.90 -0.82 7.73
C ARG B 406 -16.74 0.47 7.69
N ALA B 407 -17.24 0.91 8.85
CA ALA B 407 -17.86 2.23 8.92
C ALA B 407 -17.58 2.80 10.31
N ARG B 408 -18.16 3.96 10.57
CA ARG B 408 -18.08 4.57 11.88
C ARG B 408 -19.49 4.99 12.33
N LEU B 409 -19.76 4.83 13.62
CA LEU B 409 -21.05 5.16 14.21
C LEU B 409 -20.77 6.21 15.28
N GLY B 410 -21.01 7.48 14.97
CA GLY B 410 -20.64 8.53 15.94
C GLY B 410 -19.12 8.57 16.15
N GLY B 411 -18.36 8.08 15.15
CA GLY B 411 -16.91 8.02 15.27
C GLY B 411 -16.32 6.68 15.74
N ILE B 412 -17.19 5.77 16.17
CA ILE B 412 -16.79 4.43 16.59
C ILE B 412 -16.68 3.49 15.39
N PRO B 413 -15.48 2.96 15.13
CA PRO B 413 -15.33 2.07 13.96
C PRO B 413 -15.98 0.73 14.23
N LEU B 414 -16.50 0.08 13.19
CA LEU B 414 -17.08 -1.25 13.33
C LEU B 414 -17.07 -1.90 11.98
N GLY B 415 -17.25 -3.23 11.95
CA GLY B 415 -17.47 -3.90 10.66
C GLY B 415 -18.95 -3.97 10.38
N VAL B 416 -19.33 -3.94 9.10
CA VAL B 416 -20.75 -3.88 8.74
C VAL B 416 -21.05 -4.91 7.70
N ILE B 417 -22.11 -5.68 7.90
CA ILE B 417 -22.54 -6.57 6.84
C ILE B 417 -24.01 -6.26 6.50
N GLY B 418 -24.26 -6.05 5.20
CA GLY B 418 -25.60 -5.76 4.68
C GLY B 418 -25.90 -6.70 3.55
N VAL B 419 -27.18 -6.75 3.18
CA VAL B 419 -27.66 -7.64 2.13
C VAL B 419 -28.07 -6.86 0.90
N GLU B 420 -27.50 -7.23 -0.23
CA GLU B 420 -27.86 -6.67 -1.51
C GLU B 420 -29.22 -7.25 -1.91
N THR B 421 -30.22 -6.37 -1.99
CA THR B 421 -31.60 -6.75 -2.36
C THR B 421 -31.82 -6.96 -3.87
N ARG B 422 -30.97 -6.35 -4.69
CA ARG B 422 -31.05 -6.49 -6.17
C ARG B 422 -30.37 -7.76 -6.68
N THR B 423 -30.88 -8.29 -7.78
CA THR B 423 -30.34 -9.50 -8.36
C THR B 423 -28.92 -9.28 -8.88
N VAL B 424 -28.04 -10.24 -8.61
CA VAL B 424 -26.66 -10.17 -9.08
C VAL B 424 -26.50 -11.05 -10.32
N GLU B 425 -25.85 -10.51 -11.35
CA GLU B 425 -25.56 -11.26 -12.57
C GLU B 425 -24.07 -11.58 -12.57
N ASN B 426 -23.77 -12.84 -12.30
CA ASN B 426 -22.42 -13.27 -12.06
C ASN B 426 -21.90 -13.90 -13.33
N LEU B 427 -21.12 -13.14 -14.08
CA LEU B 427 -20.63 -13.60 -15.37
C LEU B 427 -19.33 -14.36 -15.18
N ILE B 428 -19.42 -15.69 -15.31
CA ILE B 428 -18.26 -16.56 -15.22
C ILE B 428 -17.63 -16.72 -16.61
N PRO B 429 -16.35 -16.33 -16.77
CA PRO B 429 -15.73 -16.43 -18.10
C PRO B 429 -15.52 -17.89 -18.53
N ALA B 430 -15.19 -18.09 -19.80
CA ALA B 430 -14.89 -19.43 -20.32
C ALA B 430 -13.48 -19.88 -19.90
N ASP B 431 -13.36 -21.17 -19.61
CA ASP B 431 -12.07 -21.83 -19.35
C ASP B 431 -11.32 -22.06 -20.68
N PRO B 432 -10.17 -21.37 -20.89
CA PRO B 432 -9.48 -21.50 -22.17
C PRO B 432 -8.78 -22.86 -22.41
N ALA B 433 -8.63 -23.68 -21.37
CA ALA B 433 -8.03 -25.00 -21.51
C ALA B 433 -9.05 -26.01 -22.04
N ASN B 434 -10.31 -25.56 -22.16
CA ASN B 434 -11.40 -26.40 -22.68
C ASN B 434 -12.09 -25.70 -23.85
N PRO B 435 -12.03 -26.30 -25.06
CA PRO B 435 -12.59 -25.65 -26.26
C PRO B 435 -14.12 -25.69 -26.29
N ASN B 436 -14.68 -26.76 -25.72
CA ASN B 436 -16.12 -26.90 -25.50
C ASN B 436 -16.57 -26.26 -24.17
N SER B 437 -15.95 -25.14 -23.85
CA SER B 437 -16.30 -24.34 -22.68
C SER B 437 -16.76 -22.98 -23.17
N ALA B 438 -17.90 -22.55 -22.65
CA ALA B 438 -18.44 -21.22 -22.93
C ALA B 438 -18.76 -20.49 -21.62
N GLU B 439 -18.59 -19.17 -21.65
CA GLU B 439 -18.94 -18.28 -20.54
C GLU B 439 -20.39 -18.46 -20.04
N THR B 440 -20.56 -18.64 -18.73
CA THR B 440 -21.89 -18.82 -18.15
C THR B 440 -22.31 -17.63 -17.29
N LEU B 441 -23.60 -17.34 -17.30
CA LEU B 441 -24.16 -16.27 -16.51
C LEU B 441 -24.98 -16.87 -15.39
N ILE B 442 -24.64 -16.54 -14.14
CA ILE B 442 -25.42 -17.04 -13.00
C ILE B 442 -26.20 -15.92 -12.41
N GLN B 443 -27.50 -16.17 -12.24
CA GLN B 443 -28.41 -15.24 -11.59
C GLN B 443 -28.39 -15.55 -10.11
N GLU B 444 -28.08 -14.54 -9.31
CA GLU B 444 -28.13 -14.68 -7.87
C GLU B 444 -29.20 -13.70 -7.35
N PRO B 445 -30.38 -14.25 -7.03
CA PRO B 445 -31.47 -13.48 -6.44
C PRO B 445 -31.07 -12.84 -5.10
N GLY B 446 -31.58 -11.63 -4.87
CA GLY B 446 -31.33 -10.88 -3.65
C GLY B 446 -31.86 -11.58 -2.44
N GLN B 447 -31.25 -11.27 -1.30
CA GLN B 447 -31.68 -11.79 0.01
C GLN B 447 -31.65 -13.31 0.16
N VAL B 448 -30.86 -13.96 -0.68
CA VAL B 448 -30.63 -15.40 -0.60
C VAL B 448 -29.12 -15.66 -0.49
N TRP B 449 -28.75 -16.50 0.46
CA TRP B 449 -27.36 -16.94 0.62
C TRP B 449 -27.08 -18.05 -0.37
N HIS B 450 -26.09 -17.85 -1.23
CA HIS B 450 -25.48 -18.89 -2.02
C HIS B 450 -24.10 -19.28 -1.42
N PRO B 451 -23.48 -20.39 -1.89
CA PRO B 451 -22.15 -20.77 -1.37
C PRO B 451 -21.19 -19.57 -1.29
N ASN B 452 -21.15 -18.78 -2.37
CA ASN B 452 -20.18 -17.69 -2.43
C ASN B 452 -20.47 -16.64 -1.39
N SER B 453 -21.73 -16.23 -1.24
CA SER B 453 -22.05 -15.13 -0.33
C SER B 453 -22.07 -15.60 1.12
N ALA B 454 -22.37 -16.88 1.35
CA ALA B 454 -22.18 -17.45 2.70
C ALA B 454 -20.69 -17.43 3.10
N PHE B 455 -19.83 -17.83 2.17
CA PHE B 455 -18.37 -17.88 2.40
C PHE B 455 -17.92 -16.48 2.70
N LYS B 456 -18.39 -15.52 1.91
CA LYS B 456 -18.01 -14.14 2.08
C LYS B 456 -18.44 -13.57 3.42
N THR B 457 -19.62 -13.93 3.87
CA THR B 457 -20.11 -13.46 5.16
C THR B 457 -19.21 -14.02 6.27
N ALA B 458 -18.83 -15.29 6.15
CA ALA B 458 -18.00 -15.91 7.19
C ALA B 458 -16.63 -15.26 7.18
N GLN B 459 -16.10 -15.02 5.98
CA GLN B 459 -14.80 -14.39 5.81
C GLN B 459 -14.77 -13.02 6.45
N ALA B 460 -15.78 -12.18 6.14
CA ALA B 460 -15.87 -10.85 6.73
C ALA B 460 -15.89 -10.92 8.24
N ILE B 461 -16.75 -11.79 8.80
CA ILE B 461 -16.82 -11.94 10.25
C ILE B 461 -15.42 -12.27 10.79
N ASN B 462 -14.76 -13.28 10.19
CA ASN B 462 -13.40 -13.62 10.55
C ASN B 462 -12.40 -12.44 10.43
N ASP B 463 -12.45 -11.65 9.34
CA ASP B 463 -11.50 -10.55 9.11
C ASP B 463 -11.75 -9.33 10.01
N PHE B 464 -13.00 -9.13 10.48
CA PHE B 464 -13.27 -8.09 11.51
C PHE B 464 -12.72 -8.54 12.85
N ASN B 465 -12.81 -9.85 13.12
CA ASN B 465 -12.49 -10.39 14.43
C ASN B 465 -10.98 -10.48 14.68
N ASN B 466 -10.26 -11.13 13.76
CA ASN B 466 -8.81 -11.34 13.87
C ASN B 466 -8.09 -10.09 13.44
N GLY B 467 -7.15 -9.61 14.26
CA GLY B 467 -6.31 -8.48 13.90
C GLY B 467 -7.01 -7.13 13.96
N GLU B 468 -8.08 -6.94 13.21
CA GLU B 468 -8.85 -5.69 13.32
C GLU B 468 -9.49 -5.52 14.70
N GLN B 469 -9.97 -6.62 15.29
CA GLN B 469 -10.59 -6.62 16.63
C GLN B 469 -11.76 -5.64 16.75
N LEU B 470 -12.58 -5.61 15.69
CA LEU B 470 -13.70 -4.68 15.61
C LEU B 470 -14.97 -5.30 16.13
N PRO B 471 -15.88 -4.46 16.66
CA PRO B 471 -17.27 -4.86 16.85
C PRO B 471 -17.94 -4.93 15.47
N MET B 472 -19.14 -5.48 15.43
CA MET B 472 -19.81 -5.73 14.15
C MET B 472 -21.32 -5.46 14.19
N MET B 473 -21.86 -4.91 13.12
CA MET B 473 -23.30 -4.92 12.91
C MET B 473 -23.64 -5.70 11.67
N ILE B 474 -24.58 -6.63 11.79
CA ILE B 474 -25.13 -7.31 10.63
C ILE B 474 -26.56 -6.81 10.44
N LEU B 475 -26.80 -6.10 9.35
CA LEU B 475 -28.14 -5.66 8.98
C LEU B 475 -28.83 -6.85 8.30
N ALA B 476 -29.27 -7.81 9.09
CA ALA B 476 -29.66 -9.12 8.61
C ALA B 476 -30.98 -9.02 7.87
N ASN B 477 -30.98 -9.45 6.62
CA ASN B 477 -32.12 -9.31 5.74
C ASN B 477 -32.11 -10.42 4.67
N TRP B 478 -32.04 -11.67 5.12
CA TRP B 478 -32.03 -12.83 4.21
C TRP B 478 -33.32 -13.64 4.31
N ARG B 479 -33.77 -14.14 3.16
CA ARG B 479 -34.97 -14.97 3.09
C ARG B 479 -34.63 -16.43 3.28
N GLY B 480 -33.37 -16.77 3.17
CA GLY B 480 -32.93 -18.15 3.43
C GLY B 480 -31.68 -18.50 2.67
N PHE B 481 -31.21 -19.73 2.87
CA PHE B 481 -30.15 -20.28 2.03
C PHE B 481 -30.77 -20.87 0.75
N SER B 482 -30.05 -20.81 -0.37
CA SER B 482 -30.49 -21.52 -1.57
C SER B 482 -30.37 -23.04 -1.40
N GLY B 483 -31.43 -23.75 -1.75
CA GLY B 483 -31.57 -25.16 -1.43
C GLY B 483 -31.74 -26.03 -2.66
N GLY B 484 -31.57 -25.43 -3.83
CA GLY B 484 -31.68 -26.13 -5.10
C GLY B 484 -30.49 -27.02 -5.36
N GLN B 485 -30.54 -27.79 -6.46
CA GLN B 485 -29.53 -28.81 -6.67
C GLN B 485 -28.11 -28.22 -6.83
N ARG B 486 -27.98 -27.17 -7.63
CA ARG B 486 -26.67 -26.61 -7.95
C ARG B 486 -25.95 -26.15 -6.67
N ASP B 487 -26.65 -25.36 -5.85
CA ASP B 487 -26.13 -24.78 -4.64
C ASP B 487 -25.87 -25.80 -3.51
N MET B 488 -26.71 -26.83 -3.45
CA MET B 488 -26.49 -27.94 -2.55
C MET B 488 -25.27 -28.75 -2.98
N PHE B 489 -25.19 -29.05 -4.27
CA PHE B 489 -24.03 -29.73 -4.82
C PHE B 489 -22.74 -28.94 -4.56
N ASN B 490 -22.83 -27.62 -4.75
CA ASN B 490 -21.70 -26.73 -4.53
C ASN B 490 -21.53 -26.37 -3.03
N GLU B 491 -22.13 -27.18 -2.15
CA GLU B 491 -21.70 -27.25 -0.74
C GLU B 491 -22.15 -26.07 0.11
N VAL B 492 -23.30 -25.50 -0.20
CA VAL B 492 -23.81 -24.37 0.59
C VAL B 492 -23.79 -24.67 2.10
N LEU B 493 -24.06 -25.94 2.46
CA LEU B 493 -24.05 -26.41 3.85
C LEU B 493 -22.74 -26.14 4.60
N LYS B 494 -21.63 -26.33 3.89
CA LYS B 494 -20.30 -26.09 4.45
C LYS B 494 -20.10 -24.62 4.69
N TYR B 495 -20.45 -23.78 3.71
CA TYR B 495 -20.22 -22.34 3.82
C TYR B 495 -21.13 -21.66 4.86
N GLY B 496 -22.38 -22.12 4.95
CA GLY B 496 -23.29 -21.67 6.00
C GLY B 496 -22.74 -21.98 7.38
N SER B 497 -22.19 -23.19 7.52
CA SER B 497 -21.59 -23.62 8.78
C SER B 497 -20.41 -22.75 9.20
N PHE B 498 -19.61 -22.29 8.24
CA PHE B 498 -18.52 -21.35 8.52
C PHE B 498 -19.01 -20.09 9.24
N ILE B 499 -20.20 -19.61 8.89
CA ILE B 499 -20.73 -18.40 9.53
C ILE B 499 -20.88 -18.64 11.02
N VAL B 500 -21.48 -19.79 11.37
CA VAL B 500 -21.66 -20.19 12.76
C VAL B 500 -20.31 -20.23 13.49
N ASP B 501 -19.32 -20.89 12.87
CA ASP B 501 -17.99 -21.01 13.48
C ASP B 501 -17.38 -19.66 13.70
N ALA B 502 -17.54 -18.77 12.72
CA ALA B 502 -16.99 -17.43 12.81
C ALA B 502 -17.61 -16.65 13.96
N LEU B 503 -18.92 -16.81 14.16
CA LEU B 503 -19.63 -16.14 15.27
C LEU B 503 -19.26 -16.74 16.63
N VAL B 504 -19.17 -18.07 16.71
CA VAL B 504 -18.65 -18.68 17.95
C VAL B 504 -17.31 -18.05 18.43
N ASP B 505 -16.45 -17.71 17.47
CA ASP B 505 -15.11 -17.23 17.77
C ASP B 505 -14.97 -15.74 18.05
N TYR B 506 -16.06 -14.99 17.86
CA TYR B 506 -16.03 -13.55 17.84
C TYR B 506 -15.85 -12.98 19.26
N LYS B 507 -14.98 -11.98 19.41
CA LYS B 507 -14.57 -11.50 20.73
C LYS B 507 -15.00 -10.06 21.03
N GLN B 508 -15.72 -9.42 20.13
CA GLN B 508 -16.14 -8.05 20.39
C GLN B 508 -17.69 -8.02 20.25
N PRO B 509 -18.35 -6.96 20.77
CA PRO B 509 -19.82 -6.85 20.65
C PRO B 509 -20.33 -7.02 19.23
N ILE B 510 -21.43 -7.77 19.09
CA ILE B 510 -22.12 -7.91 17.82
C ILE B 510 -23.57 -7.42 17.94
N ILE B 511 -23.99 -6.65 16.96
CA ILE B 511 -25.38 -6.23 16.87
C ILE B 511 -25.94 -6.83 15.59
N ILE B 512 -26.96 -7.68 15.72
CA ILE B 512 -27.78 -8.10 14.58
C ILE B 512 -29.11 -7.25 14.58
N TYR B 513 -29.44 -6.65 13.45
CA TYR B 513 -30.59 -5.75 13.34
C TYR B 513 -31.36 -6.03 12.03
N ILE B 514 -32.58 -6.58 12.12
CA ILE B 514 -33.42 -6.74 10.92
C ILE B 514 -34.00 -5.37 10.61
N PRO B 515 -33.60 -4.79 9.47
CA PRO B 515 -33.97 -3.40 9.16
C PRO B 515 -35.45 -3.24 8.72
N PRO B 516 -35.89 -1.99 8.50
CA PRO B 516 -37.31 -1.70 8.24
C PRO B 516 -38.01 -2.49 7.15
N THR B 517 -37.49 -2.68 5.95
CA THR B 517 -38.40 -3.49 5.09
C THR B 517 -37.96 -4.95 5.06
N GLY B 518 -37.20 -5.34 6.09
CA GLY B 518 -36.41 -6.53 5.99
C GLY B 518 -37.04 -7.71 6.66
N GLU B 519 -36.44 -8.87 6.44
CA GLU B 519 -36.92 -10.10 7.03
C GLU B 519 -35.74 -11.06 7.26
N LEU B 520 -35.97 -12.03 8.13
CA LEU B 520 -35.03 -13.08 8.39
C LEU B 520 -35.88 -14.33 8.56
N ARG B 521 -35.70 -15.32 7.69
CA ARG B 521 -36.57 -16.49 7.69
C ARG B 521 -35.82 -17.78 7.94
N GLY B 522 -36.46 -18.70 8.65
CA GLY B 522 -35.94 -20.02 8.85
C GLY B 522 -34.44 -20.02 9.08
N GLY B 523 -33.74 -20.81 8.25
CA GLY B 523 -32.29 -20.98 8.36
C GLY B 523 -31.46 -19.73 8.33
N SER B 524 -31.94 -18.67 7.68
CA SER B 524 -31.12 -17.49 7.67
C SER B 524 -31.11 -16.80 9.02
N TRP B 525 -32.13 -17.05 9.83
CA TRP B 525 -32.15 -16.51 11.19
C TRP B 525 -31.21 -17.34 12.05
N VAL B 526 -31.26 -18.67 11.87
CA VAL B 526 -30.51 -19.57 12.70
C VAL B 526 -29.03 -19.18 12.78
N VAL B 527 -28.38 -19.00 11.63
CA VAL B 527 -26.95 -18.75 11.60
C VAL B 527 -26.53 -17.43 12.23
N VAL B 528 -27.49 -16.56 12.58
CA VAL B 528 -27.16 -15.32 13.28
C VAL B 528 -27.89 -15.17 14.60
N ASP B 529 -28.43 -16.25 15.15
CA ASP B 529 -29.10 -16.15 16.43
C ASP B 529 -28.11 -15.83 17.55
N PRO B 530 -28.46 -14.91 18.47
CA PRO B 530 -27.54 -14.43 19.52
C PRO B 530 -27.11 -15.54 20.44
N THR B 531 -27.81 -16.64 20.36
CA THR B 531 -27.60 -17.75 21.22
C THR B 531 -26.37 -18.58 20.70
N ILE B 532 -25.96 -18.33 19.46
CA ILE B 532 -24.68 -18.86 19.00
C ILE B 532 -23.50 -18.34 19.88
N ASN B 533 -23.60 -17.11 20.32
CA ASN B 533 -22.51 -16.51 21.11
C ASN B 533 -23.12 -15.44 21.99
N ALA B 534 -23.70 -15.90 23.08
CA ALA B 534 -24.48 -15.04 23.95
C ALA B 534 -23.63 -14.00 24.69
N ASP B 535 -22.33 -14.27 24.83
CA ASP B 535 -21.43 -13.30 25.48
C ASP B 535 -21.38 -12.03 24.66
N GLN B 536 -21.51 -12.14 23.34
CA GLN B 536 -21.24 -10.99 22.48
C GLN B 536 -22.40 -10.51 21.64
N MET B 537 -23.30 -11.42 21.28
CA MET B 537 -24.34 -11.14 20.28
C MET B 537 -25.62 -10.57 20.87
N GLU B 538 -26.19 -9.57 20.22
CA GLU B 538 -27.57 -9.14 20.55
C GLU B 538 -28.35 -8.97 19.28
N MET B 539 -29.63 -9.36 19.33
CA MET B 539 -30.52 -9.28 18.16
C MET B 539 -31.61 -8.20 18.38
N TYR B 540 -31.82 -7.41 17.33
CA TYR B 540 -32.84 -6.36 17.31
C TYR B 540 -33.68 -6.47 16.05
N ALA B 541 -34.95 -6.08 16.16
CA ALA B 541 -35.82 -6.06 14.98
C ALA B 541 -36.49 -4.70 14.80
N ASP B 542 -36.52 -4.24 13.57
CA ASP B 542 -37.27 -3.06 13.29
C ASP B 542 -38.76 -3.33 13.46
N VAL B 543 -39.43 -2.29 13.91
CA VAL B 543 -40.88 -2.31 14.09
C VAL B 543 -41.55 -2.68 12.76
N ASN B 544 -40.91 -2.33 11.65
CA ASN B 544 -41.34 -2.78 10.33
C ASN B 544 -40.58 -3.99 9.73
N ALA B 545 -39.95 -4.80 10.58
CA ALA B 545 -39.25 -6.00 10.11
C ALA B 545 -40.20 -7.19 10.16
N ARG B 546 -39.76 -8.33 9.65
CA ARG B 546 -40.56 -9.54 9.80
C ARG B 546 -39.67 -10.77 9.95
N ALA B 547 -40.18 -11.79 10.65
CA ALA B 547 -39.44 -13.01 10.90
C ALA B 547 -40.33 -14.14 11.38
N GLY B 548 -39.96 -15.35 10.94
CA GLY B 548 -40.61 -16.59 11.34
C GLY B 548 -39.94 -17.69 10.54
N VAL B 549 -40.36 -18.93 10.79
CA VAL B 549 -39.76 -20.07 10.09
C VAL B 549 -40.05 -20.01 8.59
N LEU B 550 -41.27 -19.63 8.21
CA LEU B 550 -41.64 -19.52 6.78
C LEU B 550 -42.21 -18.16 6.41
N GLU B 551 -42.11 -17.77 5.14
CA GLU B 551 -42.90 -16.67 4.58
C GLU B 551 -44.41 -17.00 4.72
N PRO B 552 -45.29 -15.97 4.76
CA PRO B 552 -46.74 -16.25 4.84
C PRO B 552 -47.29 -17.25 3.80
N GLN B 553 -46.89 -17.08 2.54
CA GLN B 553 -47.26 -18.00 1.46
C GLN B 553 -46.93 -19.46 1.81
N GLY B 554 -45.69 -19.71 2.23
CA GLY B 554 -45.32 -21.05 2.68
C GLY B 554 -46.12 -21.52 3.87
N MET B 555 -46.38 -20.62 4.81
CA MET B 555 -47.15 -20.91 6.01
C MET B 555 -48.60 -21.30 5.68
N VAL B 556 -49.16 -20.62 4.68
CA VAL B 556 -50.51 -20.87 4.22
C VAL B 556 -50.58 -22.26 3.60
N GLY B 557 -49.67 -22.54 2.66
CA GLY B 557 -49.60 -23.84 1.98
C GLY B 557 -49.61 -25.03 2.91
N ILE B 558 -49.30 -24.82 4.19
CA ILE B 558 -49.24 -25.93 5.15
C ILE B 558 -50.31 -25.86 6.25
N LYS B 559 -50.59 -24.66 6.74
CA LYS B 559 -51.46 -24.52 7.94
C LYS B 559 -52.81 -23.82 7.71
N PHE B 560 -52.99 -23.21 6.55
CA PHE B 560 -54.27 -22.58 6.19
C PHE B 560 -54.65 -23.01 4.76
N ARG B 561 -54.81 -24.33 4.58
CA ARG B 561 -55.03 -24.92 3.26
C ARG B 561 -56.52 -25.17 2.96
N ARG B 562 -56.92 -24.79 1.74
CA ARG B 562 -58.30 -24.84 1.20
C ARG B 562 -59.47 -25.26 2.12
N GLU B 563 -59.39 -26.45 2.72
CA GLU B 563 -60.42 -26.92 3.66
C GLU B 563 -60.67 -25.97 4.85
N LYS B 564 -59.59 -25.45 5.44
CA LYS B 564 -59.67 -24.50 6.57
C LYS B 564 -60.10 -23.11 6.08
N LEU B 565 -59.77 -22.81 4.83
CA LEU B 565 -60.23 -21.60 4.17
C LEU B 565 -61.74 -21.67 3.82
N LEU B 566 -62.32 -22.88 3.86
CA LEU B 566 -63.77 -23.06 3.69
C LEU B 566 -64.53 -22.83 5.00
N ASP B 567 -64.06 -23.42 6.10
CA ASP B 567 -64.64 -23.20 7.42
C ASP B 567 -64.67 -21.72 7.80
N THR B 568 -63.84 -20.92 7.14
CA THR B 568 -63.74 -19.48 7.42
C THR B 568 -64.78 -18.65 6.63
N MET B 569 -64.92 -18.95 5.34
CA MET B 569 -66.00 -18.37 4.53
C MET B 569 -67.37 -18.63 5.19
N ASN B 570 -67.49 -19.82 5.77
CA ASN B 570 -68.68 -20.25 6.50
C ASN B 570 -68.98 -19.42 7.75
N ARG B 571 -67.96 -19.14 8.57
CA ARG B 571 -68.17 -18.34 9.78
C ARG B 571 -68.32 -16.84 9.46
N LEU B 572 -67.82 -16.41 8.30
CA LEU B 572 -67.67 -14.97 8.03
C LEU B 572 -68.54 -14.36 6.93
N ASP B 573 -68.89 -15.16 5.91
CA ASP B 573 -69.68 -14.66 4.80
C ASP B 573 -71.11 -15.23 4.75
N ASP B 574 -72.10 -14.33 4.66
CA ASP B 574 -73.54 -14.67 4.74
C ASP B 574 -74.03 -15.64 3.65
N LYS B 575 -73.77 -15.29 2.38
CA LYS B 575 -74.10 -16.13 1.21
C LYS B 575 -73.85 -17.63 1.42
N TYR B 576 -72.77 -17.94 2.15
CA TYR B 576 -72.21 -19.29 2.25
C TYR B 576 -72.87 -20.10 3.37
N ARG B 605 -68.87 -20.07 -5.00
CA ARG B 605 -67.75 -19.63 -4.14
C ARG B 605 -66.49 -19.24 -4.94
N GLU B 606 -66.58 -18.14 -5.68
CA GLU B 606 -65.45 -17.57 -6.39
C GLU B 606 -65.10 -16.22 -5.76
N LEU B 607 -64.73 -16.31 -4.49
CA LEU B 607 -64.29 -15.20 -3.65
C LEU B 607 -62.84 -15.47 -3.20
N LEU B 608 -62.38 -16.68 -3.56
CA LEU B 608 -61.11 -17.30 -3.14
C LEU B 608 -59.83 -16.45 -3.24
N PRO B 609 -59.73 -15.53 -4.23
CA PRO B 609 -58.56 -14.65 -4.26
C PRO B 609 -58.33 -13.88 -2.96
N ILE B 610 -59.39 -13.28 -2.41
CA ILE B 610 -59.25 -12.39 -1.24
C ILE B 610 -59.48 -13.11 0.10
N TYR B 611 -59.90 -14.37 0.06
CA TYR B 611 -59.88 -15.21 1.27
C TYR B 611 -58.49 -15.85 1.47
N GLY B 612 -57.75 -16.01 0.37
CA GLY B 612 -56.34 -16.36 0.42
C GLY B 612 -55.57 -15.21 1.06
N GLN B 613 -55.88 -13.99 0.62
CA GLN B 613 -55.30 -12.77 1.17
C GLN B 613 -55.52 -12.68 2.68
N ILE B 614 -56.72 -13.02 3.12
CA ILE B 614 -57.01 -13.05 4.55
C ILE B 614 -56.10 -14.05 5.28
N SER B 615 -55.92 -15.24 4.70
CA SER B 615 -55.08 -16.25 5.31
C SER B 615 -53.63 -15.73 5.41
N LEU B 616 -53.20 -15.03 4.37
CA LEU B 616 -51.90 -14.38 4.33
C LEU B 616 -51.69 -13.38 5.47
N GLN B 617 -52.60 -12.41 5.62
CA GLN B 617 -52.52 -11.41 6.68
C GLN B 617 -52.52 -12.06 8.04
N PHE B 618 -53.34 -13.09 8.19
CA PHE B 618 -53.39 -13.88 9.40
C PHE B 618 -51.98 -14.40 9.75
N ALA B 619 -51.31 -14.98 8.77
CA ALA B 619 -49.96 -15.53 8.91
C ALA B 619 -48.96 -14.43 9.26
N ASP B 620 -49.03 -13.35 8.49
CA ASP B 620 -48.12 -12.22 8.58
C ASP B 620 -48.21 -11.55 9.94
N LEU B 621 -49.34 -11.77 10.62
CA LEU B 621 -49.56 -11.11 11.90
C LEU B 621 -48.81 -11.83 13.02
N HIS B 622 -48.35 -13.04 12.74
CA HIS B 622 -47.46 -13.78 13.66
C HIS B 622 -46.00 -13.33 13.54
N ASP B 623 -45.63 -12.80 12.38
CA ASP B 623 -44.25 -12.57 12.01
C ASP B 623 -43.70 -11.23 12.45
N ARG B 624 -44.28 -10.65 13.48
CA ARG B 624 -44.03 -9.24 13.77
C ARG B 624 -43.03 -9.10 14.90
N SER B 625 -42.39 -7.94 14.98
CA SER B 625 -41.43 -7.69 16.05
C SER B 625 -42.03 -7.84 17.43
N SER B 626 -43.32 -7.53 17.57
CA SER B 626 -44.04 -7.65 18.85
C SER B 626 -44.03 -9.07 19.35
N ARG B 627 -44.19 -10.02 18.44
CA ARG B 627 -44.18 -11.42 18.85
C ARG B 627 -42.74 -11.83 19.25
N MET B 628 -41.75 -11.33 18.51
CA MET B 628 -40.34 -11.48 18.87
C MET B 628 -40.03 -11.02 20.29
N VAL B 629 -40.54 -9.84 20.66
CA VAL B 629 -40.42 -9.35 22.04
C VAL B 629 -41.10 -10.30 23.02
N ALA B 630 -42.36 -10.65 22.75
CA ALA B 630 -43.13 -11.55 23.64
C ALA B 630 -42.47 -12.90 23.82
N LYS B 631 -41.83 -13.42 22.78
CA LYS B 631 -41.15 -14.71 22.88
C LYS B 631 -39.71 -14.65 23.47
N GLY B 632 -39.20 -13.43 23.71
CA GLY B 632 -37.86 -13.18 24.28
C GLY B 632 -36.69 -13.52 23.35
N VAL B 633 -36.90 -13.42 22.03
CA VAL B 633 -35.87 -13.79 21.06
C VAL B 633 -35.04 -12.58 20.56
N ILE B 634 -35.44 -11.37 20.96
CA ILE B 634 -34.67 -10.17 20.58
C ILE B 634 -34.51 -9.31 21.82
N SER B 635 -33.58 -8.36 21.77
CA SER B 635 -33.36 -7.49 22.92
C SER B 635 -34.39 -6.34 22.93
N LYS B 636 -34.69 -5.79 21.75
CA LYS B 636 -35.67 -4.70 21.60
C LYS B 636 -36.19 -4.66 20.17
N GLU B 637 -37.40 -4.13 19.99
CA GLU B 637 -37.82 -3.70 18.67
C GLU B 637 -37.48 -2.22 18.57
N LEU B 638 -37.12 -1.76 17.38
CA LEU B 638 -36.67 -0.39 17.21
C LEU B 638 -37.36 0.29 16.05
N GLU B 639 -37.19 1.60 15.99
CA GLU B 639 -37.63 2.37 14.84
C GLU B 639 -36.43 2.88 14.10
N TRP B 640 -36.37 2.54 12.83
CA TRP B 640 -35.29 2.94 11.96
C TRP B 640 -34.75 4.34 12.26
N THR B 641 -35.63 5.37 12.19
CA THR B 641 -35.13 6.75 12.20
C THR B 641 -34.38 7.06 13.49
N GLU B 642 -34.68 6.30 14.53
CA GLU B 642 -33.99 6.45 15.83
C GLU B 642 -32.82 5.42 16.08
N ALA B 643 -32.52 4.59 15.07
CA ALA B 643 -31.58 3.47 15.25
C ALA B 643 -30.15 3.95 15.48
N ARG B 644 -29.78 5.01 14.76
CA ARG B 644 -28.47 5.63 14.95
C ARG B 644 -28.23 6.06 16.38
N ARG B 645 -29.18 6.77 16.98
CA ARG B 645 -29.01 7.25 18.35
C ARG B 645 -29.01 6.08 19.27
N PHE B 646 -29.86 5.12 19.01
CA PHE B 646 -29.93 3.98 19.90
C PHE B 646 -28.63 3.16 19.81
N PHE B 647 -28.22 2.78 18.59
CA PHE B 647 -27.05 1.92 18.44
C PHE B 647 -25.76 2.59 18.86
N PHE B 648 -25.65 3.88 18.60
CA PHE B 648 -24.49 4.60 19.05
C PHE B 648 -24.24 4.36 20.53
N TRP B 649 -25.27 4.56 21.36
CA TRP B 649 -25.05 4.48 22.81
C TRP B 649 -24.97 3.07 23.29
N ARG B 650 -25.72 2.19 22.65
CA ARG B 650 -25.66 0.79 23.03
C ARG B 650 -24.24 0.27 22.70
N LEU B 651 -23.73 0.63 21.51
CA LEU B 651 -22.41 0.13 21.14
C LEU B 651 -21.34 0.71 22.08
N ARG B 652 -21.39 2.01 22.28
CA ARG B 652 -20.47 2.68 23.18
C ARG B 652 -20.50 2.07 24.58
N ARG B 653 -21.70 1.81 25.07
CA ARG B 653 -21.85 1.20 26.39
C ARG B 653 -21.31 -0.24 26.39
N ARG B 654 -21.60 -1.01 25.33
CA ARG B 654 -21.11 -2.40 25.28
C ARG B 654 -19.56 -2.42 25.28
N LEU B 655 -18.96 -1.56 24.47
CA LEU B 655 -17.50 -1.41 24.41
C LEU B 655 -16.87 -1.03 25.76
N ASN B 656 -17.46 -0.04 26.46
CA ASN B 656 -16.92 0.34 27.77
C ASN B 656 -16.99 -0.80 28.79
N GLU B 657 -18.10 -1.53 28.80
CA GLU B 657 -18.24 -2.66 29.70
C GLU B 657 -17.28 -3.84 29.34
N GLU B 658 -17.11 -4.11 28.04
CA GLU B 658 -16.15 -5.13 27.56
C GLU B 658 -14.75 -4.85 28.07
N TYR B 659 -14.35 -3.59 27.96
CA TYR B 659 -13.04 -3.11 28.40
C TYR B 659 -12.89 -3.33 29.89
N LEU B 660 -13.90 -3.05 30.66
CA LEU B 660 -13.78 -3.28 32.09
C LEU B 660 -13.67 -4.77 32.41
N ILE B 661 -14.39 -5.61 31.66
CA ILE B 661 -14.29 -7.07 31.82
C ILE B 661 -12.84 -7.51 31.56
N LYS B 662 -12.28 -7.05 30.44
CA LYS B 662 -10.90 -7.37 30.08
C LYS B 662 -9.91 -6.93 31.19
N ARG B 663 -9.99 -5.68 31.65
CA ARG B 663 -9.15 -5.23 32.77
C ARG B 663 -9.37 -6.07 34.03
N LEU B 664 -10.60 -6.53 34.24
CA LEU B 664 -10.90 -7.32 35.44
C LEU B 664 -10.36 -8.75 35.34
N SER B 665 -10.31 -9.29 34.13
CA SER B 665 -9.70 -10.60 33.90
C SER B 665 -8.26 -10.63 34.44
N HIS B 666 -7.53 -9.51 34.26
CA HIS B 666 -6.14 -9.38 34.74
C HIS B 666 -6.00 -9.47 36.25
N GLN B 667 -5.84 -10.70 36.72
CA GLN B 667 -5.61 -11.06 38.13
C GLN B 667 -5.80 -12.59 38.27
N VAL B 668 -5.02 -13.21 39.17
CA VAL B 668 -4.93 -14.69 39.26
C VAL B 668 -6.26 -15.43 39.51
N GLY B 669 -7.06 -14.93 40.46
CA GLY B 669 -8.34 -15.58 40.84
C GLY B 669 -9.44 -15.41 39.80
N GLU B 670 -9.57 -16.41 38.92
CA GLU B 670 -10.41 -16.31 37.71
C GLU B 670 -11.88 -16.74 37.87
N ALA B 671 -12.78 -15.77 37.64
CA ALA B 671 -14.21 -15.97 37.75
C ALA B 671 -14.88 -16.01 36.38
N SER B 672 -16.13 -16.47 36.35
CA SER B 672 -16.91 -16.52 35.13
C SER B 672 -17.18 -15.12 34.58
N ARG B 673 -17.71 -15.07 33.36
CA ARG B 673 -18.05 -13.80 32.75
C ARG B 673 -19.19 -13.13 33.52
N LEU B 674 -20.26 -13.87 33.77
CA LEU B 674 -21.41 -13.38 34.50
C LEU B 674 -21.02 -12.77 35.84
N GLU B 675 -20.05 -13.37 36.51
CA GLU B 675 -19.54 -12.84 37.78
C GLU B 675 -18.71 -11.57 37.56
N LYS B 676 -17.95 -11.53 36.47
CA LYS B 676 -17.18 -10.34 36.15
C LYS B 676 -18.09 -9.12 35.90
N ILE B 677 -19.17 -9.28 35.12
CA ILE B 677 -20.04 -8.12 34.84
C ILE B 677 -20.83 -7.72 36.07
N ALA B 678 -21.16 -8.70 36.91
CA ALA B 678 -21.83 -8.45 38.18
C ALA B 678 -20.96 -7.55 39.07
N ARG B 679 -19.70 -7.92 39.26
CA ARG B 679 -18.78 -7.09 40.03
C ARG B 679 -18.70 -5.68 39.46
N ILE B 680 -18.45 -5.58 38.15
CA ILE B 680 -18.41 -4.29 37.48
C ILE B 680 -19.70 -3.49 37.72
N ARG B 681 -20.86 -4.11 37.54
CA ARG B 681 -22.11 -3.41 37.68
C ARG B 681 -22.44 -2.98 39.13
N SER B 682 -21.86 -3.68 40.10
CA SER B 682 -22.02 -3.29 41.50
C SER B 682 -21.21 -2.03 41.81
N TRP B 683 -20.27 -1.66 40.95
CA TRP B 683 -19.54 -0.42 41.15
C TRP B 683 -20.35 0.83 40.78
N TYR B 684 -21.38 0.68 39.95
CA TYR B 684 -22.18 1.85 39.54
C TYR B 684 -22.97 2.36 40.75
N PRO B 685 -22.99 3.69 40.96
CA PRO B 685 -23.80 4.21 42.08
C PRO B 685 -25.29 3.91 41.85
N ALA B 686 -26.10 4.06 42.90
CA ALA B 686 -27.55 3.85 42.81
C ALA B 686 -28.24 4.81 41.83
N SER B 687 -27.65 5.97 41.60
CA SER B 687 -28.20 6.95 40.68
C SER B 687 -28.18 6.48 39.21
N VAL B 688 -27.34 5.49 38.91
CA VAL B 688 -27.16 5.01 37.53
C VAL B 688 -28.14 3.88 37.21
N ASP B 689 -28.95 4.08 36.18
CA ASP B 689 -29.82 3.02 35.69
C ASP B 689 -29.00 2.03 34.81
N HIS B 690 -28.84 0.77 35.26
CA HIS B 690 -28.12 -0.27 34.50
C HIS B 690 -28.63 -0.42 33.08
N GLU B 691 -29.93 -0.20 32.87
CA GLU B 691 -30.57 -0.38 31.57
C GLU B 691 -30.41 0.81 30.66
N ASP B 692 -29.90 1.93 31.15
CA ASP B 692 -29.76 3.09 30.27
C ASP B 692 -28.36 3.23 29.69
N ASP B 693 -28.27 2.95 28.39
CA ASP B 693 -26.99 2.81 27.73
C ASP B 693 -26.12 4.04 27.88
N ARG B 694 -26.71 5.19 27.65
CA ARG B 694 -25.99 6.47 27.67
C ARG B 694 -25.53 6.85 29.07
N GLN B 695 -26.36 6.59 30.07
CA GLN B 695 -26.00 6.88 31.45
C GLN B 695 -24.86 5.97 31.90
N VAL B 696 -24.95 4.69 31.54
CA VAL B 696 -23.87 3.74 31.89
C VAL B 696 -22.57 4.12 31.19
N ALA B 697 -22.64 4.34 29.87
CA ALA B 697 -21.45 4.71 29.10
C ALA B 697 -20.84 5.97 29.69
N THR B 698 -21.66 6.99 29.87
CA THR B 698 -21.21 8.27 30.41
C THR B 698 -20.60 8.14 31.80
N TRP B 699 -21.20 7.34 32.67
CA TRP B 699 -20.66 7.18 33.99
C TRP B 699 -19.22 6.62 33.95
N ILE B 700 -19.08 5.48 33.28
CA ILE B 700 -17.77 4.85 33.09
C ILE B 700 -16.73 5.84 32.60
N GLU B 701 -17.08 6.65 31.60
CA GLU B 701 -16.10 7.54 30.97
C GLU B 701 -15.75 8.75 31.83
N GLU B 702 -16.63 9.11 32.75
CA GLU B 702 -16.40 10.24 33.65
C GLU B 702 -15.78 9.76 34.96
N ASN B 703 -15.69 8.45 35.13
CA ASN B 703 -15.09 7.91 36.32
C ASN B 703 -13.98 6.89 36.12
N TYR B 704 -13.23 7.02 35.01
CA TYR B 704 -12.12 6.09 34.72
C TYR B 704 -11.13 6.01 35.88
N LYS B 705 -10.65 7.18 36.30
CA LYS B 705 -9.78 7.38 37.45
C LYS B 705 -10.25 6.59 38.69
N THR B 706 -11.49 6.80 39.12
CA THR B 706 -12.00 6.04 40.26
C THR B 706 -12.15 4.54 39.96
N LEU B 707 -12.44 4.21 38.70
CA LEU B 707 -12.49 2.80 38.27
C LEU B 707 -11.11 2.17 38.25
N ASP B 708 -10.17 2.84 37.55
CA ASP B 708 -8.78 2.43 37.47
C ASP B 708 -8.24 1.97 38.83
N ASP B 709 -8.54 2.75 39.88
CA ASP B 709 -8.06 2.49 41.24
C ASP B 709 -8.76 1.30 41.89
N LYS B 710 -10.06 1.15 41.63
CA LYS B 710 -10.84 0.01 42.11
C LYS B 710 -10.32 -1.31 41.51
N LEU B 711 -9.76 -1.22 40.30
CA LEU B 711 -9.20 -2.36 39.59
C LEU B 711 -7.83 -2.76 40.13
N LYS B 712 -7.00 -1.76 40.42
CA LYS B 712 -5.73 -1.96 41.09
C LYS B 712 -5.90 -1.85 42.61
N GLY B 713 -7.08 -2.22 43.09
CA GLY B 713 -7.37 -2.31 44.52
C GLY B 713 -7.68 -3.74 44.90
N LEU B 714 -6.98 -4.68 44.24
CA LEU B 714 -7.13 -6.13 44.49
C LEU B 714 -6.02 -6.93 43.83
N GLU C 16 -46.70 -51.13 26.96
CA GLU C 16 -47.26 -49.86 26.39
C GLU C 16 -47.32 -49.81 24.84
N TRP C 17 -47.49 -50.97 24.19
CA TRP C 17 -47.85 -51.10 22.73
C TRP C 17 -47.11 -50.19 21.71
N LEU C 18 -46.07 -50.74 21.11
CA LEU C 18 -45.10 -49.99 20.31
C LEU C 18 -45.22 -50.19 18.80
N GLN C 19 -45.96 -51.22 18.39
CA GLN C 19 -46.10 -51.60 17.00
C GLN C 19 -46.50 -50.42 16.06
N PRO C 20 -47.43 -49.55 16.48
CA PRO C 20 -47.77 -48.44 15.59
C PRO C 20 -46.63 -47.38 15.40
N LYS C 21 -45.87 -47.10 16.46
CA LYS C 21 -44.68 -46.22 16.34
C LYS C 21 -43.62 -46.95 15.50
N ARG C 22 -43.43 -48.25 15.74
CA ARG C 22 -42.47 -48.99 14.92
C ARG C 22 -42.87 -48.98 13.48
N TYR C 23 -44.17 -49.10 13.22
CA TYR C 23 -44.60 -49.15 11.84
C TYR C 23 -44.44 -47.79 11.18
N LYS C 24 -44.70 -46.71 11.92
CA LYS C 24 -44.52 -45.36 11.38
C LYS C 24 -43.05 -45.13 10.96
N ALA C 25 -42.11 -45.52 11.84
CA ALA C 25 -40.68 -45.46 11.53
C ALA C 25 -40.31 -46.31 10.31
N HIS C 26 -40.76 -47.57 10.29
CA HIS C 26 -40.52 -48.46 9.15
C HIS C 26 -41.03 -47.84 7.86
N LEU C 27 -42.13 -47.11 7.97
CA LEU C 27 -42.81 -46.54 6.81
C LEU C 27 -41.95 -45.45 6.22
N MET C 28 -41.24 -44.75 7.09
CA MET C 28 -40.37 -43.70 6.63
C MET C 28 -38.94 -44.14 6.28
N GLY C 29 -38.68 -45.44 6.41
CA GLY C 29 -37.41 -45.99 5.97
C GLY C 29 -36.35 -45.98 7.04
N THR C 30 -36.78 -45.90 8.30
CA THR C 30 -35.86 -45.81 9.43
C THR C 30 -36.21 -46.78 10.59
N THR C 31 -35.38 -46.78 11.63
CA THR C 31 -35.56 -47.64 12.80
C THR C 31 -36.18 -46.76 13.89
N TYR C 32 -37.14 -47.30 14.64
CA TYR C 32 -37.81 -46.56 15.73
C TYR C 32 -36.79 -46.22 16.81
N VAL C 33 -36.80 -44.98 17.34
CA VAL C 33 -35.68 -44.56 18.22
C VAL C 33 -35.27 -45.58 19.26
N TYR C 34 -36.24 -46.12 19.99
CA TYR C 34 -35.92 -46.98 21.13
C TYR C 34 -35.34 -48.31 20.70
N ASP C 35 -35.39 -48.61 19.41
CA ASP C 35 -34.74 -49.81 18.89
C ASP C 35 -33.27 -49.60 18.42
N PHE C 36 -32.81 -48.34 18.39
CA PHE C 36 -31.39 -48.10 18.07
C PHE C 36 -30.36 -48.73 19.00
N PRO C 37 -30.55 -48.65 20.33
CA PRO C 37 -29.50 -49.22 21.16
C PRO C 37 -29.19 -50.68 20.82
N GLU C 38 -30.20 -51.44 20.39
CA GLU C 38 -30.03 -52.86 20.08
C GLU C 38 -29.20 -53.02 18.83
N LEU C 39 -29.34 -52.11 17.86
CA LEU C 39 -28.39 -52.03 16.73
C LEU C 39 -26.94 -51.79 17.19
N PHE C 40 -26.76 -50.92 18.18
CA PHE C 40 -25.42 -50.70 18.74
C PHE C 40 -24.89 -51.95 19.43
N ARG C 41 -25.78 -52.67 20.10
CA ARG C 41 -25.42 -53.90 20.77
C ARG C 41 -24.90 -54.93 19.77
N GLN C 42 -25.65 -55.15 18.68
CA GLN C 42 -25.23 -56.05 17.62
C GLN C 42 -23.92 -55.67 16.99
N ALA C 43 -23.77 -54.37 16.70
CA ALA C 43 -22.55 -53.86 16.07
C ALA C 43 -21.37 -54.10 17.03
N SER C 44 -21.57 -53.83 18.31
CA SER C 44 -20.47 -54.01 19.29
C SER C 44 -20.10 -55.48 19.39
N SER C 45 -21.12 -56.33 19.27
CA SER C 45 -20.92 -57.77 19.34
C SER C 45 -20.17 -58.26 18.11
N SER C 46 -20.56 -57.77 16.92
CA SER C 46 -19.78 -58.03 15.71
C SER C 46 -18.32 -57.57 15.84
N GLN C 47 -18.08 -56.49 16.58
CA GLN C 47 -16.72 -55.98 16.76
C GLN C 47 -15.88 -57.04 17.43
N TRP C 48 -16.40 -57.60 18.52
CA TRP C 48 -15.74 -58.67 19.22
C TRP C 48 -15.49 -59.90 18.34
N LYS C 49 -16.45 -60.29 17.51
CA LYS C 49 -16.28 -61.53 16.73
C LYS C 49 -15.22 -61.39 15.67
N ASN C 50 -15.22 -60.24 15.00
CA ASN C 50 -14.18 -59.87 14.07
C ASN C 50 -12.81 -59.77 14.70
N PHE C 51 -12.75 -59.38 15.97
CA PHE C 51 -11.46 -59.23 16.63
C PHE C 51 -10.91 -60.58 17.09
N SER C 52 -11.75 -61.32 17.80
CA SER C 52 -11.35 -62.54 18.49
C SER C 52 -12.56 -63.47 18.60
N ALA C 53 -12.70 -64.34 17.59
CA ALA C 53 -13.85 -65.24 17.44
C ALA C 53 -14.28 -66.03 18.70
N ASP C 54 -13.32 -66.46 19.51
CA ASP C 54 -13.59 -67.31 20.67
C ASP C 54 -14.11 -66.57 21.91
N VAL C 55 -14.09 -65.22 21.90
CA VAL C 55 -14.55 -64.48 23.10
C VAL C 55 -16.01 -64.75 23.34
N LYS C 56 -16.35 -64.98 24.60
CA LYS C 56 -17.74 -65.18 24.96
C LYS C 56 -18.22 -63.92 25.66
N LEU C 57 -19.16 -63.24 25.03
CA LEU C 57 -19.68 -62.02 25.61
C LEU C 57 -20.80 -62.35 26.58
N THR C 58 -20.73 -61.81 27.78
CA THR C 58 -21.90 -61.78 28.65
C THR C 58 -22.72 -60.52 28.40
N ASP C 59 -23.96 -60.56 28.85
CA ASP C 59 -24.90 -59.50 28.63
C ASP C 59 -24.48 -58.10 29.09
N ASP C 60 -23.72 -58.02 30.16
CA ASP C 60 -23.35 -56.74 30.71
C ASP C 60 -22.14 -56.10 29.98
N PHE C 61 -21.74 -56.67 28.84
CA PHE C 61 -20.67 -56.08 28.04
C PHE C 61 -21.21 -54.81 27.41
N PHE C 62 -22.54 -54.70 27.31
CA PHE C 62 -23.20 -53.56 26.70
C PHE C 62 -24.36 -53.07 27.54
N ILE C 63 -24.34 -51.80 27.94
CA ILE C 63 -25.38 -51.21 28.77
C ILE C 63 -25.88 -49.92 28.11
N SER C 64 -27.21 -49.82 27.93
CA SER C 64 -27.81 -48.59 27.45
C SER C 64 -28.86 -48.06 28.42
N ASN C 65 -28.60 -46.89 29.01
CA ASN C 65 -29.56 -46.24 29.86
C ASN C 65 -30.05 -44.95 29.23
N GLU C 66 -31.37 -44.76 29.22
CA GLU C 66 -31.96 -43.54 28.69
C GLU C 66 -31.61 -42.33 29.55
N LEU C 67 -31.39 -41.20 28.89
CA LEU C 67 -31.19 -39.94 29.60
C LEU C 67 -32.47 -39.10 29.52
N ILE C 68 -32.90 -38.58 30.66
CA ILE C 68 -34.07 -37.72 30.69
C ILE C 68 -33.80 -36.62 31.69
N GLU C 69 -34.60 -35.56 31.65
CA GLU C 69 -34.45 -34.48 32.63
C GLU C 69 -35.14 -34.85 33.94
N ASP C 70 -34.44 -34.64 35.05
CA ASP C 70 -35.03 -34.75 36.39
C ASP C 70 -35.80 -33.47 36.75
N GLU C 71 -36.04 -33.29 38.06
CA GLU C 71 -36.88 -32.19 38.59
C GLU C 71 -36.29 -30.80 38.30
N ASN C 72 -34.98 -30.67 38.50
CA ASN C 72 -34.23 -29.46 38.13
C ASN C 72 -34.20 -29.24 36.61
N GLY C 73 -34.26 -30.33 35.84
CA GLY C 73 -34.02 -30.27 34.40
C GLY C 73 -32.57 -30.66 34.10
N GLU C 74 -32.02 -31.48 34.98
CA GLU C 74 -30.67 -31.99 34.90
C GLU C 74 -30.68 -33.45 34.41
N LEU C 75 -29.91 -33.75 33.37
CA LEU C 75 -29.94 -35.07 32.75
C LEU C 75 -29.50 -36.20 33.67
N THR C 76 -30.29 -37.25 33.73
CA THR C 76 -30.00 -38.39 34.58
C THR C 76 -30.25 -39.69 33.82
N GLU C 77 -29.52 -40.74 34.19
CA GLU C 77 -29.71 -42.07 33.64
C GLU C 77 -30.96 -42.70 34.28
N VAL C 78 -31.82 -43.32 33.48
CA VAL C 78 -32.97 -44.07 34.01
C VAL C 78 -33.28 -45.34 33.26
N GLU C 79 -34.02 -46.21 33.94
CA GLU C 79 -34.54 -47.46 33.39
C GLU C 79 -36.05 -47.31 33.41
N ARG C 80 -36.65 -47.29 32.23
CA ARG C 80 -38.09 -47.14 32.11
C ARG C 80 -38.52 -47.81 30.79
N GLU C 81 -39.83 -47.95 30.58
CA GLU C 81 -40.34 -48.64 29.39
C GLU C 81 -40.03 -47.77 28.19
N PRO C 82 -39.61 -48.38 27.08
CA PRO C 82 -39.42 -47.58 25.87
C PRO C 82 -40.73 -46.90 25.46
N GLY C 83 -40.62 -45.81 24.71
CA GLY C 83 -41.81 -45.19 24.14
C GLY C 83 -42.51 -44.14 24.98
N ALA C 84 -41.96 -43.85 26.16
CA ALA C 84 -42.61 -42.88 27.07
C ALA C 84 -42.15 -41.41 26.89
N ASN C 85 -41.40 -41.13 25.83
CA ASN C 85 -40.87 -39.79 25.61
C ASN C 85 -41.95 -38.73 25.42
N ALA C 86 -41.92 -37.68 26.25
CA ALA C 86 -42.86 -36.55 26.15
C ALA C 86 -42.38 -35.43 25.24
N ILE C 87 -41.22 -35.59 24.62
CA ILE C 87 -40.73 -34.66 23.61
C ILE C 87 -40.19 -35.48 22.47
N GLY C 88 -39.98 -34.84 21.30
CA GLY C 88 -39.55 -35.52 20.09
C GLY C 88 -38.06 -35.78 19.91
N MET C 89 -37.33 -35.76 21.03
CA MET C 89 -35.88 -35.99 21.05
C MET C 89 -35.57 -36.93 22.19
N VAL C 90 -34.79 -37.98 21.94
CA VAL C 90 -34.39 -38.92 23.01
C VAL C 90 -32.87 -39.12 23.04
N ALA C 91 -32.37 -39.69 24.12
CA ALA C 91 -30.94 -39.86 24.25
C ALA C 91 -30.64 -41.03 25.16
N PHE C 92 -29.52 -41.69 24.87
CA PHE C 92 -29.04 -42.82 25.63
C PHE C 92 -27.58 -42.63 25.98
N LYS C 93 -27.20 -43.09 27.17
CA LYS C 93 -25.82 -43.18 27.53
C LYS C 93 -25.46 -44.64 27.45
N ILE C 94 -24.44 -44.92 26.65
CA ILE C 94 -24.01 -46.26 26.40
C ILE C 94 -22.66 -46.51 27.04
N THR C 95 -22.52 -47.64 27.71
CA THR C 95 -21.27 -48.13 28.26
C THR C 95 -21.05 -49.52 27.64
N VAL C 96 -20.07 -49.62 26.75
CA VAL C 96 -19.65 -50.86 26.08
C VAL C 96 -18.19 -51.19 26.32
N LYS C 97 -17.95 -52.47 26.53
CA LYS C 97 -16.64 -53.09 26.51
C LYS C 97 -16.33 -53.47 25.09
N THR C 98 -15.23 -52.96 24.56
CA THR C 98 -14.86 -53.20 23.16
C THR C 98 -13.44 -53.74 23.19
N PRO C 99 -12.93 -54.27 22.07
CA PRO C 99 -11.54 -54.73 22.06
C PRO C 99 -10.49 -53.70 22.50
N GLU C 100 -10.69 -52.42 22.16
CA GLU C 100 -9.71 -51.41 22.57
C GLU C 100 -9.97 -50.93 23.97
N TYR C 101 -11.21 -51.07 24.43
CA TYR C 101 -11.56 -50.76 25.81
C TYR C 101 -12.28 -51.95 26.44
N PRO C 102 -11.52 -53.01 26.79
CA PRO C 102 -12.18 -54.22 27.30
C PRO C 102 -12.90 -53.97 28.62
N ARG C 103 -12.46 -52.97 29.38
CA ARG C 103 -13.10 -52.60 30.62
C ARG C 103 -14.25 -51.58 30.46
N GLY C 104 -14.48 -51.08 29.25
CA GLY C 104 -15.61 -50.20 29.04
C GLY C 104 -15.25 -48.79 28.56
N ARG C 105 -16.03 -48.31 27.61
CA ARG C 105 -15.97 -46.94 27.17
C ARG C 105 -17.41 -46.45 27.04
N GLN C 106 -17.59 -45.14 27.07
CA GLN C 106 -18.92 -44.54 27.12
C GLN C 106 -19.12 -43.49 26.06
N PHE C 107 -20.38 -43.32 25.65
CA PHE C 107 -20.78 -42.25 24.73
C PHE C 107 -22.26 -41.97 24.83
N VAL C 108 -22.69 -40.81 24.31
CA VAL C 108 -24.11 -40.56 24.23
C VAL C 108 -24.63 -40.72 22.79
N VAL C 109 -25.89 -41.16 22.69
CA VAL C 109 -26.60 -41.19 21.43
C VAL C 109 -27.83 -40.29 21.56
N VAL C 110 -27.92 -39.22 20.76
CA VAL C 110 -29.11 -38.35 20.73
C VAL C 110 -29.77 -38.61 19.38
N ALA C 111 -31.09 -38.50 19.33
CA ALA C 111 -31.84 -38.85 18.13
C ALA C 111 -33.18 -38.13 18.16
N ASN C 112 -33.61 -37.64 16.99
CA ASN C 112 -35.00 -37.27 16.83
C ASN C 112 -35.86 -38.52 16.94
N ASP C 113 -37.09 -38.33 17.38
CA ASP C 113 -38.13 -39.34 17.27
C ASP C 113 -39.00 -38.99 16.08
N ILE C 114 -38.75 -39.59 14.93
CA ILE C 114 -39.53 -39.33 13.71
C ILE C 114 -41.05 -39.54 13.88
N THR C 115 -41.46 -40.33 14.90
CA THR C 115 -42.88 -40.62 15.10
C THR C 115 -43.53 -39.62 16.03
N PHE C 116 -42.75 -38.70 16.58
CA PHE C 116 -43.28 -37.66 17.46
C PHE C 116 -43.26 -36.33 16.72
N LYS C 117 -44.45 -35.87 16.30
CA LYS C 117 -44.60 -34.67 15.47
C LYS C 117 -43.61 -34.65 14.32
N ILE C 118 -43.54 -35.75 13.59
CA ILE C 118 -42.63 -35.95 12.43
C ILE C 118 -41.14 -35.56 12.69
N GLY C 119 -40.69 -35.76 13.92
CA GLY C 119 -39.33 -35.42 14.35
C GLY C 119 -38.97 -33.95 14.13
N SER C 120 -39.94 -33.07 14.25
CA SER C 120 -39.69 -31.66 14.07
C SER C 120 -38.92 -31.15 15.29
N PHE C 121 -38.21 -30.04 15.12
CA PHE C 121 -37.43 -29.44 16.22
C PHE C 121 -38.23 -28.30 16.86
N GLY C 122 -38.82 -28.55 18.02
CA GLY C 122 -39.39 -27.46 18.82
C GLY C 122 -38.41 -26.98 19.87
N PRO C 123 -38.77 -25.90 20.60
CA PRO C 123 -37.93 -25.37 21.68
C PRO C 123 -37.57 -26.40 22.71
N GLN C 124 -38.48 -27.31 23.06
CA GLN C 124 -38.13 -28.33 24.06
C GLN C 124 -37.13 -29.37 23.52
N GLU C 125 -37.29 -29.72 22.26
CA GLU C 125 -36.36 -30.65 21.62
C GLU C 125 -34.94 -30.01 21.52
N ASP C 126 -34.89 -28.74 21.13
CA ASP C 126 -33.64 -28.00 21.05
C ASP C 126 -32.93 -27.98 22.39
N GLU C 127 -33.66 -27.54 23.41
CA GLU C 127 -33.15 -27.41 24.78
C GLU C 127 -32.58 -28.74 25.25
N PHE C 128 -33.29 -29.82 24.96
CA PHE C 128 -32.83 -31.15 25.37
C PHE C 128 -31.58 -31.59 24.57
N PHE C 129 -31.61 -31.37 23.27
CA PHE C 129 -30.44 -31.61 22.41
C PHE C 129 -29.22 -30.85 22.96
N ASN C 130 -29.40 -29.58 23.29
CA ASN C 130 -28.33 -28.80 23.88
C ASN C 130 -27.81 -29.38 25.20
N LYS C 131 -28.72 -29.81 26.06
CA LYS C 131 -28.29 -30.39 27.34
C LYS C 131 -27.51 -31.67 27.16
N VAL C 132 -27.92 -32.50 26.22
CA VAL C 132 -27.23 -33.76 25.97
C VAL C 132 -25.86 -33.45 25.39
N THR C 133 -25.78 -32.46 24.51
CA THR C 133 -24.48 -32.09 23.92
C THR C 133 -23.53 -31.67 25.04
N GLU C 134 -24.05 -30.88 25.98
CA GLU C 134 -23.25 -30.36 27.11
C GLU C 134 -22.90 -31.43 28.11
N TYR C 135 -23.81 -32.41 28.25
CA TYR C 135 -23.58 -33.53 29.13
C TYR C 135 -22.36 -34.28 28.59
N ALA C 136 -22.30 -34.49 27.28
CA ALA C 136 -21.17 -35.21 26.69
C ALA C 136 -19.86 -34.39 26.75
N ARG C 137 -19.96 -33.10 26.47
CA ARG C 137 -18.80 -32.22 26.50
C ARG C 137 -18.18 -32.18 27.88
N LYS C 138 -19.01 -32.05 28.92
CA LYS C 138 -18.47 -32.01 30.27
C LYS C 138 -17.66 -33.27 30.61
N ARG C 139 -18.13 -34.43 30.14
CA ARG C 139 -17.51 -35.70 30.47
C ARG C 139 -16.41 -36.11 29.48
N GLY C 140 -16.32 -35.40 28.36
CA GLY C 140 -15.27 -35.65 27.37
C GLY C 140 -15.63 -36.73 26.37
N ILE C 141 -16.90 -37.10 26.36
CA ILE C 141 -17.31 -38.37 25.76
C ILE C 141 -17.96 -38.14 24.40
N PRO C 142 -17.83 -39.10 23.46
CA PRO C 142 -18.38 -38.91 22.12
C PRO C 142 -19.90 -38.68 22.11
N ARG C 143 -20.36 -37.83 21.18
CA ARG C 143 -21.76 -37.57 20.94
C ARG C 143 -22.11 -38.05 19.53
N ILE C 144 -22.88 -39.13 19.46
CA ILE C 144 -23.47 -39.64 18.24
C ILE C 144 -24.89 -39.05 18.08
N TYR C 145 -25.18 -38.51 16.91
CA TYR C 145 -26.50 -38.00 16.63
C TYR C 145 -27.13 -38.84 15.51
N LEU C 146 -28.36 -39.29 15.74
CA LEU C 146 -29.11 -40.04 14.73
C LEU C 146 -30.17 -39.10 14.21
N ALA C 147 -30.02 -38.71 12.96
CA ALA C 147 -30.83 -37.67 12.40
C ALA C 147 -32.01 -38.26 11.64
N ALA C 148 -33.23 -37.91 12.06
CA ALA C 148 -34.45 -38.39 11.41
C ALA C 148 -35.50 -37.38 11.71
N ASN C 149 -35.70 -36.44 10.82
CA ASN C 149 -36.48 -35.28 11.21
C ASN C 149 -37.07 -34.50 10.05
N SER C 150 -37.81 -33.46 10.39
CA SER C 150 -38.32 -32.56 9.37
C SER C 150 -38.14 -31.09 9.74
N GLY C 151 -37.06 -30.79 10.46
CA GLY C 151 -36.67 -29.40 10.65
C GLY C 151 -37.43 -28.72 11.75
N ALA C 152 -37.31 -27.39 11.78
CA ALA C 152 -37.93 -26.56 12.80
C ALA C 152 -39.43 -26.79 12.76
N ARG C 153 -40.01 -26.97 13.94
CA ARG C 153 -41.46 -27.02 14.07
C ARG C 153 -42.03 -25.68 13.62
N ILE C 154 -43.15 -25.74 12.90
CA ILE C 154 -43.91 -24.56 12.49
C ILE C 154 -45.35 -24.65 12.99
N GLY C 155 -45.96 -23.51 13.22
CA GLY C 155 -47.29 -23.51 13.74
C GLY C 155 -47.94 -22.21 13.44
N MET C 156 -49.25 -22.18 13.69
CA MET C 156 -49.99 -20.94 13.69
C MET C 156 -50.79 -20.98 14.99
N ALA C 157 -51.39 -19.86 15.37
CA ALA C 157 -52.18 -19.83 16.61
C ALA C 157 -53.62 -20.29 16.29
N GLU C 158 -53.86 -21.59 16.51
CA GLU C 158 -55.12 -22.23 16.11
C GLU C 158 -56.33 -21.65 16.85
N GLU C 159 -56.18 -21.40 18.16
CA GLU C 159 -57.24 -20.79 18.98
C GLU C 159 -57.82 -19.47 18.47
N ILE C 160 -57.13 -18.79 17.55
CA ILE C 160 -57.57 -17.53 16.96
C ILE C 160 -58.28 -17.73 15.62
N VAL C 161 -58.07 -18.90 15.02
CA VAL C 161 -58.67 -19.24 13.72
C VAL C 161 -60.22 -19.15 13.64
N PRO C 162 -60.94 -19.63 14.69
CA PRO C 162 -62.41 -19.53 14.58
C PRO C 162 -62.99 -18.25 15.16
N LEU C 163 -62.13 -17.41 15.76
CA LEU C 163 -62.58 -16.24 16.48
C LEU C 163 -62.44 -14.92 15.70
N PHE C 164 -61.54 -14.87 14.72
CA PHE C 164 -61.22 -13.59 14.09
C PHE C 164 -62.25 -13.13 13.07
N GLN C 165 -62.42 -11.82 13.02
CA GLN C 165 -63.38 -11.19 12.13
C GLN C 165 -62.62 -10.36 11.12
N VAL C 166 -63.30 -9.99 10.03
CA VAL C 166 -62.69 -9.18 8.97
C VAL C 166 -63.43 -7.86 8.77
N ALA C 167 -62.71 -6.75 8.87
CA ALA C 167 -63.29 -5.44 8.57
C ALA C 167 -63.18 -5.17 7.07
N TRP C 168 -64.23 -5.56 6.34
CA TRP C 168 -64.32 -5.31 4.90
C TRP C 168 -64.46 -3.83 4.61
N ASN C 169 -64.10 -3.43 3.39
CA ASN C 169 -64.38 -2.08 2.90
C ASN C 169 -65.86 -1.91 2.51
N ASP C 170 -66.58 -3.04 2.48
CA ASP C 170 -67.97 -3.14 2.00
C ASP C 170 -68.47 -4.54 2.39
N ALA C 171 -69.34 -4.59 3.41
CA ALA C 171 -69.76 -5.85 4.03
C ALA C 171 -70.39 -6.88 3.09
N ALA C 172 -71.32 -6.45 2.24
CA ALA C 172 -72.03 -7.35 1.31
C ALA C 172 -71.27 -7.58 -0.01
N ASN C 173 -70.38 -6.65 -0.33
CA ASN C 173 -69.54 -6.71 -1.54
C ASN C 173 -68.03 -6.77 -1.14
N PRO C 174 -67.56 -7.98 -0.74
CA PRO C 174 -66.29 -8.20 -0.02
C PRO C 174 -65.02 -8.17 -0.88
N ASP C 175 -65.14 -8.55 -2.15
CA ASP C 175 -64.01 -8.72 -3.06
C ASP C 175 -63.20 -7.44 -3.37
N LYS C 176 -63.71 -6.28 -2.96
CA LYS C 176 -63.02 -4.99 -3.18
C LYS C 176 -61.79 -4.83 -2.29
N GLY C 177 -61.92 -5.15 -1.02
CA GLY C 177 -60.80 -5.08 -0.08
C GLY C 177 -61.18 -5.16 1.38
N PHE C 178 -60.21 -5.52 2.23
CA PHE C 178 -60.35 -5.49 3.68
C PHE C 178 -59.27 -4.60 4.28
N GLN C 179 -59.52 -4.09 5.48
CA GLN C 179 -58.59 -3.14 6.09
C GLN C 179 -57.81 -3.71 7.27
N TYR C 180 -58.46 -4.58 8.03
CA TYR C 180 -57.79 -5.28 9.14
C TYR C 180 -58.57 -6.49 9.64
N LEU C 181 -58.01 -7.17 10.63
CA LEU C 181 -58.71 -8.22 11.35
C LEU C 181 -58.94 -7.74 12.77
N TYR C 182 -59.93 -8.33 13.43
CA TYR C 182 -60.30 -7.92 14.79
C TYR C 182 -61.03 -9.02 15.52
N LEU C 183 -61.10 -8.88 16.85
CA LEU C 183 -61.98 -9.71 17.65
C LEU C 183 -63.16 -8.86 18.14
N THR C 184 -64.30 -9.52 18.34
CA THR C 184 -65.45 -8.90 19.00
C THR C 184 -65.29 -9.12 20.49
N SER C 185 -66.15 -8.48 21.28
CA SER C 185 -66.20 -8.70 22.72
C SER C 185 -66.47 -10.18 23.03
N GLU C 186 -67.13 -10.84 22.09
CA GLU C 186 -67.47 -12.27 22.20
C GLU C 186 -66.19 -13.12 22.14
N GLY C 187 -65.43 -12.95 21.05
CA GLY C 187 -64.13 -13.62 20.88
C GLY C 187 -63.15 -13.34 22.00
N MET C 188 -62.99 -12.06 22.32
CA MET C 188 -62.19 -11.57 23.44
C MET C 188 -62.47 -12.34 24.74
N GLU C 189 -63.74 -12.52 25.07
CA GLU C 189 -64.14 -13.22 26.31
C GLU C 189 -63.91 -14.74 26.28
N THR C 190 -64.01 -15.34 25.10
CA THR C 190 -63.65 -16.76 24.90
C THR C 190 -62.21 -17.05 25.33
N LEU C 191 -61.32 -16.10 25.05
CA LEU C 191 -59.91 -16.20 25.43
C LEU C 191 -59.70 -16.13 26.94
N LYS C 192 -60.34 -15.16 27.60
CA LYS C 192 -60.31 -15.01 29.07
C LYS C 192 -60.75 -16.29 29.78
N LYS C 193 -61.71 -17.00 29.18
CA LYS C 193 -62.23 -18.26 29.73
C LYS C 193 -61.17 -19.34 29.70
N PHE C 194 -60.50 -19.50 28.55
CA PHE C 194 -59.47 -20.52 28.37
C PHE C 194 -58.09 -20.12 28.92
N ASP C 195 -58.01 -18.93 29.54
CA ASP C 195 -56.77 -18.37 30.12
C ASP C 195 -55.71 -18.13 29.03
N LYS C 196 -56.16 -17.46 27.97
CA LYS C 196 -55.36 -17.21 26.78
C LYS C 196 -55.53 -15.77 26.30
N GLU C 197 -55.52 -14.82 27.23
CA GLU C 197 -55.70 -13.39 26.93
C GLU C 197 -54.55 -12.82 26.09
N ASN C 198 -53.34 -13.32 26.37
CA ASN C 198 -52.11 -12.85 25.76
C ASN C 198 -51.79 -13.47 24.39
N SER C 199 -52.73 -14.21 23.82
CA SER C 199 -52.57 -14.80 22.50
C SER C 199 -52.64 -13.81 21.32
N VAL C 200 -53.16 -12.62 21.59
CA VAL C 200 -53.17 -11.53 20.59
C VAL C 200 -52.82 -10.24 21.28
N LEU C 201 -52.37 -9.26 20.52
CA LEU C 201 -52.24 -7.90 21.00
C LEU C 201 -53.25 -7.07 20.23
N THR C 202 -54.16 -6.43 20.97
CA THR C 202 -55.32 -5.79 20.38
C THR C 202 -55.44 -4.32 20.75
N GLU C 203 -55.88 -3.53 19.78
CA GLU C 203 -56.20 -2.13 20.03
C GLU C 203 -57.71 -1.92 19.89
N ARG C 204 -58.31 -1.41 20.96
CA ARG C 204 -59.75 -1.12 21.02
C ARG C 204 -60.13 0.07 20.14
N THR C 205 -61.11 -0.14 19.26
CA THR C 205 -61.69 0.91 18.40
C THR C 205 -63.22 0.76 18.33
N VAL C 206 -63.92 1.81 17.87
CA VAL C 206 -65.40 1.80 17.78
C VAL C 206 -65.92 2.22 16.39
N ILE C 207 -66.64 1.31 15.73
CA ILE C 207 -67.16 1.52 14.37
C ILE C 207 -68.66 1.16 14.28
N ASN C 208 -69.46 2.11 13.79
CA ASN C 208 -70.93 1.99 13.74
C ASN C 208 -71.50 1.65 15.12
N GLY C 209 -71.05 2.41 16.13
CA GLY C 209 -71.51 2.22 17.51
C GLY C 209 -70.94 1.01 18.23
N GLU C 210 -70.52 0.01 17.46
CA GLU C 210 -69.98 -1.25 18.00
C GLU C 210 -68.46 -1.20 18.24
N GLU C 211 -68.02 -1.90 19.29
CA GLU C 211 -66.60 -2.01 19.66
C GLU C 211 -65.86 -3.14 18.92
N ARG C 212 -64.70 -2.79 18.38
CA ARG C 212 -63.83 -3.75 17.70
C ARG C 212 -62.47 -3.80 18.41
N PHE C 213 -61.96 -5.00 18.62
CA PHE C 213 -60.59 -5.18 19.13
C PHE C 213 -59.65 -5.57 17.98
N VAL C 214 -59.02 -4.55 17.38
CA VAL C 214 -58.14 -4.71 16.22
C VAL C 214 -56.93 -5.58 16.56
N ILE C 215 -56.69 -6.61 15.75
CA ILE C 215 -55.53 -7.49 15.96
C ILE C 215 -54.29 -6.80 15.43
N LYS C 216 -53.43 -6.37 16.35
CA LYS C 216 -52.18 -5.71 15.99
C LYS C 216 -51.03 -6.73 15.82
N THR C 217 -51.11 -7.85 16.56
CA THR C 217 -50.14 -8.94 16.48
C THR C 217 -50.80 -10.20 17.03
N ILE C 218 -50.58 -11.34 16.38
CA ILE C 218 -50.90 -12.66 16.96
C ILE C 218 -49.67 -13.34 17.64
N ILE C 219 -49.81 -13.73 18.91
CA ILE C 219 -48.77 -14.44 19.66
C ILE C 219 -48.99 -15.96 19.70
N GLY C 220 -50.20 -16.36 20.08
CA GLY C 220 -50.51 -17.76 20.28
C GLY C 220 -50.09 -18.22 21.65
N SER C 221 -50.82 -19.19 22.18
CA SER C 221 -50.52 -19.79 23.48
C SER C 221 -49.60 -21.00 23.31
N GLU C 222 -49.64 -21.62 22.14
CA GLU C 222 -48.79 -22.77 21.89
C GLU C 222 -47.35 -22.32 21.64
N ASP C 223 -46.41 -22.93 22.35
CA ASP C 223 -45.01 -22.58 22.23
C ASP C 223 -44.37 -23.43 21.17
N GLY C 224 -43.90 -22.81 20.10
CA GLY C 224 -43.26 -23.55 19.03
C GLY C 224 -43.80 -23.29 17.65
N LEU C 225 -44.13 -22.03 17.36
CA LEU C 225 -44.75 -21.67 16.07
C LEU C 225 -43.80 -20.98 15.09
N GLY C 226 -42.83 -20.24 15.61
CA GLY C 226 -42.03 -19.36 14.77
C GLY C 226 -40.68 -19.05 15.37
N VAL C 227 -40.47 -17.78 15.73
CA VAL C 227 -39.14 -17.33 16.06
C VAL C 227 -38.48 -18.10 17.21
N GLU C 228 -39.28 -18.67 18.12
CA GLU C 228 -38.77 -19.46 19.26
C GLU C 228 -38.12 -20.77 18.81
N CYS C 229 -38.54 -21.25 17.64
CA CYS C 229 -37.92 -22.40 17.01
C CYS C 229 -36.66 -21.98 16.30
N LEU C 230 -36.64 -20.74 15.83
CA LEU C 230 -35.43 -20.16 15.27
C LEU C 230 -34.34 -20.03 16.34
N ARG C 231 -34.71 -19.51 17.52
CA ARG C 231 -33.78 -19.32 18.62
C ARG C 231 -33.16 -20.67 19.02
N GLY C 232 -34.02 -21.68 19.20
CA GLY C 232 -33.59 -23.00 19.66
C GLY C 232 -32.73 -23.74 18.64
N SER C 233 -32.92 -23.43 17.36
CA SER C 233 -32.06 -23.94 16.30
C SER C 233 -30.65 -23.32 16.35
N GLY C 234 -30.59 -22.01 16.50
CA GLY C 234 -29.32 -21.29 16.63
C GLY C 234 -28.55 -21.83 17.80
N LEU C 235 -29.26 -22.09 18.90
CA LEU C 235 -28.65 -22.62 20.09
C LEU C 235 -27.91 -23.94 19.82
N ILE C 236 -28.57 -24.88 19.14
CA ILE C 236 -27.98 -26.19 18.94
C ILE C 236 -26.98 -26.19 17.79
N ALA C 237 -27.09 -25.22 16.91
CA ALA C 237 -26.11 -25.08 15.83
C ALA C 237 -24.79 -24.67 16.47
N GLY C 238 -24.84 -23.65 17.32
CA GLY C 238 -23.70 -23.16 18.03
C GLY C 238 -23.19 -24.22 18.97
N ALA C 239 -24.10 -25.01 19.56
CA ALA C 239 -23.67 -26.01 20.53
C ALA C 239 -22.83 -27.09 19.84
N THR C 240 -23.19 -27.38 18.59
CA THR C 240 -22.57 -28.44 17.80
C THR C 240 -21.25 -27.98 17.18
N SER C 241 -21.23 -26.73 16.70
CA SER C 241 -19.98 -26.11 16.30
C SER C 241 -18.92 -26.27 17.41
N ARG C 242 -19.31 -26.00 18.66
CA ARG C 242 -18.39 -26.08 19.82
C ARG C 242 -18.01 -27.53 20.14
N ALA C 243 -18.97 -28.46 20.01
CA ALA C 243 -18.78 -29.88 20.32
C ALA C 243 -17.75 -30.50 19.40
N TYR C 244 -17.83 -30.21 18.11
CA TYR C 244 -16.83 -30.64 17.14
C TYR C 244 -15.37 -30.35 17.56
N HIS C 245 -15.14 -29.19 18.17
CA HIS C 245 -13.78 -28.80 18.63
C HIS C 245 -13.40 -29.36 19.97
N ASP C 246 -14.31 -30.12 20.57
CA ASP C 246 -14.17 -30.53 21.93
C ASP C 246 -14.22 -32.06 22.10
N ILE C 247 -15.17 -32.71 21.42
CA ILE C 247 -15.38 -34.15 21.59
C ILE C 247 -15.56 -34.78 20.21
N PHE C 248 -15.45 -36.09 20.15
CA PHE C 248 -15.76 -36.79 18.91
C PHE C 248 -17.26 -36.67 18.59
N THR C 249 -17.58 -36.09 17.44
CA THR C 249 -18.96 -35.95 16.98
C THR C 249 -19.15 -36.71 15.68
N ILE C 250 -20.30 -37.37 15.55
CA ILE C 250 -20.63 -38.09 14.32
C ILE C 250 -22.13 -38.17 14.19
N THR C 251 -22.61 -38.07 12.96
CA THR C 251 -24.02 -38.15 12.66
C THR C 251 -24.36 -39.29 11.70
N LEU C 252 -25.40 -40.05 12.05
CA LEU C 252 -26.00 -41.00 11.11
C LEU C 252 -27.30 -40.41 10.56
N VAL C 253 -27.34 -40.17 9.25
CA VAL C 253 -28.56 -39.68 8.60
C VAL C 253 -29.40 -40.93 8.27
N THR C 254 -30.34 -41.19 9.16
CA THR C 254 -31.06 -42.46 9.18
C THR C 254 -32.43 -42.39 8.49
N CYS C 255 -32.93 -41.17 8.32
CA CYS C 255 -34.14 -40.83 7.59
C CYS C 255 -33.86 -39.43 7.04
N ARG C 256 -34.75 -38.85 6.26
CA ARG C 256 -34.48 -37.47 5.84
C ARG C 256 -34.04 -36.53 7.00
N SER C 257 -33.12 -35.61 6.69
CA SER C 257 -32.72 -34.56 7.65
C SER C 257 -32.88 -33.18 7.02
N VAL C 258 -33.68 -32.33 7.64
CA VAL C 258 -34.17 -31.12 6.97
C VAL C 258 -33.84 -29.85 7.75
N GLY C 259 -33.38 -28.82 7.03
CA GLY C 259 -33.20 -27.49 7.60
C GLY C 259 -32.14 -27.47 8.69
N ILE C 260 -32.53 -27.11 9.92
CA ILE C 260 -31.61 -27.21 11.03
C ILE C 260 -31.03 -28.63 11.08
N GLY C 261 -31.84 -29.64 10.73
CA GLY C 261 -31.37 -31.03 10.68
C GLY C 261 -30.22 -31.26 9.71
N ALA C 262 -30.30 -30.65 8.54
CA ALA C 262 -29.22 -30.73 7.57
C ALA C 262 -27.97 -29.96 8.06
N TYR C 263 -28.16 -28.74 8.58
CA TYR C 263 -27.00 -28.02 9.13
C TYR C 263 -26.26 -28.80 10.24
N LEU C 264 -27.01 -29.55 11.06
CA LEU C 264 -26.43 -30.31 12.16
C LEU C 264 -25.57 -31.41 11.63
N VAL C 265 -25.91 -31.98 10.48
CA VAL C 265 -24.99 -32.96 9.94
C VAL C 265 -23.62 -32.37 9.57
N ARG C 266 -23.59 -31.14 9.01
CA ARG C 266 -22.34 -30.48 8.69
C ARG C 266 -21.65 -30.08 9.98
N LEU C 267 -22.36 -29.41 10.89
CA LEU C 267 -21.71 -28.87 12.06
C LEU C 267 -20.95 -29.92 12.88
N GLY C 268 -21.50 -31.13 13.00
CA GLY C 268 -20.78 -32.24 13.67
C GLY C 268 -19.71 -32.84 12.77
N GLN C 269 -19.64 -32.33 11.53
CA GLN C 269 -18.66 -32.75 10.50
C GLN C 269 -18.75 -34.18 10.02
N ARG C 270 -18.49 -35.13 10.89
CA ARG C 270 -18.45 -36.53 10.47
C ARG C 270 -19.86 -37.05 10.25
N ALA C 271 -20.11 -37.62 9.08
CA ALA C 271 -21.48 -37.99 8.68
C ALA C 271 -21.53 -39.24 7.82
N ILE C 272 -22.46 -40.12 8.17
CA ILE C 272 -22.74 -41.34 7.43
C ILE C 272 -24.19 -41.26 6.96
N GLN C 273 -24.36 -41.31 5.65
CA GLN C 273 -25.69 -41.13 5.08
C GLN C 273 -26.25 -42.48 4.62
N VAL C 274 -27.42 -42.86 5.14
CA VAL C 274 -28.06 -44.09 4.63
C VAL C 274 -28.57 -43.84 3.21
N GLU C 275 -28.25 -44.76 2.29
CA GLU C 275 -28.69 -44.65 0.89
C GLU C 275 -30.20 -44.42 0.77
N GLY C 276 -30.60 -43.45 -0.03
CA GLY C 276 -32.03 -43.12 -0.15
C GLY C 276 -32.60 -42.19 0.91
N GLN C 277 -31.79 -41.74 1.87
CA GLN C 277 -32.27 -40.74 2.85
C GLN C 277 -31.65 -39.37 2.59
N PRO C 278 -32.47 -38.38 2.20
CA PRO C 278 -31.90 -37.10 1.76
C PRO C 278 -31.53 -36.13 2.91
N ILE C 279 -30.55 -35.26 2.65
CA ILE C 279 -30.12 -34.18 3.54
C ILE C 279 -30.47 -32.91 2.80
N ILE C 280 -31.41 -32.11 3.30
CA ILE C 280 -31.99 -31.02 2.49
C ILE C 280 -32.31 -29.77 3.26
N LEU C 281 -32.31 -28.65 2.55
CA LEU C 281 -32.75 -27.40 3.14
C LEU C 281 -34.25 -27.25 2.99
N THR C 282 -34.76 -27.41 1.78
CA THR C 282 -36.21 -27.57 1.58
C THR C 282 -36.55 -28.64 0.58
N GLY C 283 -37.80 -29.10 0.65
CA GLY C 283 -38.28 -30.18 -0.18
C GLY C 283 -38.42 -29.75 -1.62
N ALA C 284 -38.36 -30.72 -2.51
CA ALA C 284 -38.62 -30.49 -3.93
C ALA C 284 -39.93 -29.71 -4.19
N PRO C 285 -41.07 -30.17 -3.61
CA PRO C 285 -42.33 -29.45 -3.87
C PRO C 285 -42.22 -27.97 -3.61
N ALA C 286 -41.67 -27.58 -2.45
CA ALA C 286 -41.54 -26.17 -2.08
C ALA C 286 -40.66 -25.38 -3.03
N ILE C 287 -39.65 -26.03 -3.61
CA ILE C 287 -38.77 -25.35 -4.55
C ILE C 287 -39.42 -25.20 -5.92
N ASN C 288 -40.05 -26.27 -6.41
CA ASN C 288 -40.83 -26.25 -7.63
C ASN C 288 -41.80 -25.07 -7.62
N LYS C 289 -42.41 -24.81 -6.46
CA LYS C 289 -43.31 -23.69 -6.28
C LYS C 289 -42.69 -22.38 -6.76
N MET C 290 -41.60 -21.94 -6.13
CA MET C 290 -41.01 -20.64 -6.45
C MET C 290 -40.31 -20.61 -7.82
N LEU C 291 -40.16 -21.78 -8.44
CA LEU C 291 -39.61 -21.85 -9.79
C LEU C 291 -40.70 -21.87 -10.88
N GLY C 292 -41.91 -22.28 -10.52
CA GLY C 292 -43.03 -22.28 -11.47
C GLY C 292 -43.39 -23.64 -12.04
N ARG C 293 -42.39 -24.45 -12.39
CA ARG C 293 -42.65 -25.77 -12.97
C ARG C 293 -42.19 -26.90 -12.07
N GLU C 294 -42.47 -28.14 -12.48
CA GLU C 294 -42.03 -29.32 -11.76
C GLU C 294 -40.62 -29.67 -12.22
N VAL C 295 -39.65 -28.84 -11.84
CA VAL C 295 -38.23 -29.11 -12.11
C VAL C 295 -37.67 -30.31 -11.34
N TYR C 296 -38.09 -30.48 -10.08
CA TYR C 296 -37.60 -31.59 -9.25
C TYR C 296 -38.62 -32.70 -8.98
N THR C 297 -38.22 -33.92 -9.30
CA THR C 297 -38.99 -35.14 -9.06
C THR C 297 -38.93 -35.58 -7.60
N SER C 298 -37.73 -35.64 -7.02
CA SER C 298 -37.58 -36.07 -5.63
C SER C 298 -36.60 -35.22 -4.81
N ASN C 299 -36.76 -35.30 -3.50
CA ASN C 299 -35.81 -34.76 -2.56
C ASN C 299 -34.37 -35.26 -2.79
N LEU C 300 -34.25 -36.50 -3.28
CA LEU C 300 -32.94 -37.13 -3.49
C LEU C 300 -32.09 -36.44 -4.55
N GLN C 301 -32.75 -35.71 -5.43
CA GLN C 301 -32.06 -34.90 -6.42
C GLN C 301 -31.38 -33.71 -5.76
N LEU C 302 -31.88 -33.32 -4.60
CA LEU C 302 -31.34 -32.17 -3.89
C LEU C 302 -30.31 -32.60 -2.85
N GLY C 303 -30.50 -33.77 -2.24
CA GLY C 303 -29.71 -34.15 -1.08
C GLY C 303 -29.52 -35.63 -0.85
N GLY C 304 -29.64 -36.42 -1.91
CA GLY C 304 -29.30 -37.84 -1.81
C GLY C 304 -27.80 -38.02 -1.81
N THR C 305 -27.36 -39.26 -1.70
CA THR C 305 -25.94 -39.57 -1.63
C THR C 305 -25.19 -39.11 -2.86
N GLN C 306 -25.83 -39.06 -4.04
CA GLN C 306 -25.14 -38.58 -5.24
C GLN C 306 -24.76 -37.11 -5.13
N ILE C 307 -25.33 -36.42 -4.16
CA ILE C 307 -24.98 -35.02 -3.95
C ILE C 307 -23.97 -34.93 -2.80
N MET C 308 -24.37 -35.46 -1.63
CA MET C 308 -23.68 -35.25 -0.37
C MET C 308 -22.46 -36.15 -0.16
N TYR C 309 -22.47 -37.35 -0.72
CA TYR C 309 -21.30 -38.21 -0.70
C TYR C 309 -20.25 -37.68 -1.70
N ASN C 310 -20.70 -37.29 -2.90
CA ASN C 310 -19.85 -36.70 -3.94
C ASN C 310 -19.27 -35.31 -3.55
N ASN C 311 -19.97 -34.65 -2.63
CA ASN C 311 -19.70 -33.35 -2.00
C ASN C 311 -18.65 -33.33 -0.90
N GLY C 312 -18.56 -34.46 -0.20
CA GLY C 312 -17.83 -34.50 1.04
C GLY C 312 -18.64 -34.05 2.25
N VAL C 313 -19.94 -33.79 2.08
CA VAL C 313 -20.78 -33.60 3.25
C VAL C 313 -20.95 -34.95 3.94
N SER C 314 -21.16 -36.01 3.16
CA SER C 314 -21.25 -37.34 3.76
C SER C 314 -19.93 -38.02 3.58
N HIS C 315 -19.37 -38.53 4.68
CA HIS C 315 -18.05 -39.11 4.68
C HIS C 315 -18.14 -40.56 4.19
N LEU C 316 -19.24 -41.22 4.57
CA LEU C 316 -19.49 -42.60 4.19
C LEU C 316 -20.95 -42.77 3.83
N THR C 317 -21.22 -43.83 3.09
CA THR C 317 -22.56 -44.17 2.69
C THR C 317 -22.85 -45.50 3.40
N ALA C 318 -24.11 -45.76 3.72
CA ALA C 318 -24.51 -47.06 4.27
C ALA C 318 -25.81 -47.52 3.62
N VAL C 319 -25.92 -48.84 3.48
CA VAL C 319 -27.03 -49.52 2.84
C VAL C 319 -28.29 -49.51 3.75
N ASP C 320 -28.11 -49.68 5.05
CA ASP C 320 -29.23 -49.58 5.98
C ASP C 320 -28.70 -49.11 7.34
N ASP C 321 -29.58 -49.03 8.34
CA ASP C 321 -29.24 -48.54 9.66
C ASP C 321 -28.19 -49.35 10.39
N LEU C 322 -28.34 -50.66 10.41
CA LEU C 322 -27.34 -51.51 11.06
C LEU C 322 -25.96 -51.24 10.50
N ALA C 323 -25.86 -51.24 9.17
CA ALA C 323 -24.60 -50.98 8.49
C ALA C 323 -24.08 -49.59 8.87
N GLY C 324 -25.00 -48.63 9.01
CA GLY C 324 -24.61 -47.28 9.43
C GLY C 324 -24.03 -47.30 10.84
N VAL C 325 -24.65 -48.08 11.73
CA VAL C 325 -24.20 -48.22 13.11
C VAL C 325 -22.83 -48.96 13.22
N GLU C 326 -22.65 -49.98 12.37
CA GLU C 326 -21.38 -50.69 12.29
C GLU C 326 -20.26 -49.74 11.89
N LYS C 327 -20.53 -48.86 10.92
CA LYS C 327 -19.53 -47.83 10.54
C LYS C 327 -19.17 -46.85 11.70
N ILE C 328 -20.19 -46.37 12.43
CA ILE C 328 -19.96 -45.52 13.60
C ILE C 328 -19.02 -46.19 14.58
N VAL C 329 -19.32 -47.45 14.89
CA VAL C 329 -18.64 -48.21 15.92
C VAL C 329 -17.20 -48.53 15.45
N GLU C 330 -17.06 -48.88 14.18
CA GLU C 330 -15.74 -49.04 13.59
C GLU C 330 -14.87 -47.75 13.63
N TRP C 331 -15.46 -46.62 13.22
CA TRP C 331 -14.77 -45.33 13.26
C TRP C 331 -14.33 -44.99 14.71
N MET C 332 -15.21 -45.23 15.68
CA MET C 332 -14.94 -44.96 17.10
C MET C 332 -13.77 -45.80 17.64
N SER C 333 -13.51 -46.95 17.01
CA SER C 333 -12.48 -47.86 17.51
C SER C 333 -11.07 -47.30 17.37
N TYR C 334 -10.92 -46.18 16.65
CA TYR C 334 -9.61 -45.54 16.49
C TYR C 334 -9.45 -44.37 17.45
N VAL C 335 -10.52 -44.04 18.15
CA VAL C 335 -10.70 -42.79 18.89
C VAL C 335 -10.58 -42.99 20.41
N PRO C 336 -9.93 -42.07 21.14
CA PRO C 336 -9.87 -42.21 22.61
C PRO C 336 -11.23 -42.31 23.29
N ALA C 337 -11.27 -43.07 24.37
CA ALA C 337 -12.51 -43.29 25.14
C ALA C 337 -13.14 -41.96 25.57
N LYS C 338 -12.30 -40.99 25.92
CA LYS C 338 -12.75 -39.63 26.15
C LYS C 338 -11.62 -38.61 25.88
N ARG C 339 -11.97 -37.33 25.81
CA ARG C 339 -11.04 -36.24 25.52
C ARG C 339 -9.79 -36.30 26.39
N ASN C 340 -8.62 -36.26 25.75
CA ASN C 340 -7.29 -36.14 26.37
C ASN C 340 -6.79 -37.43 26.95
N MET C 341 -7.51 -38.48 26.65
CA MET C 341 -7.10 -39.79 26.98
C MET C 341 -6.20 -40.31 25.86
N PRO C 342 -5.27 -41.24 26.16
CA PRO C 342 -4.36 -41.66 25.06
C PRO C 342 -5.10 -42.33 23.91
N VAL C 343 -4.55 -42.28 22.70
CA VAL C 343 -5.16 -42.96 21.58
C VAL C 343 -5.19 -44.47 21.84
N PRO C 344 -6.25 -45.19 21.41
CA PRO C 344 -6.38 -46.59 21.81
C PRO C 344 -5.55 -47.57 20.99
N ILE C 345 -4.55 -48.12 21.63
CA ILE C 345 -3.71 -49.10 21.01
C ILE C 345 -4.42 -50.46 20.91
N LEU C 346 -4.38 -51.06 19.72
CA LEU C 346 -4.99 -52.34 19.47
C LEU C 346 -4.07 -53.14 18.56
N GLU C 347 -3.15 -53.86 19.19
CA GLU C 347 -2.29 -54.79 18.47
C GLU C 347 -3.11 -55.96 17.89
N THR C 348 -2.92 -56.25 16.62
CA THR C 348 -3.56 -57.42 16.03
C THR C 348 -2.47 -58.40 15.58
N LYS C 349 -2.87 -59.37 14.77
CA LYS C 349 -1.97 -60.44 14.33
C LYS C 349 -0.77 -59.86 13.58
N ASP C 350 -1.02 -58.83 12.78
CA ASP C 350 0.03 -58.21 11.98
C ASP C 350 0.79 -57.18 12.82
N THR C 351 1.88 -57.64 13.43
CA THR C 351 2.63 -56.87 14.40
C THR C 351 3.69 -56.06 13.68
N TRP C 352 4.35 -55.15 14.41
CA TRP C 352 5.31 -54.18 13.83
C TRP C 352 6.51 -54.76 13.08
N ASP C 353 7.00 -55.92 13.55
CA ASP C 353 8.28 -56.40 13.12
C ASP C 353 8.19 -57.20 11.84
N ARG C 354 8.22 -56.52 10.70
CA ARG C 354 8.20 -57.16 9.41
C ARG C 354 8.52 -56.10 8.38
N PRO C 355 9.08 -56.51 7.21
CA PRO C 355 9.32 -55.51 6.19
C PRO C 355 8.00 -55.10 5.56
N VAL C 356 8.03 -54.10 4.71
CA VAL C 356 6.86 -53.75 3.91
C VAL C 356 7.02 -54.47 2.58
N ASP C 357 5.98 -55.17 2.16
CA ASP C 357 6.04 -55.99 0.94
C ASP C 357 5.70 -55.22 -0.33
N PHE C 358 4.49 -54.67 -0.42
CA PHE C 358 4.14 -53.97 -1.66
C PHE C 358 5.00 -52.74 -1.89
N THR C 359 5.54 -52.64 -3.09
CA THR C 359 6.46 -51.58 -3.43
C THR C 359 6.12 -51.05 -4.81
N PRO C 360 5.95 -49.72 -4.94
CA PRO C 360 5.62 -49.21 -6.25
C PRO C 360 6.86 -49.23 -7.14
N THR C 361 6.62 -49.29 -8.45
CA THR C 361 7.67 -49.33 -9.46
C THR C 361 7.50 -48.12 -10.35
N ASN C 362 8.63 -47.57 -10.82
CA ASN C 362 8.66 -46.31 -11.58
C ASN C 362 7.66 -46.10 -12.70
N ASP C 363 7.40 -47.12 -13.49
CA ASP C 363 6.42 -46.88 -14.57
C ASP C 363 5.29 -47.91 -14.63
N GLU C 364 5.00 -48.51 -13.49
CA GLU C 364 3.81 -49.34 -13.32
C GLU C 364 2.77 -48.63 -12.42
N THR C 365 1.54 -48.64 -12.91
CA THR C 365 0.40 -47.98 -12.28
C THR C 365 0.03 -48.72 -11.01
N TYR C 366 -0.22 -47.97 -9.93
CA TYR C 366 -0.63 -48.58 -8.67
C TYR C 366 -1.78 -47.83 -7.99
N ASP C 367 -2.42 -48.47 -7.03
CA ASP C 367 -3.40 -47.82 -6.17
C ASP C 367 -2.68 -47.56 -4.85
N VAL C 368 -2.57 -46.30 -4.39
CA VAL C 368 -1.90 -46.02 -3.08
C VAL C 368 -2.41 -46.89 -1.99
N ARG C 369 -3.69 -47.26 -2.07
CA ARG C 369 -4.25 -48.12 -1.05
C ARG C 369 -3.41 -49.39 -0.80
N TRP C 370 -2.78 -49.91 -1.85
CA TRP C 370 -1.88 -51.07 -1.70
C TRP C 370 -0.68 -50.74 -0.84
N MET C 371 -0.10 -49.57 -1.05
CA MET C 371 0.97 -49.10 -0.18
C MET C 371 0.52 -48.98 1.29
N ILE C 372 -0.73 -48.56 1.47
CA ILE C 372 -1.26 -48.28 2.78
C ILE C 372 -1.67 -49.57 3.50
N GLU C 373 -2.50 -50.39 2.89
CA GLU C 373 -3.07 -51.52 3.61
C GLU C 373 -2.60 -52.88 3.07
N GLY C 374 -1.75 -52.87 2.06
CA GLY C 374 -1.36 -54.12 1.43
C GLY C 374 -2.30 -54.56 0.33
N ARG C 375 -1.95 -55.67 -0.30
CA ARG C 375 -2.57 -56.11 -1.55
C ARG C 375 -2.73 -57.63 -1.60
N GLU C 376 -3.92 -58.09 -1.92
CA GLU C 376 -4.17 -59.50 -2.17
C GLU C 376 -3.60 -59.81 -3.57
N THR C 377 -2.88 -60.92 -3.68
CA THR C 377 -2.27 -61.37 -4.94
C THR C 377 -2.59 -62.84 -5.17
N GLU C 378 -2.51 -63.32 -6.42
CA GLU C 378 -2.63 -64.76 -6.74
C GLU C 378 -1.61 -65.59 -5.96
N SER C 379 -0.42 -65.03 -5.74
CA SER C 379 0.66 -65.75 -5.05
C SER C 379 0.79 -65.45 -3.55
N GLY C 380 -0.25 -64.90 -2.93
CA GLY C 380 -0.22 -64.52 -1.50
C GLY C 380 -0.51 -63.03 -1.24
N PHE C 381 -0.65 -62.65 0.03
CA PHE C 381 -0.93 -61.25 0.42
C PHE C 381 0.38 -60.47 0.53
N GLU C 382 0.45 -59.31 -0.11
CA GLU C 382 1.58 -58.40 0.06
C GLU C 382 1.22 -57.32 1.08
N TYR C 383 1.89 -57.36 2.21
CA TYR C 383 1.64 -56.41 3.29
C TYR C 383 2.06 -55.01 2.88
N GLY C 384 1.27 -54.03 3.31
CA GLY C 384 1.59 -52.62 3.12
C GLY C 384 2.22 -52.05 4.37
N LEU C 385 2.32 -50.73 4.41
CA LEU C 385 2.91 -50.02 5.56
C LEU C 385 2.13 -50.28 6.84
N PHE C 386 0.80 -50.30 6.75
CA PHE C 386 -0.03 -50.31 7.96
C PHE C 386 -0.61 -51.70 8.25
N ASP C 387 -1.24 -51.88 9.41
CA ASP C 387 -1.69 -53.21 9.82
C ASP C 387 -2.72 -53.73 8.86
N LYS C 388 -2.60 -55.01 8.49
CA LYS C 388 -3.57 -55.66 7.61
C LYS C 388 -4.98 -55.57 8.17
N GLY C 389 -5.92 -55.17 7.32
CA GLY C 389 -7.31 -55.01 7.73
C GLY C 389 -7.63 -53.72 8.49
N SER C 390 -6.62 -52.87 8.75
CA SER C 390 -6.79 -51.71 9.65
C SER C 390 -7.24 -50.38 8.97
N PHE C 391 -7.23 -50.34 7.64
CA PHE C 391 -7.48 -49.08 6.93
C PHE C 391 -8.97 -48.84 6.77
N PHE C 392 -9.42 -47.67 7.24
CA PHE C 392 -10.83 -47.30 7.25
C PHE C 392 -10.89 -45.98 6.47
N GLU C 393 -11.18 -46.07 5.19
CA GLU C 393 -11.14 -44.88 4.33
C GLU C 393 -12.38 -44.01 4.59
N THR C 394 -12.23 -42.70 4.55
CA THR C 394 -13.41 -41.84 4.72
C THR C 394 -13.37 -40.74 3.66
N LEU C 395 -14.47 -40.04 3.49
CA LEU C 395 -14.61 -39.05 2.38
C LEU C 395 -14.29 -39.65 1.00
N SER C 396 -14.61 -40.92 0.84
CA SER C 396 -14.20 -41.66 -0.37
C SER C 396 -15.04 -41.29 -1.58
N GLY C 397 -16.10 -40.51 -1.39
CA GLY C 397 -16.92 -40.10 -2.54
C GLY C 397 -16.51 -38.82 -3.23
N TRP C 398 -15.52 -38.13 -2.66
CA TRP C 398 -15.28 -36.70 -2.96
C TRP C 398 -13.79 -36.45 -3.13
N ALA C 399 -13.42 -35.71 -4.17
CA ALA C 399 -12.05 -35.25 -4.35
C ALA C 399 -11.08 -36.43 -4.27
N LYS C 400 -11.22 -37.34 -5.22
CA LYS C 400 -10.58 -38.65 -5.14
C LYS C 400 -9.10 -38.66 -5.40
N GLY C 401 -8.56 -37.50 -5.77
CA GLY C 401 -7.12 -37.29 -5.84
C GLY C 401 -6.37 -37.51 -4.53
N VAL C 402 -7.05 -37.32 -3.40
CA VAL C 402 -6.44 -37.59 -2.10
C VAL C 402 -7.18 -38.74 -1.50
N VAL C 403 -6.46 -39.56 -0.73
CA VAL C 403 -7.05 -40.74 -0.08
C VAL C 403 -6.92 -40.51 1.42
N VAL C 404 -8.00 -40.51 2.18
CA VAL C 404 -7.85 -40.27 3.61
C VAL C 404 -8.50 -41.38 4.39
N GLY C 405 -7.92 -41.75 5.52
CA GLY C 405 -8.55 -42.75 6.38
C GLY C 405 -7.86 -42.88 7.72
N ARG C 406 -8.37 -43.76 8.56
CA ARG C 406 -7.68 -44.13 9.78
C ARG C 406 -6.98 -45.47 9.49
N ALA C 407 -5.94 -45.79 10.24
CA ALA C 407 -5.27 -47.07 10.12
C ALA C 407 -4.57 -47.34 11.45
N ARG C 408 -3.87 -48.46 11.55
CA ARG C 408 -3.08 -48.73 12.74
C ARG C 408 -1.70 -49.20 12.30
N LEU C 409 -0.72 -48.82 13.10
CA LEU C 409 0.66 -49.11 12.79
C LEU C 409 1.19 -49.87 13.99
N GLY C 410 1.41 -51.19 13.82
CA GLY C 410 1.75 -52.04 14.97
C GLY C 410 0.76 -51.87 16.12
N GLY C 411 -0.47 -51.52 15.77
CA GLY C 411 -1.49 -51.24 16.79
C GLY C 411 -1.77 -49.79 17.16
N ILE C 412 -0.91 -48.85 16.75
CA ILE C 412 -1.15 -47.43 17.07
C ILE C 412 -2.10 -46.83 16.03
N PRO C 413 -3.26 -46.29 16.45
CA PRO C 413 -4.16 -45.69 15.47
C PRO C 413 -3.62 -44.33 15.01
N LEU C 414 -3.96 -43.94 13.79
CA LEU C 414 -3.48 -42.65 13.31
C LEU C 414 -4.29 -42.27 12.07
N GLY C 415 -4.25 -40.98 11.69
CA GLY C 415 -4.87 -40.57 10.44
C GLY C 415 -3.87 -40.75 9.33
N VAL C 416 -4.33 -41.04 8.13
CA VAL C 416 -3.40 -41.26 7.04
C VAL C 416 -3.91 -40.52 5.84
N ILE C 417 -3.03 -39.82 5.19
CA ILE C 417 -3.39 -39.16 3.96
C ILE C 417 -2.38 -39.63 2.90
N GLY C 418 -2.91 -40.09 1.77
CA GLY C 418 -2.05 -40.50 0.67
C GLY C 418 -2.52 -39.90 -0.63
N VAL C 419 -1.74 -40.09 -1.68
CA VAL C 419 -2.00 -39.42 -2.94
C VAL C 419 -2.40 -40.44 -4.01
N GLU C 420 -3.59 -40.27 -4.56
CA GLU C 420 -4.03 -41.08 -5.69
C GLU C 420 -3.24 -40.67 -6.95
N THR C 421 -2.41 -41.59 -7.44
CA THR C 421 -1.61 -41.37 -8.67
C THR C 421 -2.38 -41.49 -9.99
N ARG C 422 -3.54 -42.12 -9.99
CA ARG C 422 -4.33 -42.29 -11.21
C ARG C 422 -5.28 -41.11 -11.45
N THR C 423 -5.50 -40.78 -12.73
CA THR C 423 -6.40 -39.70 -13.13
C THR C 423 -7.78 -40.01 -12.65
N VAL C 424 -8.43 -38.99 -12.12
CA VAL C 424 -9.80 -39.10 -11.66
C VAL C 424 -10.69 -38.44 -12.70
N GLU C 425 -11.78 -39.12 -13.05
CA GLU C 425 -12.77 -38.61 -13.98
C GLU C 425 -13.95 -38.20 -13.12
N ASN C 426 -14.10 -36.90 -12.92
CA ASN C 426 -15.10 -36.38 -12.00
C ASN C 426 -16.31 -35.89 -12.80
N LEU C 427 -17.40 -36.64 -12.75
CA LEU C 427 -18.59 -36.32 -13.55
C LEU C 427 -19.59 -35.46 -12.75
N ILE C 428 -19.70 -34.20 -13.14
CA ILE C 428 -20.66 -33.26 -12.55
C ILE C 428 -21.99 -33.44 -13.28
N PRO C 429 -23.08 -33.73 -12.54
CA PRO C 429 -24.36 -33.92 -13.22
C PRO C 429 -24.94 -32.59 -13.71
N ALA C 430 -25.89 -32.67 -14.63
CA ALA C 430 -26.59 -31.50 -15.17
C ALA C 430 -27.54 -30.89 -14.14
N ASP C 431 -27.47 -29.56 -13.99
CA ASP C 431 -28.41 -28.77 -13.17
C ASP C 431 -29.81 -28.76 -13.80
N PRO C 432 -30.79 -29.44 -13.16
CA PRO C 432 -32.13 -29.50 -13.75
C PRO C 432 -32.85 -28.16 -13.84
N ALA C 433 -32.40 -27.16 -13.07
CA ALA C 433 -33.04 -25.84 -13.06
C ALA C 433 -32.69 -24.98 -14.28
N ASN C 434 -31.68 -25.42 -15.04
CA ASN C 434 -31.24 -24.76 -16.26
C ASN C 434 -31.53 -25.72 -17.42
N PRO C 435 -32.42 -25.30 -18.36
CA PRO C 435 -32.78 -26.17 -19.48
C PRO C 435 -31.58 -26.44 -20.41
N ASN C 436 -30.72 -25.44 -20.55
CA ASN C 436 -29.50 -25.55 -21.37
C ASN C 436 -28.22 -25.70 -20.56
N SER C 437 -28.15 -26.81 -19.81
CA SER C 437 -26.93 -27.24 -19.12
C SER C 437 -26.74 -28.73 -19.33
N ALA C 438 -25.49 -29.12 -19.60
CA ALA C 438 -25.14 -30.51 -19.84
C ALA C 438 -24.34 -31.02 -18.66
N GLU C 439 -24.15 -32.32 -18.56
CA GLU C 439 -23.24 -32.84 -17.55
C GLU C 439 -21.80 -32.51 -17.95
N THR C 440 -20.90 -32.43 -16.97
CA THR C 440 -19.51 -32.08 -17.24
C THR C 440 -18.57 -33.14 -16.72
N LEU C 441 -17.61 -33.51 -17.53
CA LEU C 441 -16.55 -34.42 -17.12
C LEU C 441 -15.32 -33.59 -16.82
N ILE C 442 -14.83 -33.67 -15.58
CA ILE C 442 -13.64 -32.95 -15.15
C ILE C 442 -12.52 -33.98 -14.99
N GLN C 443 -11.42 -33.77 -15.71
CA GLN C 443 -10.28 -34.66 -15.59
C GLN C 443 -9.40 -34.07 -14.48
N GLU C 444 -9.07 -34.90 -13.50
CA GLU C 444 -8.22 -34.46 -12.40
C GLU C 444 -6.93 -35.28 -12.45
N PRO C 445 -5.88 -34.68 -13.01
CA PRO C 445 -4.64 -35.49 -13.08
C PRO C 445 -4.12 -35.86 -11.69
N GLY C 446 -3.48 -37.01 -11.59
CA GLY C 446 -2.97 -37.53 -10.34
C GLY C 446 -1.81 -36.70 -9.83
N GLN C 447 -1.65 -36.66 -8.52
CA GLN C 447 -0.53 -35.98 -7.89
C GLN C 447 -0.57 -34.46 -8.03
N VAL C 448 -1.73 -33.94 -8.39
CA VAL C 448 -1.97 -32.49 -8.44
C VAL C 448 -3.07 -32.11 -7.44
N TRP C 449 -2.80 -31.07 -6.67
CA TRP C 449 -3.82 -30.51 -5.79
C TRP C 449 -4.69 -29.56 -6.59
N HIS C 450 -5.98 -29.85 -6.62
CA HIS C 450 -7.01 -28.97 -7.13
C HIS C 450 -7.76 -28.43 -5.90
N PRO C 451 -8.65 -27.44 -6.10
CA PRO C 451 -9.35 -26.90 -4.95
C PRO C 451 -10.06 -27.93 -4.12
N ASN C 452 -10.74 -28.90 -4.76
CA ASN C 452 -11.51 -29.91 -3.97
C ASN C 452 -10.60 -30.79 -3.08
N SER C 453 -9.48 -31.12 -3.68
CA SER C 453 -8.51 -32.06 -3.22
C SER C 453 -7.68 -31.39 -2.09
N ALA C 454 -7.41 -30.10 -2.26
CA ALA C 454 -6.80 -29.29 -1.22
C ALA C 454 -7.76 -29.15 -0.03
N PHE C 455 -9.04 -28.89 -0.31
CA PHE C 455 -10.07 -28.73 0.71
C PHE C 455 -10.17 -30.04 1.51
N LYS C 456 -10.18 -31.15 0.80
CA LYS C 456 -10.31 -32.45 1.43
C LYS C 456 -9.13 -32.75 2.36
N THR C 457 -7.94 -32.36 1.92
CA THR C 457 -6.73 -32.55 2.71
C THR C 457 -6.83 -31.76 4.00
N ALA C 458 -7.23 -30.50 3.90
CA ALA C 458 -7.36 -29.66 5.09
C ALA C 458 -8.44 -30.21 6.01
N GLN C 459 -9.58 -30.62 5.44
CA GLN C 459 -10.67 -31.18 6.23
C GLN C 459 -10.21 -32.42 7.02
N ALA C 460 -9.50 -33.32 6.34
CA ALA C 460 -8.97 -34.49 6.98
C ALA C 460 -8.08 -34.16 8.18
N ILE C 461 -7.15 -33.23 7.98
CA ILE C 461 -6.26 -32.82 9.02
C ILE C 461 -7.05 -32.30 10.22
N ASN C 462 -8.07 -31.49 9.97
CA ASN C 462 -8.87 -30.97 11.08
C ASN C 462 -9.70 -32.07 11.76
N ASP C 463 -10.26 -32.98 10.96
CA ASP C 463 -11.07 -34.03 11.54
C ASP C 463 -10.23 -35.03 12.34
N PHE C 464 -9.00 -35.31 11.91
CA PHE C 464 -8.09 -36.15 12.72
C PHE C 464 -7.77 -35.46 14.05
N ASN C 465 -7.68 -34.14 14.02
CA ASN C 465 -7.10 -33.39 15.12
C ASN C 465 -8.16 -33.12 16.19
N ASN C 466 -9.25 -32.55 15.73
CA ASN C 466 -10.37 -32.20 16.61
C ASN C 466 -11.03 -33.23 17.47
N GLY C 467 -11.63 -34.27 16.99
CA GLY C 467 -12.19 -34.97 18.25
C GLY C 467 -11.55 -36.33 18.40
N GLU C 468 -11.07 -36.81 17.26
CA GLU C 468 -10.25 -37.98 17.16
C GLU C 468 -8.91 -37.85 17.93
N GLN C 469 -8.33 -36.64 17.99
CA GLN C 469 -7.00 -36.42 18.61
C GLN C 469 -5.94 -37.44 18.21
N LEU C 470 -5.91 -37.77 16.92
CA LEU C 470 -4.96 -38.73 16.35
C LEU C 470 -3.63 -38.11 15.89
N PRO C 471 -2.54 -38.88 16.02
CA PRO C 471 -1.33 -38.55 15.27
C PRO C 471 -1.66 -38.75 13.78
N MET C 472 -0.77 -38.34 12.87
CA MET C 472 -1.11 -38.42 11.47
C MET C 472 0.12 -38.75 10.65
N MET C 473 -0.08 -39.50 9.57
CA MET C 473 0.99 -39.64 8.58
C MET C 473 0.52 -39.18 7.21
N ILE C 474 1.32 -38.32 6.58
CA ILE C 474 1.01 -37.93 5.23
C ILE C 474 2.04 -38.51 4.29
N LEU C 475 1.59 -39.36 3.36
CA LEU C 475 2.49 -39.96 2.40
C LEU C 475 2.57 -39.00 1.23
N ALA C 476 3.26 -37.88 1.48
CA ALA C 476 3.25 -36.73 0.56
C ALA C 476 3.90 -37.07 -0.80
N ASN C 477 3.13 -36.86 -1.87
CA ASN C 477 3.51 -37.25 -3.20
C ASN C 477 2.78 -36.38 -4.24
N TRP C 478 2.95 -35.06 -4.12
CA TRP C 478 2.29 -34.15 -5.03
C TRP C 478 3.27 -33.42 -5.92
N ARG C 479 2.89 -33.24 -7.18
CA ARG C 479 3.73 -32.49 -8.13
C ARG C 479 3.47 -30.99 -8.07
N GLY C 480 2.42 -30.60 -7.37
CA GLY C 480 2.11 -29.18 -7.22
C GLY C 480 0.63 -28.84 -7.15
N PHE C 481 0.35 -27.58 -6.85
CA PHE C 481 -0.99 -27.06 -7.00
C PHE C 481 -1.23 -26.79 -8.49
N SER C 482 -2.42 -27.06 -8.97
CA SER C 482 -2.82 -26.61 -10.30
C SER C 482 -2.94 -25.09 -10.37
N GLY C 483 -2.14 -24.47 -11.26
CA GLY C 483 -2.11 -23.01 -11.42
C GLY C 483 -2.85 -22.50 -12.66
N GLY C 484 -3.70 -23.34 -13.22
CA GLY C 484 -4.44 -23.01 -14.41
C GLY C 484 -5.64 -22.12 -14.13
N GLN C 485 -6.19 -21.53 -15.20
CA GLN C 485 -7.21 -20.51 -15.04
C GLN C 485 -8.41 -20.97 -14.22
N ARG C 486 -8.99 -22.11 -14.58
CA ARG C 486 -10.18 -22.62 -13.92
C ARG C 486 -9.91 -22.86 -12.40
N ASP C 487 -8.81 -23.54 -12.08
CA ASP C 487 -8.45 -23.79 -10.67
C ASP C 487 -8.08 -22.51 -9.87
N MET C 488 -7.42 -21.56 -10.53
CA MET C 488 -7.15 -20.28 -9.91
C MET C 488 -8.44 -19.49 -9.64
N PHE C 489 -9.32 -19.46 -10.65
CA PHE C 489 -10.61 -18.82 -10.51
C PHE C 489 -11.43 -19.50 -9.41
N ASN C 490 -11.38 -20.84 -9.35
CA ASN C 490 -12.08 -21.59 -8.29
C ASN C 490 -11.31 -21.61 -6.97
N GLU C 491 -10.37 -20.69 -6.81
CA GLU C 491 -9.85 -20.33 -5.49
C GLU C 491 -8.90 -21.38 -4.85
N VAL C 492 -8.11 -22.07 -5.67
CA VAL C 492 -7.12 -23.00 -5.15
C VAL C 492 -6.22 -22.36 -4.07
N LEU C 493 -5.95 -21.06 -4.17
CA LEU C 493 -5.17 -20.37 -3.14
C LEU C 493 -5.80 -20.43 -1.73
N LYS C 494 -7.13 -20.33 -1.66
CA LYS C 494 -7.83 -20.32 -0.38
C LYS C 494 -7.77 -21.71 0.24
N TYR C 495 -8.01 -22.73 -0.57
CA TYR C 495 -8.05 -24.11 -0.08
C TYR C 495 -6.71 -24.64 0.34
N GLY C 496 -5.67 -24.25 -0.40
CA GLY C 496 -4.32 -24.62 -0.07
C GLY C 496 -3.87 -23.94 1.20
N SER C 497 -4.29 -22.69 1.41
CA SER C 497 -4.02 -22.03 2.66
C SER C 497 -4.71 -22.68 3.84
N PHE C 498 -5.90 -23.26 3.65
CA PHE C 498 -6.56 -24.04 4.73
C PHE C 498 -5.67 -25.16 5.26
N ILE C 499 -4.79 -25.72 4.41
CA ILE C 499 -3.95 -26.86 4.81
C ILE C 499 -2.93 -26.38 5.81
N VAL C 500 -2.32 -25.23 5.53
CA VAL C 500 -1.39 -24.58 6.44
C VAL C 500 -2.03 -24.31 7.80
N ASP C 501 -3.21 -23.68 7.80
CA ASP C 501 -3.93 -23.35 9.04
C ASP C 501 -4.23 -24.62 9.85
N ALA C 502 -4.58 -25.70 9.14
CA ALA C 502 -4.92 -26.96 9.80
C ALA C 502 -3.70 -27.60 10.47
N LEU C 503 -2.53 -27.44 9.83
CA LEU C 503 -1.25 -27.91 10.39
C LEU C 503 -0.81 -27.08 11.56
N VAL C 504 -0.96 -25.76 11.47
CA VAL C 504 -0.62 -24.88 12.60
C VAL C 504 -1.34 -25.31 13.87
N ASP C 505 -2.60 -25.69 13.71
CA ASP C 505 -3.45 -26.02 14.85
C ASP C 505 -3.29 -27.46 15.39
N TYR C 506 -2.48 -28.27 14.69
CA TYR C 506 -2.42 -29.70 14.97
C TYR C 506 -1.70 -30.00 16.31
N LYS C 507 -2.24 -30.94 17.09
CA LYS C 507 -1.77 -31.11 18.45
C LYS C 507 -1.15 -32.48 18.80
N GLN C 508 -1.03 -33.37 17.81
CA GLN C 508 -0.44 -34.70 18.00
C GLN C 508 0.72 -34.85 17.01
N PRO C 509 1.64 -35.82 17.26
CA PRO C 509 2.75 -36.02 16.30
C PRO C 509 2.31 -36.18 14.85
N ILE C 510 3.10 -35.59 13.96
CA ILE C 510 2.88 -35.69 12.55
C ILE C 510 4.11 -36.22 11.86
N ILE C 511 3.90 -37.16 10.97
CA ILE C 511 4.96 -37.65 10.13
C ILE C 511 4.63 -37.33 8.69
N ILE C 512 5.56 -36.62 8.04
CA ILE C 512 5.50 -36.48 6.60
C ILE C 512 6.56 -37.38 5.96
N TYR C 513 6.15 -38.17 4.96
CA TYR C 513 7.04 -39.13 4.35
C TYR C 513 6.84 -39.18 2.85
N ILE C 514 7.82 -38.70 2.08
CA ILE C 514 7.73 -38.83 0.62
C ILE C 514 8.14 -40.27 0.27
N PRO C 515 7.23 -41.04 -0.31
CA PRO C 515 7.46 -42.45 -0.48
C PRO C 515 8.31 -42.78 -1.75
N PRO C 516 8.67 -44.07 -1.96
CA PRO C 516 9.50 -44.40 -3.12
C PRO C 516 8.74 -44.20 -4.41
N THR C 517 9.42 -43.65 -5.42
CA THR C 517 8.83 -43.27 -6.70
C THR C 517 8.03 -41.99 -6.54
N GLY C 518 7.95 -41.48 -5.30
CA GLY C 518 7.21 -40.28 -5.06
C GLY C 518 8.02 -39.01 -5.16
N GLU C 519 7.32 -37.88 -5.15
CA GLU C 519 8.01 -36.61 -5.19
C GLU C 519 7.18 -35.52 -4.50
N LEU C 520 7.84 -34.43 -4.16
CA LEU C 520 7.19 -33.28 -3.63
C LEU C 520 7.87 -32.06 -4.23
N ARG C 521 7.14 -31.31 -5.05
CA ARG C 521 7.69 -30.17 -5.77
C ARG C 521 7.08 -28.85 -5.34
N GLY C 522 7.87 -27.79 -5.36
CA GLY C 522 7.37 -26.43 -5.22
C GLY C 522 6.43 -26.26 -4.04
N GLY C 523 5.34 -25.52 -4.29
CA GLY C 523 4.25 -25.35 -3.34
C GLY C 523 3.77 -26.60 -2.61
N SER C 524 3.88 -27.74 -3.27
CA SER C 524 3.48 -28.99 -2.64
C SER C 524 4.27 -29.29 -1.37
N TRP C 525 5.57 -29.04 -1.41
CA TRP C 525 6.41 -29.22 -0.24
C TRP C 525 6.04 -28.16 0.83
N VAL C 526 5.91 -26.92 0.36
CA VAL C 526 5.71 -25.79 1.24
C VAL C 526 4.60 -26.08 2.25
N VAL C 527 3.43 -26.49 1.78
CA VAL C 527 2.30 -26.61 2.65
C VAL C 527 2.43 -27.76 3.63
N VAL C 528 3.45 -28.61 3.49
CA VAL C 528 3.68 -29.67 4.47
C VAL C 528 5.07 -29.61 5.09
N ASP C 529 5.74 -28.47 4.99
CA ASP C 529 7.03 -28.33 5.61
C ASP C 529 6.92 -28.31 7.13
N PRO C 530 7.82 -29.07 7.82
CA PRO C 530 7.75 -29.14 9.29
C PRO C 530 7.95 -27.83 10.02
N THR C 531 8.49 -26.82 9.37
CA THR C 531 8.64 -25.54 10.07
C THR C 531 7.31 -24.79 10.25
N ILE C 532 6.25 -25.30 9.60
CA ILE C 532 4.91 -24.76 9.82
C ILE C 532 4.48 -25.04 11.26
N ASN C 533 4.86 -26.21 11.78
CA ASN C 533 4.52 -26.59 13.16
C ASN C 533 5.62 -27.52 13.63
N ALA C 534 6.73 -26.93 14.06
CA ALA C 534 7.91 -27.70 14.42
C ALA C 534 7.71 -28.48 15.74
N ASP C 535 6.75 -28.07 16.57
CA ASP C 535 6.47 -28.83 17.77
C ASP C 535 5.96 -30.23 17.41
N GLN C 536 5.25 -30.39 16.30
CA GLN C 536 4.58 -31.66 16.02
C GLN C 536 5.04 -32.38 14.76
N MET C 537 5.64 -31.66 13.82
CA MET C 537 5.83 -32.21 12.46
C MET C 537 7.26 -32.70 12.22
N GLU C 538 7.40 -33.83 11.52
CA GLU C 538 8.71 -34.27 11.11
C GLU C 538 8.61 -34.73 9.70
N MET C 539 9.62 -34.41 8.91
CA MET C 539 9.59 -34.83 7.51
C MET C 539 10.64 -35.92 7.21
N TYR C 540 10.29 -36.90 6.38
CA TYR C 540 11.18 -37.98 5.97
C TYR C 540 11.10 -38.15 4.47
N ALA C 541 12.19 -38.60 3.86
CA ALA C 541 12.15 -38.87 2.42
C ALA C 541 12.74 -40.24 2.16
N ASP C 542 12.06 -41.01 1.33
CA ASP C 542 12.61 -42.26 0.87
C ASP C 542 13.89 -42.03 0.04
N VAL C 543 14.80 -42.99 0.06
CA VAL C 543 15.98 -42.98 -0.81
C VAL C 543 15.63 -42.92 -2.29
N ASN C 544 14.49 -43.45 -2.68
CA ASN C 544 13.98 -43.32 -4.06
C ASN C 544 12.86 -42.25 -4.28
N ALA C 545 12.86 -41.21 -3.45
CA ALA C 545 11.98 -40.07 -3.67
C ALA C 545 12.78 -38.94 -4.32
N ARG C 546 12.09 -37.91 -4.78
CA ARG C 546 12.67 -36.72 -5.39
C ARG C 546 11.99 -35.46 -4.82
N ALA C 547 12.74 -34.37 -4.74
CA ALA C 547 12.14 -33.10 -4.35
C ALA C 547 13.00 -31.93 -4.82
N GLY C 548 12.32 -30.85 -5.19
CA GLY C 548 12.97 -29.58 -5.43
C GLY C 548 11.93 -28.55 -5.83
N VAL C 549 12.37 -27.33 -6.10
CA VAL C 549 11.39 -26.33 -6.49
C VAL C 549 10.70 -26.72 -7.79
N LEU C 550 11.46 -27.29 -8.74
CA LEU C 550 10.90 -27.68 -10.03
C LEU C 550 11.28 -29.09 -10.39
N GLU C 551 10.44 -29.75 -11.21
CA GLU C 551 10.82 -30.99 -11.92
C GLU C 551 11.98 -30.67 -12.89
N PRO C 552 12.82 -31.68 -13.22
CA PRO C 552 13.94 -31.56 -14.18
C PRO C 552 13.64 -30.78 -15.47
N GLN C 553 12.57 -31.14 -16.17
CA GLN C 553 12.16 -30.43 -17.38
C GLN C 553 11.98 -28.93 -17.14
N GLY C 554 11.24 -28.55 -16.10
CA GLY C 554 11.06 -27.15 -15.75
C GLY C 554 12.36 -26.45 -15.41
N MET C 555 13.27 -27.17 -14.74
CA MET C 555 14.50 -26.58 -14.23
C MET C 555 15.45 -26.26 -15.40
N VAL C 556 15.51 -27.21 -16.32
CA VAL C 556 16.34 -27.18 -17.50
C VAL C 556 15.92 -26.03 -18.44
N GLY C 557 14.61 -25.85 -18.60
CA GLY C 557 14.09 -24.75 -19.41
C GLY C 557 14.39 -23.33 -18.87
N ILE C 558 15.14 -23.25 -17.77
CA ILE C 558 15.49 -21.96 -17.17
C ILE C 558 16.97 -21.88 -16.90
N LYS C 559 17.55 -23.00 -16.48
CA LYS C 559 18.92 -23.02 -16.01
C LYS C 559 19.86 -23.87 -16.88
N PHE C 560 19.31 -24.57 -17.86
CA PHE C 560 20.16 -25.32 -18.80
C PHE C 560 19.68 -25.12 -20.25
N ARG C 561 19.70 -23.87 -20.69
CA ARG C 561 19.11 -23.45 -21.95
C ARG C 561 20.03 -23.78 -23.12
N ARG C 562 19.54 -23.60 -24.34
CA ARG C 562 20.30 -23.87 -25.56
C ARG C 562 21.78 -23.45 -25.51
N GLU C 563 22.06 -22.19 -25.19
CA GLU C 563 23.45 -21.76 -25.09
C GLU C 563 24.29 -22.70 -24.24
N LYS C 564 23.87 -22.94 -22.99
CA LYS C 564 24.61 -23.79 -22.03
C LYS C 564 24.79 -25.25 -22.50
N LEU C 565 23.80 -25.77 -23.24
CA LEU C 565 23.89 -27.08 -23.88
C LEU C 565 25.04 -27.15 -24.90
N LEU C 566 25.26 -26.04 -25.61
CA LEU C 566 26.26 -25.98 -26.68
C LEU C 566 27.66 -25.83 -26.10
N ASP C 567 27.76 -25.16 -24.96
CA ASP C 567 29.02 -25.05 -24.25
C ASP C 567 29.51 -26.39 -23.72
N THR C 568 28.57 -27.31 -23.46
CA THR C 568 28.90 -28.63 -22.94
C THR C 568 29.18 -29.67 -24.05
N MET C 569 28.56 -29.46 -25.21
CA MET C 569 28.93 -30.19 -26.44
C MET C 569 30.37 -29.87 -26.82
N ASN C 570 30.70 -28.59 -26.68
CA ASN C 570 32.02 -28.04 -26.95
C ASN C 570 33.15 -28.65 -26.11
N ARG C 571 32.80 -29.12 -24.91
CA ARG C 571 33.79 -29.68 -24.00
C ARG C 571 33.87 -31.21 -24.11
N LEU C 572 32.80 -31.83 -24.61
CA LEU C 572 32.60 -33.28 -24.46
C LEU C 572 32.45 -34.07 -25.78
N ASP C 573 32.12 -33.37 -26.86
CA ASP C 573 32.12 -33.95 -28.21
C ASP C 573 33.26 -33.36 -29.04
N ASP C 574 34.34 -34.14 -29.21
CA ASP C 574 35.51 -33.71 -29.99
C ASP C 574 35.12 -33.02 -31.31
N LYS C 575 34.24 -33.69 -32.07
CA LYS C 575 33.76 -33.20 -33.38
C LYS C 575 33.25 -31.73 -33.35
N TYR C 576 32.42 -31.42 -32.36
CA TYR C 576 31.83 -30.08 -32.21
C TYR C 576 32.89 -29.02 -31.89
N ARG C 605 24.81 -31.76 -34.34
CA ARG C 605 23.61 -31.27 -33.66
C ARG C 605 22.37 -32.14 -33.90
N GLU C 606 22.62 -33.43 -34.09
CA GLU C 606 21.66 -34.49 -33.82
C GLU C 606 22.16 -35.08 -32.51
N LEU C 607 22.66 -34.20 -31.65
CA LEU C 607 23.07 -34.56 -30.31
C LEU C 607 22.08 -33.96 -29.29
N LEU C 608 21.19 -33.08 -29.75
CA LEU C 608 20.19 -32.45 -28.88
C LEU C 608 19.29 -33.43 -28.11
N PRO C 609 18.86 -34.55 -28.75
CA PRO C 609 18.11 -35.53 -27.98
C PRO C 609 18.89 -36.09 -26.79
N ILE C 610 20.13 -36.52 -27.00
CA ILE C 610 20.92 -37.10 -25.90
C ILE C 610 21.50 -36.08 -24.91
N TYR C 611 21.85 -34.89 -25.38
CA TYR C 611 22.41 -33.86 -24.52
C TYR C 611 21.32 -33.19 -23.66
N GLY C 612 20.10 -33.20 -24.20
CA GLY C 612 18.90 -32.85 -23.45
C GLY C 612 18.68 -33.83 -22.31
N GLN C 613 18.91 -35.12 -22.58
CA GLN C 613 18.78 -36.15 -21.56
C GLN C 613 19.84 -35.98 -20.48
N ILE C 614 21.04 -35.59 -20.89
CA ILE C 614 22.13 -35.35 -19.96
C ILE C 614 21.79 -34.16 -19.03
N SER C 615 21.09 -33.16 -19.53
CA SER C 615 20.79 -32.00 -18.71
C SER C 615 19.68 -32.34 -17.68
N LEU C 616 18.68 -33.10 -18.10
CA LEU C 616 17.63 -33.65 -17.23
C LEU C 616 18.21 -34.46 -16.08
N GLN C 617 19.07 -35.42 -16.40
CA GLN C 617 19.81 -36.15 -15.37
C GLN C 617 20.68 -35.23 -14.50
N PHE C 618 21.32 -34.23 -15.09
CA PHE C 618 22.11 -33.31 -14.30
C PHE C 618 21.21 -32.63 -13.23
N ALA C 619 20.00 -32.22 -13.65
CA ALA C 619 19.03 -31.58 -12.75
C ALA C 619 18.51 -32.58 -11.71
N ASP C 620 18.17 -33.78 -12.16
CA ASP C 620 17.65 -34.82 -11.31
C ASP C 620 18.61 -35.21 -10.19
N LEU C 621 19.91 -35.05 -10.43
CA LEU C 621 20.92 -35.35 -9.42
C LEU C 621 20.92 -34.36 -8.28
N HIS C 622 20.25 -33.20 -8.43
CA HIS C 622 20.07 -32.24 -7.31
C HIS C 622 18.91 -32.62 -6.40
N ASP C 623 17.96 -33.38 -6.95
CA ASP C 623 16.66 -33.62 -6.33
C ASP C 623 16.60 -34.86 -5.41
N ARG C 624 17.72 -35.28 -4.86
CA ARG C 624 17.80 -36.56 -4.17
C ARG C 624 17.70 -36.37 -2.66
N SER C 625 17.25 -37.43 -1.97
CA SER C 625 17.15 -37.40 -0.52
C SER C 625 18.49 -37.03 0.16
N SER C 626 19.60 -37.28 -0.53
CA SER C 626 20.94 -36.93 -0.06
C SER C 626 21.17 -35.42 0.07
N ARG C 627 20.68 -34.60 -0.88
CA ARG C 627 20.72 -33.12 -0.74
C ARG C 627 19.85 -32.73 0.46
N MET C 628 18.67 -33.34 0.52
CA MET C 628 17.72 -33.07 1.60
C MET C 628 18.37 -33.24 2.94
N VAL C 629 19.08 -34.36 3.13
CA VAL C 629 19.85 -34.58 4.38
C VAL C 629 20.96 -33.55 4.50
N ALA C 630 21.68 -33.31 3.42
CA ALA C 630 22.81 -32.38 3.46
C ALA C 630 22.34 -30.98 3.80
N LYS C 631 21.17 -30.57 3.27
CA LYS C 631 20.69 -29.21 3.57
C LYS C 631 19.89 -29.15 4.88
N GLY C 632 19.80 -30.29 5.59
CA GLY C 632 19.08 -30.32 6.87
C GLY C 632 17.56 -30.09 6.76
N VAL C 633 16.93 -30.41 5.63
CA VAL C 633 15.46 -30.21 5.52
C VAL C 633 14.56 -31.43 5.89
N ILE C 634 15.15 -32.60 6.09
CA ILE C 634 14.41 -33.78 6.53
C ILE C 634 15.06 -34.33 7.79
N SER C 635 14.32 -35.14 8.55
CA SER C 635 14.86 -35.75 9.77
C SER C 635 15.80 -36.91 9.39
N LYS C 636 15.39 -37.71 8.39
CA LYS C 636 16.18 -38.86 7.92
C LYS C 636 15.71 -39.25 6.52
N GLU C 637 16.61 -39.83 5.72
CA GLU C 637 16.17 -40.57 4.54
C GLU C 637 15.95 -42.01 4.97
N LEU C 638 14.97 -42.66 4.34
CA LEU C 638 14.52 -43.97 4.75
C LEU C 638 14.44 -44.94 3.58
N GLU C 639 14.47 -46.22 3.88
CA GLU C 639 14.11 -47.22 2.88
C GLU C 639 12.72 -47.74 3.13
N TRP C 640 11.88 -47.69 2.12
CA TRP C 640 10.48 -48.17 2.17
C TRP C 640 10.28 -49.51 2.90
N THR C 641 11.13 -50.48 2.59
CA THR C 641 11.04 -51.84 3.15
C THR C 641 11.08 -51.84 4.69
N GLU C 642 11.89 -50.93 5.24
CA GLU C 642 12.08 -50.80 6.69
C GLU C 642 11.23 -49.71 7.36
N ALA C 643 10.31 -49.11 6.61
CA ALA C 643 9.62 -47.91 7.09
C ALA C 643 8.64 -48.19 8.23
N ARG C 644 8.00 -49.36 8.18
CA ARG C 644 7.05 -49.76 9.21
C ARG C 644 7.76 -49.94 10.54
N ARG C 645 8.83 -50.71 10.54
CA ARG C 645 9.65 -50.83 11.74
C ARG C 645 10.13 -49.49 12.21
N PHE C 646 10.62 -48.67 11.29
CA PHE C 646 11.16 -47.40 11.72
C PHE C 646 10.07 -46.47 12.33
N PHE C 647 8.97 -46.31 11.61
CA PHE C 647 7.87 -45.43 12.04
C PHE C 647 7.13 -45.91 13.29
N PHE C 648 7.04 -47.23 13.46
CA PHE C 648 6.39 -47.75 14.65
C PHE C 648 7.10 -47.29 15.90
N TRP C 649 8.42 -47.45 15.92
CA TRP C 649 9.16 -47.02 17.10
C TRP C 649 9.31 -45.49 17.22
N ARG C 650 9.41 -44.81 16.08
CA ARG C 650 9.48 -43.33 16.12
C ARG C 650 8.21 -42.76 16.75
N LEU C 651 7.06 -43.24 16.28
CA LEU C 651 5.75 -42.81 16.78
C LEU C 651 5.54 -43.24 18.24
N ARG C 652 5.87 -44.48 18.56
CA ARG C 652 5.77 -44.93 19.94
C ARG C 652 6.67 -44.10 20.85
N ARG C 653 7.88 -43.85 20.42
CA ARG C 653 8.77 -42.99 21.20
C ARG C 653 8.18 -41.57 21.35
N ARG C 654 7.66 -41.04 20.26
CA ARG C 654 7.05 -39.69 20.30
C ARG C 654 5.83 -39.60 21.21
N LEU C 655 4.99 -40.64 21.19
CA LEU C 655 3.82 -40.64 22.02
C LEU C 655 4.24 -40.60 23.48
N ASN C 656 5.32 -41.30 23.83
CA ASN C 656 5.82 -41.34 25.20
C ASN C 656 6.43 -40.03 25.62
N GLU C 657 7.28 -39.44 24.78
CA GLU C 657 7.87 -38.16 25.13
C GLU C 657 6.83 -37.02 25.17
N GLU C 658 5.84 -37.07 24.26
CA GLU C 658 4.75 -36.08 24.27
C GLU C 658 4.01 -36.14 25.60
N TYR C 659 3.73 -37.36 26.05
CA TYR C 659 3.09 -37.54 27.34
C TYR C 659 3.89 -36.89 28.47
N LEU C 660 5.21 -37.07 28.47
CA LEU C 660 6.01 -36.48 29.52
C LEU C 660 6.04 -34.96 29.42
N ILE C 661 6.06 -34.43 28.20
CA ILE C 661 6.05 -32.98 28.02
C ILE C 661 4.77 -32.33 28.59
N LYS C 662 3.63 -32.97 28.35
CA LYS C 662 2.34 -32.51 28.84
C LYS C 662 2.28 -32.54 30.38
N ARG C 663 2.77 -33.63 31.00
CA ARG C 663 2.89 -33.67 32.46
C ARG C 663 3.72 -32.51 32.98
N LEU C 664 4.77 -32.16 32.27
CA LEU C 664 5.64 -31.12 32.74
C LEU C 664 4.97 -29.75 32.56
N SER C 665 4.24 -29.59 31.46
CA SER C 665 3.46 -28.39 31.21
C SER C 665 2.51 -28.11 32.37
N HIS C 666 1.76 -29.14 32.78
CA HIS C 666 0.76 -29.05 33.84
C HIS C 666 1.35 -28.49 35.12
N GLN C 667 1.26 -27.17 35.23
CA GLN C 667 1.98 -26.43 36.25
C GLN C 667 1.59 -24.95 36.23
N VAL C 668 1.71 -24.33 37.40
CA VAL C 668 1.93 -22.89 37.51
C VAL C 668 3.42 -22.63 37.20
N GLY C 669 3.69 -21.75 36.23
CA GLY C 669 5.05 -21.47 35.75
C GLY C 669 5.37 -22.24 34.49
N GLU C 670 5.59 -21.51 33.39
CA GLU C 670 5.76 -22.14 32.08
C GLU C 670 7.11 -21.89 31.42
N ALA C 671 7.43 -22.77 30.47
CA ALA C 671 8.75 -22.83 29.85
C ALA C 671 8.57 -23.18 28.39
N SER C 672 9.62 -23.02 27.59
CA SER C 672 9.51 -23.37 26.19
C SER C 672 9.49 -24.89 26.01
N ARG C 673 9.01 -25.33 24.85
CA ARG C 673 9.02 -26.71 24.50
C ARG C 673 10.46 -27.25 24.58
N LEU C 674 11.41 -26.48 24.06
CA LEU C 674 12.83 -26.86 24.11
C LEU C 674 13.32 -27.18 25.52
N GLU C 675 12.89 -26.37 26.47
CA GLU C 675 13.36 -26.46 27.84
C GLU C 675 12.72 -27.65 28.50
N LYS C 676 11.49 -27.94 28.07
CA LYS C 676 10.72 -29.04 28.61
C LYS C 676 11.33 -30.40 28.23
N ILE C 677 11.62 -30.62 26.95
CA ILE C 677 12.27 -31.86 26.52
C ILE C 677 13.65 -32.02 27.08
N ALA C 678 14.42 -30.93 27.13
CA ALA C 678 15.74 -30.97 27.70
C ALA C 678 15.66 -31.49 29.13
N ARG C 679 14.68 -31.02 29.89
CA ARG C 679 14.59 -31.45 31.26
C ARG C 679 14.25 -32.94 31.36
N ILE C 680 13.28 -33.35 30.56
CA ILE C 680 12.81 -34.71 30.56
C ILE C 680 13.96 -35.63 30.13
N ARG C 681 14.69 -35.24 29.09
CA ARG C 681 15.75 -36.06 28.54
C ARG C 681 16.95 -36.15 29.49
N SER C 682 17.11 -35.15 30.35
CA SER C 682 18.12 -35.18 31.39
C SER C 682 17.75 -36.20 32.48
N TRP C 683 16.53 -36.75 32.46
CA TRP C 683 16.12 -37.76 33.43
C TRP C 683 16.47 -39.20 32.95
N TYR C 684 16.77 -39.33 31.67
CA TYR C 684 17.15 -40.61 31.10
C TYR C 684 18.50 -41.03 31.65
N PRO C 685 18.73 -42.36 31.80
CA PRO C 685 20.09 -42.77 32.20
C PRO C 685 21.07 -42.20 31.22
N ALA C 686 22.23 -41.80 31.74
CA ALA C 686 23.33 -41.25 30.96
C ALA C 686 23.73 -42.12 29.79
N SER C 687 23.53 -43.44 29.85
CA SER C 687 24.03 -44.26 28.76
C SER C 687 22.96 -44.56 27.71
N VAL C 688 21.73 -44.09 27.97
CA VAL C 688 20.69 -44.17 26.95
C VAL C 688 21.03 -43.18 25.79
N ASP C 689 20.94 -43.68 24.58
CA ASP C 689 21.12 -42.89 23.38
C ASP C 689 19.79 -42.20 23.00
N HIS C 690 19.73 -40.88 23.14
CA HIS C 690 18.54 -40.07 22.82
C HIS C 690 17.99 -40.28 21.42
N GLU C 691 18.88 -40.64 20.49
CA GLU C 691 18.50 -40.90 19.11
C GLU C 691 17.85 -42.28 18.88
N ASP C 692 17.85 -43.14 19.89
CA ASP C 692 17.38 -44.53 19.67
C ASP C 692 15.92 -44.64 20.13
N ASP C 693 15.02 -44.73 19.16
CA ASP C 693 13.58 -44.63 19.43
C ASP C 693 13.08 -45.75 20.31
N ARG C 694 13.52 -46.96 20.00
CA ARG C 694 13.05 -48.14 20.74
C ARG C 694 13.56 -48.13 22.18
N GLN C 695 14.83 -47.74 22.36
CA GLN C 695 15.42 -47.76 23.68
C GLN C 695 14.76 -46.67 24.53
N VAL C 696 14.52 -45.50 23.92
CA VAL C 696 13.88 -44.42 24.67
C VAL C 696 12.48 -44.85 25.09
N ALA C 697 11.72 -45.41 24.16
CA ALA C 697 10.35 -45.80 24.45
C ALA C 697 10.34 -46.91 25.48
N THR C 698 11.26 -47.85 25.32
CA THR C 698 11.35 -48.95 26.28
C THR C 698 11.68 -48.45 27.67
N TRP C 699 12.67 -47.57 27.80
CA TRP C 699 13.03 -47.12 29.14
C TRP C 699 11.90 -46.30 29.80
N ILE C 700 11.26 -45.40 29.04
CA ILE C 700 10.13 -44.62 29.57
C ILE C 700 9.02 -45.54 30.07
N GLU C 701 8.61 -46.50 29.24
CA GLU C 701 7.55 -47.43 29.68
C GLU C 701 7.91 -48.29 30.92
N GLU C 702 9.19 -48.58 31.09
CA GLU C 702 9.66 -49.26 32.30
C GLU C 702 9.62 -48.34 33.49
N ASN C 703 9.61 -47.03 33.23
CA ASN C 703 9.81 -46.05 34.27
C ASN C 703 8.75 -44.97 34.51
N TYR C 704 7.56 -45.17 33.95
CA TYR C 704 6.48 -44.18 34.08
C TYR C 704 6.29 -43.70 35.51
N LYS C 705 6.20 -44.63 36.47
CA LYS C 705 6.00 -44.27 37.89
C LYS C 705 7.22 -43.57 38.46
N THR C 706 8.40 -44.05 38.13
CA THR C 706 9.60 -43.41 38.61
C THR C 706 9.68 -41.96 38.11
N LEU C 707 9.33 -41.76 36.83
CA LEU C 707 9.23 -40.42 36.23
C LEU C 707 8.13 -39.60 36.89
N ASP C 708 6.99 -40.21 37.20
CA ASP C 708 5.97 -39.55 37.99
C ASP C 708 6.49 -39.01 39.32
N ASP C 709 7.26 -39.83 40.05
CA ASP C 709 7.91 -39.38 41.29
C ASP C 709 8.80 -38.18 41.03
N LYS C 710 9.55 -38.24 39.93
CA LYS C 710 10.46 -37.16 39.55
C LYS C 710 9.67 -35.87 39.36
N LEU C 711 8.55 -35.97 38.65
CA LEU C 711 7.64 -34.84 38.43
C LEU C 711 7.12 -34.23 39.72
N LYS C 712 6.65 -35.07 40.65
CA LYS C 712 6.20 -34.61 41.98
C LYS C 712 7.35 -34.05 42.79
N GLY C 713 8.56 -34.58 42.56
CA GLY C 713 9.78 -34.10 43.22
C GLY C 713 10.04 -32.62 42.92
N LEU C 714 9.50 -32.16 41.79
CA LEU C 714 9.61 -30.76 41.36
C LEU C 714 8.42 -29.94 41.83
N LYS C 715 7.20 -30.46 41.67
CA LYS C 715 5.97 -29.75 42.07
C LYS C 715 5.97 -29.36 43.55
N LEU C 716 6.54 -30.22 44.41
CA LEU C 716 6.63 -29.93 45.83
C LEU C 716 7.88 -29.14 46.23
N GLU C 717 8.90 -29.10 45.37
CA GLU C 717 10.03 -28.19 45.64
C GLU C 717 9.67 -26.72 45.32
N SER C 718 8.60 -26.53 44.54
CA SER C 718 8.07 -25.19 44.22
C SER C 718 7.49 -24.45 45.44
CAA B89 D . 36.42 56.47 -29.74
OAB B89 D . 35.23 59.83 -27.62
OAC B89 D . 37.75 55.93 -26.29
CLAD B89 D . 29.64 53.04 -27.49
CAE B89 D . 30.40 54.62 -27.30
CAF B89 D . 31.65 54.73 -26.74
CAG B89 D . 35.69 55.89 -28.54
CAH B89 D . 32.24 55.98 -26.49
CAI B89 D . 42.43 60.79 -25.79
CAJ B89 D . 40.93 61.61 -24.13
CAK B89 D . 41.30 59.98 -26.52
CAL B89 D . 39.90 60.54 -24.50
CAM B89 D . 37.41 60.23 -26.55
CAN B89 D . 38.74 58.15 -25.88
NAO B89 D . 34.35 56.97 -26.79
OAP B89 D . 42.20 60.97 -24.36
OAQ B89 D . 33.46 56.05 -27.25
CAR B89 D . 36.31 59.32 -27.10
CAS B89 D . 37.62 57.29 -26.42
CAT B89 D . 35.49 56.95 -27.43
CAU B89 D . 36.46 57.82 -26.98
CAV B89 D . 39.89 60.42 -26.03
CAW B89 D . 38.78 59.51 -26.57
CAA B89 E . 8.31 -23.17 -3.54
OAB B89 E . 5.80 -24.08 -6.75
OAC B89 E . 7.61 -19.88 -5.26
CLAD B89 E . 1.97 -22.13 1.02
CAE B89 E . 2.16 -22.61 -0.64
CAF B89 E . 3.07 -21.93 -1.44
CAG B89 E . 7.19 -22.17 -3.38
CAH B89 E . 3.24 -22.26 -2.78
CAI B89 E . 10.48 -20.49 -11.34
CAJ B89 E . 8.19 -19.96 -12.00
CAK B89 E . 10.01 -20.88 -9.90
CAL B89 E . 7.72 -20.14 -10.54
CAM B89 E . 6.83 -22.67 -8.48
CAN B89 E . 7.77 -20.48 -7.65
NAO B89 E . 4.97 -22.21 -4.40
OAP B89 E . 9.56 -19.58 -12.01
OAQ B89 E . 4.65 -22.30 -3.06
CAR B89 E . 6.41 -22.98 -7.04
CAS B89 E . 7.36 -20.82 -6.25
CAT B89 E . 6.27 -22.16 -4.62
CAU B89 E . 6.71 -22.00 -5.91
CAV B89 E . 8.52 -21.29 -9.91
CAW B89 E . 8.04 -21.70 -8.49
CAA B89 F . -35.02 -22.72 11.18
OAB B89 F . -35.42 -22.71 7.09
OAC B89 F . -35.49 -26.59 9.88
CLAD B89 F . -27.52 -23.36 10.99
CAE B89 F . -28.79 -23.15 9.80
CAF B89 F . -29.82 -24.08 9.76
CAG B89 F . -34.37 -24.04 10.82
CAH B89 F . -30.83 -23.98 8.82
CAI B89 F . -41.61 -26.75 6.64
CAJ B89 F . -40.26 -27.06 4.66
CAK B89 F . -40.39 -26.35 7.51
CAL B89 F . -38.96 -26.72 5.44
CAM B89 F . -37.16 -24.31 6.57
CAN B89 F . -37.23 -26.41 8.06
NAO B89 F . -33.12 -24.18 8.70
OAP B89 F . -41.22 -27.65 5.57
OAQ B89 F . -32.07 -23.82 9.49
CAR B89 F . -35.96 -23.83 7.38
CAS B89 F . -36.03 -25.86 8.84
CAT B89 F . -34.31 -24.26 9.30
CAU B89 F . -35.41 -24.66 8.54
CAV B89 F . -39.30 -25.74 6.61
CAW B89 F . -38.05 -25.27 7.40
#